data_7K4G
#
_entry.id   7K4G
#
_cell.length_a   53.140
_cell.length_b   280.600
_cell.length_c   67.090
_cell.angle_alpha   90.000
_cell.angle_beta   90.020
_cell.angle_gamma   90.000
#
_symmetry.space_group_name_H-M   'P 1 21 1'
#
loop_
_entity.id
_entity.type
_entity.pdbx_description
1 polymer Arginase-1
2 non-polymer 'MANGANESE (II) ION'
3 non-polymer 3-[(2~{S},3~{R})-2-carboxypyrrolidin-3-yl]propyl-$l^{3}-oxidanyl-bis(oxidanyl)boranuide
4 water water
#
_entity_poly.entity_id   1
_entity_poly.type   'polypeptide(L)'
_entity_poly.pdbx_seq_one_letter_code
;MSAKSRTIGIIGAPFSKGQPRGGVEEGPTVLRKAGLLEKLKEQECDVKDYGDLPFADIPNDSPFQIVKNPRSVGKASEQL
AGKVAEVKKNGRISLVLGGDHSLAIGSISGHARVHPDLGVIWVDAHTDINTPLTTTSGNLHGQPVSFLLKELKGKIPDVP
GFSWVTPCISAKDIVYIGLRDVDPGEHYILKTLGIKYFSMTEVDRLGIGKVMEETLSYLLGRKKRPIHLSFDVDGLDPSF
TPATGTPVVGGLTYREGLYITEEIYKTGLLSGLDIMEVNPSLGKTPEEVTRTVNTAVAITLACFGLAREGNHKPIDYLNP
PK
;
_entity_poly.pdbx_strand_id   A,B,C,D,E,F
#
loop_
_chem_comp.id
_chem_comp.type
_chem_comp.name
_chem_comp.formula
MN non-polymer 'MANGANESE (II) ION' 'Mn 2'
VUV non-polymer 3-[(2~{S},3~{R})-2-carboxypyrrolidin-3-yl]propyl-$l^{3}-oxidanyl-bis(oxidanyl)boranuide 'C8 H17 B N O5 -1'
#
# COMPACT_ATOMS: atom_id res chain seq x y z
N ALA A 3 -45.03 13.34 -14.35
CA ALA A 3 -44.01 12.67 -13.55
C ALA A 3 -42.90 13.65 -13.16
N LYS A 4 -42.28 13.43 -11.96
CA LYS A 4 -41.20 14.28 -11.43
C LYS A 4 -39.95 14.28 -12.33
N SER A 5 -39.67 13.13 -13.00
CA SER A 5 -38.52 12.99 -13.92
C SER A 5 -38.75 13.72 -15.27
N ARG A 6 -40.01 14.18 -15.53
CA ARG A 6 -40.37 14.90 -16.77
C ARG A 6 -40.89 16.35 -16.49
N THR A 7 -40.74 16.85 -15.23
CA THR A 7 -41.15 18.22 -14.86
C THR A 7 -39.93 19.14 -14.95
N ILE A 8 -39.91 20.03 -15.99
CA ILE A 8 -38.74 20.88 -16.29
C ILE A 8 -38.99 22.38 -16.12
N GLY A 9 -37.93 23.09 -15.71
CA GLY A 9 -37.90 24.55 -15.57
C GLY A 9 -36.79 25.13 -16.44
N ILE A 10 -37.16 25.60 -17.65
CA ILE A 10 -36.21 26.14 -18.66
C ILE A 10 -35.59 27.45 -18.22
N ILE A 11 -34.24 27.52 -18.22
CA ILE A 11 -33.49 28.74 -17.90
C ILE A 11 -32.52 29.03 -19.04
N GLY A 12 -32.69 30.19 -19.66
CA GLY A 12 -31.79 30.66 -20.72
C GLY A 12 -30.65 31.45 -20.14
N ALA A 13 -29.41 31.09 -20.49
CA ALA A 13 -28.23 31.79 -19.99
C ALA A 13 -27.35 32.35 -21.14
N PRO A 14 -27.78 33.48 -21.81
CA PRO A 14 -26.98 34.04 -22.91
C PRO A 14 -25.72 34.79 -22.39
N PHE A 15 -24.68 34.01 -22.00
CA PHE A 15 -23.43 34.55 -21.45
C PHE A 15 -22.19 34.00 -22.17
N SER A 16 -21.19 34.89 -22.44
CA SER A 16 -19.97 34.51 -23.17
C SER A 16 -18.65 35.00 -22.55
N LYS A 17 -18.71 35.92 -21.56
CA LYS A 17 -17.50 36.53 -20.95
C LYS A 17 -16.62 35.54 -20.09
N GLY A 18 -16.97 34.24 -20.09
CA GLY A 18 -16.20 33.20 -19.41
C GLY A 18 -15.08 32.66 -20.30
N GLN A 19 -15.15 32.99 -21.62
CA GLN A 19 -14.18 32.58 -22.66
C GLN A 19 -14.00 33.72 -23.75
N PRO A 20 -12.94 33.67 -24.62
CA PRO A 20 -12.75 34.78 -25.59
C PRO A 20 -13.53 34.68 -26.91
N ARG A 21 -14.06 33.49 -27.27
CA ARG A 21 -14.77 33.30 -28.55
C ARG A 21 -16.25 33.73 -28.51
N GLY A 22 -16.57 34.82 -29.21
CA GLY A 22 -17.93 35.36 -29.29
C GLY A 22 -18.87 34.46 -30.06
N GLY A 23 -20.13 34.41 -29.64
CA GLY A 23 -21.16 33.61 -30.29
C GLY A 23 -21.83 32.58 -29.39
N VAL A 24 -21.13 32.15 -28.30
CA VAL A 24 -21.67 31.14 -27.36
C VAL A 24 -22.92 31.70 -26.57
N GLU A 25 -23.08 33.06 -26.55
CA GLU A 25 -24.23 33.72 -25.93
C GLU A 25 -25.52 33.50 -26.78
N GLU A 26 -25.34 33.10 -28.06
CA GLU A 26 -26.45 32.81 -28.98
C GLU A 26 -26.88 31.31 -28.88
N GLY A 27 -26.23 30.57 -27.97
CA GLY A 27 -26.51 29.16 -27.68
C GLY A 27 -27.96 28.86 -27.32
N PRO A 28 -28.59 29.61 -26.31
CA PRO A 28 -30.00 29.34 -25.99
C PRO A 28 -30.96 29.73 -27.12
N THR A 29 -30.57 30.77 -27.93
CA THR A 29 -31.37 31.27 -29.07
C THR A 29 -31.56 30.18 -30.16
N VAL A 30 -30.45 29.53 -30.59
CA VAL A 30 -30.51 28.50 -31.64
C VAL A 30 -31.11 27.17 -31.09
N LEU A 31 -30.93 26.89 -29.76
CA LEU A 31 -31.52 25.71 -29.11
C LEU A 31 -33.06 25.85 -29.07
N ARG A 32 -33.57 27.09 -28.81
CA ARG A 32 -35.00 27.40 -28.80
C ARG A 32 -35.56 27.35 -30.23
N LYS A 33 -34.77 27.86 -31.23
CA LYS A 33 -35.14 27.89 -32.67
C LYS A 33 -35.31 26.47 -33.24
N ALA A 34 -34.54 25.49 -32.69
CA ALA A 34 -34.62 24.08 -33.10
C ALA A 34 -35.91 23.40 -32.57
N GLY A 35 -36.66 24.11 -31.71
CA GLY A 35 -37.91 23.63 -31.13
C GLY A 35 -37.73 22.67 -29.98
N LEU A 36 -36.74 22.96 -29.08
CA LEU A 36 -36.42 22.13 -27.91
C LEU A 36 -37.60 22.02 -26.95
N LEU A 37 -38.19 23.18 -26.54
CA LEU A 37 -39.33 23.24 -25.62
C LEU A 37 -40.56 22.52 -26.19
N GLU A 38 -40.81 22.70 -27.51
CA GLU A 38 -41.92 22.07 -28.23
C GLU A 38 -41.73 20.55 -28.29
N LYS A 39 -40.47 20.08 -28.58
CA LYS A 39 -40.13 18.64 -28.62
C LYS A 39 -40.29 17.98 -27.24
N LEU A 40 -39.96 18.73 -26.15
CA LEU A 40 -40.12 18.25 -24.77
C LEU A 40 -41.60 18.09 -24.40
N LYS A 41 -42.46 19.09 -24.81
CA LYS A 41 -43.92 19.05 -24.54
C LYS A 41 -44.59 17.86 -25.25
N GLU A 42 -44.10 17.50 -26.47
CA GLU A 42 -44.60 16.35 -27.27
C GLU A 42 -44.17 15.01 -26.61
N GLN A 43 -43.12 15.06 -25.75
CA GLN A 43 -42.55 13.92 -25.02
C GLN A 43 -43.24 13.74 -23.63
N GLU A 44 -44.46 14.35 -23.45
CA GLU A 44 -45.28 14.31 -22.21
C GLU A 44 -44.53 14.95 -20.99
N CYS A 45 -43.80 16.08 -21.25
CA CYS A 45 -43.07 16.81 -20.22
C CYS A 45 -43.83 18.05 -19.75
N ASP A 46 -43.81 18.33 -18.42
CA ASP A 46 -44.41 19.53 -17.85
C ASP A 46 -43.34 20.63 -17.95
N VAL A 47 -43.45 21.50 -18.97
CA VAL A 47 -42.45 22.51 -19.29
C VAL A 47 -42.87 23.94 -18.86
N LYS A 48 -42.03 24.58 -18.01
CA LYS A 48 -42.20 25.96 -17.56
C LYS A 48 -40.97 26.77 -18.01
N ASP A 49 -41.19 27.82 -18.82
CA ASP A 49 -40.10 28.65 -19.35
C ASP A 49 -39.85 29.87 -18.44
N TYR A 50 -38.72 29.87 -17.71
CA TYR A 50 -38.35 30.99 -16.82
C TYR A 50 -37.68 32.14 -17.61
N GLY A 51 -37.56 31.95 -18.93
CA GLY A 51 -37.01 32.94 -19.85
C GLY A 51 -35.50 32.98 -19.89
N ASP A 52 -34.94 33.91 -20.70
CA ASP A 52 -33.50 34.12 -20.83
C ASP A 52 -33.07 35.18 -19.82
N LEU A 53 -32.07 34.86 -18.97
CA LEU A 53 -31.59 35.77 -17.93
C LEU A 53 -30.91 37.00 -18.53
N PRO A 54 -31.29 38.23 -18.08
CA PRO A 54 -30.64 39.43 -18.61
C PRO A 54 -29.30 39.68 -17.91
N PHE A 55 -28.20 39.65 -18.67
CA PHE A 55 -26.86 39.87 -18.13
C PHE A 55 -26.39 41.27 -18.50
N ALA A 56 -26.62 42.24 -17.57
CA ALA A 56 -26.23 43.64 -17.77
C ALA A 56 -24.72 43.80 -17.88
N ASP A 57 -24.25 44.53 -18.91
CA ASP A 57 -22.83 44.77 -19.17
C ASP A 57 -22.21 45.65 -18.09
N ILE A 58 -21.25 45.08 -17.32
CA ILE A 58 -20.57 45.80 -16.24
C ILE A 58 -19.37 46.62 -16.82
N PRO A 59 -19.44 48.00 -16.74
CA PRO A 59 -18.33 48.81 -17.28
C PRO A 59 -17.09 48.76 -16.39
N ASN A 60 -15.89 48.88 -17.02
CA ASN A 60 -14.57 48.87 -16.34
C ASN A 60 -14.32 47.56 -15.53
N ASP A 61 -14.73 46.40 -16.09
CA ASP A 61 -14.52 45.10 -15.46
C ASP A 61 -13.05 44.67 -15.65
N SER A 62 -12.14 45.27 -14.84
CA SER A 62 -10.69 45.02 -14.89
C SER A 62 -10.38 43.54 -14.60
N PRO A 63 -9.39 42.94 -15.31
CA PRO A 63 -9.09 41.52 -15.04
C PRO A 63 -8.32 41.31 -13.73
N PHE A 64 -8.72 40.26 -12.96
CA PHE A 64 -8.03 39.89 -11.73
C PHE A 64 -6.76 39.14 -12.15
N GLN A 65 -5.58 39.83 -12.07
CA GLN A 65 -4.28 39.31 -12.55
C GLN A 65 -4.37 39.02 -14.08
N ILE A 66 -4.53 37.73 -14.48
CA ILE A 66 -4.71 37.32 -15.88
C ILE A 66 -6.17 36.84 -16.15
N VAL A 67 -6.93 36.57 -15.05
CA VAL A 67 -8.32 36.09 -15.10
C VAL A 67 -9.26 37.18 -15.69
N LYS A 68 -9.78 36.94 -16.94
CA LYS A 68 -10.62 37.88 -17.69
C LYS A 68 -12.06 37.98 -17.18
N ASN A 69 -12.64 39.21 -17.24
CA ASN A 69 -14.03 39.56 -16.86
C ASN A 69 -14.51 38.87 -15.51
N PRO A 70 -13.82 39.10 -14.35
CA PRO A 70 -14.25 38.42 -13.10
C PRO A 70 -15.63 38.85 -12.57
N ARG A 71 -15.93 40.18 -12.64
CA ARG A 71 -17.21 40.71 -12.14
C ARG A 71 -18.41 40.29 -12.98
N SER A 72 -18.23 40.19 -14.34
CA SER A 72 -19.30 39.77 -15.26
C SER A 72 -19.64 38.29 -15.04
N VAL A 73 -18.60 37.41 -14.98
CA VAL A 73 -18.76 35.96 -14.76
C VAL A 73 -19.38 35.67 -13.37
N GLY A 74 -18.89 36.37 -12.35
CA GLY A 74 -19.36 36.24 -10.97
C GLY A 74 -20.81 36.63 -10.80
N LYS A 75 -21.23 37.77 -11.43
CA LYS A 75 -22.62 38.26 -11.37
C LYS A 75 -23.57 37.34 -12.15
N ALA A 76 -23.12 36.85 -13.35
CA ALA A 76 -23.91 35.93 -14.20
C ALA A 76 -24.23 34.63 -13.46
N SER A 77 -23.23 34.08 -12.73
CA SER A 77 -23.41 32.87 -11.92
C SER A 77 -24.28 33.17 -10.69
N GLU A 78 -24.12 34.39 -10.09
CA GLU A 78 -24.91 34.82 -8.91
C GLU A 78 -26.40 34.91 -9.27
N GLN A 79 -26.71 35.47 -10.46
CA GLN A 79 -28.08 35.59 -10.97
C GLN A 79 -28.67 34.23 -11.32
N LEU A 80 -27.81 33.31 -11.88
CA LEU A 80 -28.22 31.95 -12.24
C LEU A 80 -28.49 31.11 -10.99
N ALA A 81 -27.67 31.32 -9.89
CA ALA A 81 -27.83 30.61 -8.62
C ALA A 81 -29.21 30.86 -8.01
N GLY A 82 -29.66 32.12 -8.02
CA GLY A 82 -30.97 32.53 -7.51
C GLY A 82 -32.11 31.96 -8.34
N LYS A 83 -31.91 31.89 -9.68
CA LYS A 83 -32.91 31.36 -10.61
C LYS A 83 -33.03 29.84 -10.52
N VAL A 84 -31.88 29.10 -10.45
CA VAL A 84 -31.85 27.62 -10.34
C VAL A 84 -32.54 27.18 -9.03
N ALA A 85 -32.23 27.89 -7.89
CA ALA A 85 -32.84 27.62 -6.58
C ALA A 85 -34.36 27.84 -6.62
N GLU A 86 -34.81 28.92 -7.36
CA GLU A 86 -36.23 29.25 -7.55
C GLU A 86 -36.97 28.11 -8.30
N VAL A 87 -36.30 27.52 -9.33
CA VAL A 87 -36.84 26.41 -10.12
C VAL A 87 -36.92 25.13 -9.25
N LYS A 88 -35.87 24.90 -8.41
CA LYS A 88 -35.82 23.73 -7.51
C LYS A 88 -36.88 23.78 -6.40
N LYS A 89 -37.23 25.02 -5.91
CA LYS A 89 -38.25 25.22 -4.86
C LYS A 89 -39.66 24.91 -5.41
N ASN A 90 -39.87 25.10 -6.73
CA ASN A 90 -41.14 24.83 -7.42
C ASN A 90 -41.31 23.33 -7.79
N GLY A 91 -40.32 22.51 -7.42
CA GLY A 91 -40.32 21.07 -7.67
C GLY A 91 -40.10 20.71 -9.13
N ARG A 92 -39.20 21.46 -9.81
CA ARG A 92 -38.89 21.24 -11.23
C ARG A 92 -37.40 20.98 -11.43
N ILE A 93 -37.06 20.26 -12.53
CA ILE A 93 -35.67 19.98 -12.90
C ILE A 93 -35.14 21.22 -13.63
N SER A 94 -34.04 21.80 -13.13
CA SER A 94 -33.45 22.98 -13.74
C SER A 94 -32.69 22.62 -15.03
N LEU A 95 -33.09 23.22 -16.16
CA LEU A 95 -32.43 23.03 -17.45
C LEU A 95 -31.82 24.35 -17.89
N VAL A 96 -30.49 24.47 -17.71
CA VAL A 96 -29.74 25.67 -18.04
C VAL A 96 -29.19 25.58 -19.46
N LEU A 97 -29.65 26.49 -20.34
CA LEU A 97 -29.20 26.54 -21.72
C LEU A 97 -28.07 27.55 -21.81
N GLY A 98 -26.87 27.06 -22.08
CA GLY A 98 -25.69 27.90 -22.20
C GLY A 98 -25.46 28.45 -23.60
N GLY A 99 -24.51 29.39 -23.75
CA GLY A 99 -23.68 29.92 -22.66
C GLY A 99 -22.42 29.10 -22.40
N ASP A 100 -21.35 29.76 -21.88
CA ASP A 100 -20.08 29.08 -21.57
C ASP A 100 -20.17 28.32 -20.22
N HIS A 101 -19.27 27.32 -20.02
CA HIS A 101 -19.29 26.42 -18.85
C HIS A 101 -18.97 27.10 -17.47
N SER A 102 -18.60 28.42 -17.44
CA SER A 102 -18.33 29.11 -16.15
C SER A 102 -19.64 29.28 -15.35
N LEU A 103 -20.80 29.27 -16.06
CA LEU A 103 -22.14 29.40 -15.45
C LEU A 103 -22.48 28.21 -14.53
N ALA A 104 -21.71 27.08 -14.65
CA ALA A 104 -21.89 25.89 -13.79
C ALA A 104 -21.68 26.22 -12.30
N ILE A 105 -20.90 27.33 -11.99
CA ILE A 105 -20.69 27.80 -10.61
C ILE A 105 -22.07 28.14 -10.02
N GLY A 106 -22.85 28.95 -10.75
CA GLY A 106 -24.20 29.35 -10.36
C GLY A 106 -25.21 28.23 -10.41
N SER A 107 -25.18 27.40 -11.48
CA SER A 107 -26.12 26.29 -11.65
C SER A 107 -26.01 25.24 -10.53
N ILE A 108 -24.76 24.78 -10.22
CA ILE A 108 -24.53 23.79 -9.15
C ILE A 108 -24.78 24.41 -7.74
N SER A 109 -24.31 25.69 -7.52
CA SER A 109 -24.51 26.39 -6.22
C SER A 109 -25.99 26.58 -5.88
N GLY A 110 -26.78 27.05 -6.86
CA GLY A 110 -28.23 27.25 -6.70
C GLY A 110 -29.00 25.96 -6.46
N HIS A 111 -28.55 24.88 -7.13
CA HIS A 111 -29.14 23.54 -7.00
C HIS A 111 -28.81 22.97 -5.60
N ALA A 112 -27.58 23.24 -5.10
CA ALA A 112 -27.10 22.78 -3.80
C ALA A 112 -27.79 23.49 -2.62
N ARG A 113 -28.34 24.72 -2.85
CA ARG A 113 -29.05 25.50 -1.82
C ARG A 113 -30.37 24.79 -1.41
N VAL A 114 -30.99 24.05 -2.38
CA VAL A 114 -32.24 23.31 -2.15
C VAL A 114 -31.92 21.81 -1.85
N HIS A 115 -30.95 21.21 -2.61
CA HIS A 115 -30.53 19.81 -2.42
C HIS A 115 -28.99 19.75 -2.15
N PRO A 116 -28.54 19.83 -0.85
CA PRO A 116 -27.08 19.80 -0.58
C PRO A 116 -26.40 18.43 -0.76
N ASP A 117 -27.22 17.34 -0.82
CA ASP A 117 -26.72 15.97 -0.98
C ASP A 117 -26.64 15.53 -2.48
N LEU A 118 -26.52 16.51 -3.42
CA LEU A 118 -26.46 16.19 -4.86
C LEU A 118 -25.09 15.67 -5.32
N GLY A 119 -25.11 14.86 -6.37
CA GLY A 119 -23.92 14.30 -7.02
C GLY A 119 -23.78 14.85 -8.42
N VAL A 120 -22.56 15.27 -8.80
CA VAL A 120 -22.30 15.87 -10.11
C VAL A 120 -21.70 14.88 -11.11
N ILE A 121 -22.31 14.78 -12.32
CA ILE A 121 -21.78 14.02 -13.44
C ILE A 121 -21.34 15.08 -14.47
N TRP A 122 -20.02 15.20 -14.67
CA TRP A 122 -19.43 16.21 -15.55
C TRP A 122 -18.96 15.61 -16.88
N VAL A 123 -19.82 15.71 -17.93
CA VAL A 123 -19.48 15.22 -19.27
C VAL A 123 -18.78 16.36 -20.04
N ASP A 124 -17.47 16.21 -20.27
CA ASP A 124 -16.62 17.24 -20.87
C ASP A 124 -15.30 16.64 -21.34
N ALA A 125 -14.66 17.29 -22.34
CA ALA A 125 -13.33 16.89 -22.83
C ALA A 125 -12.26 17.42 -21.85
N HIS A 126 -12.64 18.42 -21.02
CA HIS A 126 -11.76 19.11 -20.07
C HIS A 126 -12.27 18.98 -18.63
N THR A 127 -11.34 19.06 -17.65
CA THR A 127 -11.69 18.97 -16.22
C THR A 127 -12.33 20.25 -15.68
N ASP A 128 -12.00 21.45 -16.30
CA ASP A 128 -12.52 22.79 -15.86
C ASP A 128 -12.27 23.01 -14.35
N ILE A 129 -11.15 22.44 -13.82
CA ILE A 129 -10.79 22.47 -12.41
C ILE A 129 -9.60 23.45 -12.11
N ASN A 130 -9.18 24.25 -13.13
CA ASN A 130 -8.09 25.24 -12.97
C ASN A 130 -8.49 26.29 -11.94
N THR A 131 -7.53 26.73 -11.14
CA THR A 131 -7.78 27.75 -10.12
C THR A 131 -7.39 29.12 -10.73
N PRO A 132 -7.85 30.28 -10.14
CA PRO A 132 -7.44 31.59 -10.70
C PRO A 132 -5.92 31.85 -10.64
N LEU A 133 -5.14 30.90 -10.04
CA LEU A 133 -3.68 30.99 -9.91
C LEU A 133 -2.95 29.98 -10.84
N THR A 134 -3.57 28.79 -11.10
CA THR A 134 -2.98 27.74 -11.97
C THR A 134 -3.32 27.95 -13.46
N THR A 135 -4.36 28.80 -13.77
CA THR A 135 -4.80 29.09 -15.15
C THR A 135 -3.69 29.80 -15.98
N THR A 136 -3.58 29.42 -17.27
CA THR A 136 -2.58 30.00 -18.20
C THR A 136 -3.26 30.89 -19.26
N SER A 137 -4.59 30.75 -19.43
CA SER A 137 -5.37 31.53 -20.39
C SER A 137 -6.16 32.65 -19.69
N GLY A 138 -6.56 32.39 -18.44
CA GLY A 138 -7.35 33.33 -17.64
C GLY A 138 -8.82 33.30 -17.98
N ASN A 139 -9.28 32.24 -18.69
CA ASN A 139 -10.67 32.09 -19.08
C ASN A 139 -11.44 31.30 -18.03
N LEU A 140 -12.40 31.95 -17.35
CA LEU A 140 -13.18 31.37 -16.23
C LEU A 140 -14.04 30.13 -16.61
N HIS A 141 -14.31 29.89 -17.93
CA HIS A 141 -15.09 28.71 -18.38
C HIS A 141 -14.34 27.37 -18.11
N GLY A 142 -13.02 27.46 -17.87
CA GLY A 142 -12.17 26.32 -17.53
C GLY A 142 -11.75 26.35 -16.07
N GLN A 143 -12.54 27.07 -15.22
CA GLN A 143 -12.29 27.23 -13.78
C GLN A 143 -13.55 26.93 -12.84
N PRO A 144 -14.76 26.51 -13.38
CA PRO A 144 -15.94 26.36 -12.50
C PRO A 144 -15.83 25.34 -11.36
N VAL A 145 -15.21 24.16 -11.61
CA VAL A 145 -15.11 23.09 -10.59
C VAL A 145 -14.26 23.53 -9.36
N SER A 146 -13.19 24.35 -9.59
CA SER A 146 -12.31 24.84 -8.50
C SER A 146 -13.06 25.72 -7.47
N PHE A 147 -14.00 26.57 -7.96
CA PHE A 147 -14.81 27.46 -7.10
C PHE A 147 -15.86 26.67 -6.30
N LEU A 148 -16.31 25.51 -6.82
CA LEU A 148 -17.36 24.69 -6.21
C LEU A 148 -16.88 23.67 -5.15
N LEU A 149 -15.63 23.15 -5.31
CA LEU A 149 -15.10 22.11 -4.41
C LEU A 149 -14.77 22.60 -3.00
N LYS A 150 -15.18 21.80 -1.99
CA LYS A 150 -14.95 22.09 -0.56
C LYS A 150 -13.48 21.91 -0.17
N GLU A 151 -12.79 20.89 -0.78
CA GLU A 151 -11.37 20.59 -0.50
C GLU A 151 -10.42 21.69 -1.02
N LEU A 152 -10.86 22.49 -2.02
CA LEU A 152 -10.05 23.56 -2.59
C LEU A 152 -10.28 24.94 -1.89
N LYS A 153 -11.05 24.95 -0.76
CA LYS A 153 -11.29 26.17 0.03
C LYS A 153 -9.97 26.57 0.71
N GLY A 154 -9.54 27.81 0.47
CA GLY A 154 -8.28 28.33 0.96
C GLY A 154 -7.24 28.43 -0.14
N LYS A 155 -7.42 27.62 -1.22
CA LYS A 155 -6.53 27.62 -2.39
C LYS A 155 -7.03 28.62 -3.45
N ILE A 156 -8.31 29.03 -3.36
CA ILE A 156 -8.92 29.99 -4.30
C ILE A 156 -8.76 31.42 -3.70
N PRO A 157 -8.13 32.37 -4.46
CA PRO A 157 -7.98 33.75 -3.92
C PRO A 157 -9.31 34.52 -3.91
N ASP A 158 -9.34 35.69 -3.25
CA ASP A 158 -10.53 36.55 -3.18
C ASP A 158 -10.74 37.27 -4.53
N VAL A 159 -11.40 36.56 -5.49
CA VAL A 159 -11.67 37.09 -6.84
C VAL A 159 -12.93 37.98 -6.81
N PRO A 160 -12.87 39.25 -7.37
CA PRO A 160 -14.07 40.13 -7.33
C PRO A 160 -15.27 39.52 -8.06
N GLY A 161 -16.44 39.62 -7.42
CA GLY A 161 -17.69 39.08 -7.96
C GLY A 161 -17.99 37.65 -7.53
N PHE A 162 -17.04 37.00 -6.79
CA PHE A 162 -17.19 35.61 -6.34
C PHE A 162 -17.27 35.43 -4.79
N SER A 163 -17.48 36.56 -4.05
CA SER A 163 -17.59 36.52 -2.56
C SER A 163 -18.86 35.76 -2.08
N TRP A 164 -19.91 35.71 -2.93
CA TRP A 164 -21.18 35.01 -2.63
C TRP A 164 -21.01 33.47 -2.68
N VAL A 165 -20.00 32.96 -3.45
CA VAL A 165 -19.73 31.52 -3.64
C VAL A 165 -19.35 30.81 -2.34
N THR A 166 -20.14 29.78 -1.96
CA THR A 166 -19.90 28.93 -0.81
C THR A 166 -19.59 27.51 -1.36
N PRO A 167 -18.37 26.93 -1.08
CA PRO A 167 -18.07 25.56 -1.60
C PRO A 167 -19.15 24.57 -1.17
N CYS A 168 -19.87 23.99 -2.15
CA CYS A 168 -21.02 23.13 -1.89
C CYS A 168 -20.80 21.64 -2.21
N ILE A 169 -19.84 21.30 -3.09
CA ILE A 169 -19.58 19.89 -3.44
C ILE A 169 -18.22 19.40 -2.94
N SER A 170 -18.15 18.12 -2.52
CA SER A 170 -16.91 17.50 -2.07
C SER A 170 -16.27 16.72 -3.22
N ALA A 171 -14.95 16.39 -3.10
CA ALA A 171 -14.17 15.65 -4.13
C ALA A 171 -14.80 14.29 -4.49
N LYS A 172 -15.46 13.61 -3.50
CA LYS A 172 -16.11 12.31 -3.69
C LYS A 172 -17.51 12.41 -4.37
N ASP A 173 -18.07 13.64 -4.48
CA ASP A 173 -19.41 13.86 -5.04
C ASP A 173 -19.43 14.21 -6.55
N ILE A 174 -18.26 14.20 -7.22
CA ILE A 174 -18.18 14.53 -8.66
C ILE A 174 -17.48 13.40 -9.50
N VAL A 175 -18.07 13.08 -10.68
CA VAL A 175 -17.54 12.07 -11.62
C VAL A 175 -17.38 12.71 -13.02
N TYR A 176 -16.16 12.62 -13.60
CA TYR A 176 -15.88 13.14 -14.95
C TYR A 176 -16.05 12.04 -15.98
N ILE A 177 -16.61 12.39 -17.16
CA ILE A 177 -16.76 11.44 -18.28
C ILE A 177 -16.33 12.10 -19.61
N GLY A 178 -15.33 11.50 -20.27
CA GLY A 178 -14.86 11.94 -21.59
C GLY A 178 -13.63 12.84 -21.63
N LEU A 179 -12.76 12.78 -20.59
CA LEU A 179 -11.55 13.63 -20.53
C LEU A 179 -10.49 13.24 -21.57
N ARG A 180 -9.86 14.26 -22.23
CA ARG A 180 -8.81 14.04 -23.24
C ARG A 180 -7.88 15.27 -23.45
N ASP A 181 -8.17 16.39 -22.74
CA ASP A 181 -7.38 17.63 -22.82
C ASP A 181 -7.31 18.28 -21.44
N VAL A 182 -6.48 17.70 -20.55
CA VAL A 182 -6.33 18.15 -19.17
C VAL A 182 -4.96 18.83 -18.95
N ASP A 183 -4.98 20.09 -18.45
CA ASP A 183 -3.76 20.88 -18.19
C ASP A 183 -2.91 20.26 -17.05
N PRO A 184 -1.55 20.50 -17.00
CA PRO A 184 -0.72 19.90 -15.92
C PRO A 184 -1.21 20.24 -14.52
N GLY A 185 -1.54 21.52 -14.28
CA GLY A 185 -2.08 21.98 -13.00
C GLY A 185 -3.40 21.33 -12.66
N GLU A 186 -4.27 21.14 -13.69
CA GLU A 186 -5.57 20.49 -13.55
C GLU A 186 -5.42 19.00 -13.20
N HIS A 187 -4.48 18.28 -13.90
CA HIS A 187 -4.21 16.85 -13.65
C HIS A 187 -3.64 16.63 -12.24
N TYR A 188 -2.86 17.63 -11.71
CA TYR A 188 -2.30 17.58 -10.37
C TYR A 188 -3.45 17.61 -9.33
N ILE A 189 -4.43 18.53 -9.52
CA ILE A 189 -5.62 18.69 -8.65
C ILE A 189 -6.50 17.42 -8.72
N LEU A 190 -6.73 16.89 -9.96
CA LEU A 190 -7.54 15.69 -10.21
C LEU A 190 -7.01 14.44 -9.45
N LYS A 191 -5.67 14.25 -9.46
CA LYS A 191 -5.03 13.10 -8.79
C LYS A 191 -4.88 13.26 -7.26
N THR A 192 -4.52 14.50 -6.79
CA THR A 192 -4.33 14.77 -5.35
C THR A 192 -5.65 14.80 -4.56
N LEU A 193 -6.79 15.11 -5.24
CA LEU A 193 -8.10 15.15 -4.57
C LEU A 193 -8.82 13.78 -4.61
N GLY A 194 -8.28 12.86 -5.42
CA GLY A 194 -8.82 11.51 -5.57
C GLY A 194 -10.19 11.46 -6.21
N ILE A 195 -10.47 12.42 -7.12
CA ILE A 195 -11.75 12.52 -7.83
C ILE A 195 -11.92 11.38 -8.84
N LYS A 196 -13.11 10.74 -8.86
CA LYS A 196 -13.45 9.66 -9.77
C LYS A 196 -13.58 10.24 -11.20
N TYR A 197 -12.89 9.62 -12.17
CA TYR A 197 -12.94 10.07 -13.56
C TYR A 197 -12.90 8.94 -14.55
N PHE A 198 -13.58 9.12 -15.67
CA PHE A 198 -13.61 8.18 -16.76
C PHE A 198 -13.18 8.92 -18.03
N SER A 199 -11.84 9.11 -18.18
CA SER A 199 -11.24 9.77 -19.36
C SER A 199 -11.48 8.89 -20.60
N MET A 200 -11.22 9.43 -21.82
CA MET A 200 -11.41 8.67 -23.07
C MET A 200 -10.67 7.31 -23.02
N THR A 201 -9.53 7.25 -22.27
CA THR A 201 -8.74 6.05 -22.04
C THR A 201 -9.60 4.98 -21.32
N GLU A 202 -10.33 5.39 -20.21
CA GLU A 202 -11.21 4.52 -19.44
C GLU A 202 -12.44 4.10 -20.26
N VAL A 203 -13.00 5.04 -21.10
CA VAL A 203 -14.15 4.77 -21.98
C VAL A 203 -13.77 3.67 -23.02
N ASP A 204 -12.53 3.75 -23.58
CA ASP A 204 -12.03 2.73 -24.55
C ASP A 204 -11.77 1.39 -23.84
N ARG A 205 -11.27 1.46 -22.58
CA ARG A 205 -10.92 0.30 -21.75
C ARG A 205 -12.14 -0.54 -21.33
N LEU A 206 -13.14 0.12 -20.73
CA LEU A 206 -14.31 -0.55 -20.15
C LEU A 206 -15.54 -0.59 -21.04
N GLY A 207 -15.74 0.46 -21.83
CA GLY A 207 -16.93 0.60 -22.65
C GLY A 207 -17.95 1.47 -21.95
N ILE A 208 -18.75 2.26 -22.71
CA ILE A 208 -19.74 3.20 -22.15
C ILE A 208 -20.77 2.50 -21.18
N GLY A 209 -21.02 1.19 -21.39
CA GLY A 209 -21.92 0.40 -20.56
C GLY A 209 -21.41 0.26 -19.14
N LYS A 210 -20.11 -0.15 -19.00
CA LYS A 210 -19.44 -0.31 -17.70
C LYS A 210 -19.17 1.06 -17.04
N VAL A 211 -18.89 2.11 -17.87
CA VAL A 211 -18.63 3.48 -17.41
C VAL A 211 -19.86 4.02 -16.65
N MET A 212 -21.07 3.89 -17.26
CA MET A 212 -22.33 4.35 -16.65
C MET A 212 -22.73 3.52 -15.43
N GLU A 213 -22.48 2.19 -15.47
CA GLU A 213 -22.79 1.28 -14.34
C GLU A 213 -21.95 1.66 -13.10
N GLU A 214 -20.63 1.92 -13.30
CA GLU A 214 -19.71 2.30 -12.23
C GLU A 214 -19.96 3.73 -11.73
N THR A 215 -20.28 4.67 -12.67
CA THR A 215 -20.58 6.08 -12.34
C THR A 215 -21.79 6.18 -11.39
N LEU A 216 -22.89 5.50 -11.74
CA LEU A 216 -24.13 5.52 -10.93
C LEU A 216 -24.00 4.71 -9.63
N SER A 217 -23.20 3.60 -9.64
CA SER A 217 -22.98 2.78 -8.43
C SER A 217 -22.10 3.54 -7.42
N TYR A 218 -21.16 4.36 -7.92
CA TYR A 218 -20.25 5.16 -7.09
C TYR A 218 -20.99 6.34 -6.42
N LEU A 219 -21.94 6.97 -7.15
CA LEU A 219 -22.69 8.13 -6.65
C LEU A 219 -23.96 7.76 -5.86
N LEU A 220 -24.64 6.64 -6.24
CA LEU A 220 -25.91 6.25 -5.60
C LEU A 220 -25.82 5.03 -4.65
N GLY A 221 -24.70 4.28 -4.72
CA GLY A 221 -24.43 3.06 -3.95
C GLY A 221 -25.03 2.97 -2.55
N ARG A 222 -24.81 4.03 -1.72
CA ARG A 222 -25.32 4.08 -0.33
C ARG A 222 -26.86 4.13 -0.32
N LYS A 223 -27.45 5.17 -0.97
CA LYS A 223 -28.91 5.38 -1.09
C LYS A 223 -29.22 6.39 -2.21
N LYS A 224 -30.51 6.49 -2.64
CA LYS A 224 -30.94 7.41 -3.70
C LYS A 224 -30.64 8.88 -3.33
N ARG A 225 -30.02 9.63 -4.25
CA ARG A 225 -29.66 11.05 -4.06
C ARG A 225 -29.77 11.86 -5.38
N PRO A 226 -30.06 13.22 -5.32
CA PRO A 226 -30.22 14.00 -6.57
C PRO A 226 -28.96 14.02 -7.46
N ILE A 227 -29.16 14.03 -8.80
CA ILE A 227 -28.06 14.04 -9.77
C ILE A 227 -28.04 15.34 -10.59
N HIS A 228 -26.86 16.00 -10.67
CA HIS A 228 -26.67 17.20 -11.48
C HIS A 228 -25.77 16.83 -12.67
N LEU A 229 -26.33 16.86 -13.88
CA LEU A 229 -25.57 16.55 -15.09
C LEU A 229 -25.12 17.82 -15.80
N SER A 230 -23.81 18.14 -15.71
CA SER A 230 -23.24 19.30 -16.39
C SER A 230 -22.61 18.83 -17.70
N PHE A 231 -23.37 18.97 -18.81
CA PHE A 231 -22.97 18.49 -20.13
C PHE A 231 -22.37 19.57 -21.01
N ASP A 232 -21.07 19.47 -21.27
CA ASP A 232 -20.35 20.34 -22.19
C ASP A 232 -20.37 19.62 -23.53
N VAL A 233 -20.91 20.29 -24.59
CA VAL A 233 -21.03 19.67 -25.94
C VAL A 233 -19.66 19.26 -26.54
N ASP A 234 -18.54 19.90 -26.07
CA ASP A 234 -17.19 19.54 -26.53
C ASP A 234 -16.74 18.17 -25.97
N GLY A 235 -17.54 17.57 -25.05
CA GLY A 235 -17.30 16.25 -24.49
C GLY A 235 -17.48 15.18 -25.56
N LEU A 236 -18.36 15.49 -26.55
CA LEU A 236 -18.60 14.64 -27.71
C LEU A 236 -17.57 15.01 -28.79
N ASP A 237 -17.27 14.07 -29.70
CA ASP A 237 -16.30 14.27 -30.79
C ASP A 237 -16.68 15.46 -31.71
N PRO A 238 -15.68 16.28 -32.19
CA PRO A 238 -16.01 17.44 -33.07
C PRO A 238 -16.70 17.06 -34.41
N SER A 239 -16.79 15.74 -34.73
CA SER A 239 -17.50 15.29 -35.93
C SER A 239 -19.02 15.31 -35.69
N PHE A 240 -19.45 15.41 -34.39
CA PHE A 240 -20.86 15.45 -33.99
C PHE A 240 -21.25 16.83 -33.47
N THR A 241 -20.33 17.49 -32.72
CA THR A 241 -20.56 18.84 -32.17
C THR A 241 -19.39 19.82 -32.61
N PRO A 242 -19.25 20.15 -33.95
CA PRO A 242 -18.14 21.04 -34.38
C PRO A 242 -18.27 22.49 -33.91
N ALA A 243 -19.51 23.02 -33.84
CA ALA A 243 -19.77 24.40 -33.43
C ALA A 243 -19.59 24.56 -31.89
N THR A 244 -18.31 24.54 -31.44
CA THR A 244 -17.92 24.67 -30.03
C THR A 244 -16.55 25.39 -29.89
N GLY A 245 -16.33 26.04 -28.74
CA GLY A 245 -15.14 26.82 -28.45
C GLY A 245 -13.82 26.07 -28.41
N THR A 246 -13.78 24.96 -27.66
CA THR A 246 -12.55 24.15 -27.51
C THR A 246 -12.76 22.70 -28.00
N PRO A 247 -12.82 22.46 -29.36
CA PRO A 247 -13.02 21.09 -29.84
C PRO A 247 -11.77 20.24 -29.77
N VAL A 248 -11.90 19.00 -29.24
CA VAL A 248 -10.77 18.06 -29.11
C VAL A 248 -11.14 16.75 -29.78
N VAL A 249 -10.32 16.33 -30.78
CA VAL A 249 -10.51 15.07 -31.55
C VAL A 249 -10.51 13.80 -30.63
N GLY A 250 -11.14 12.73 -31.11
CA GLY A 250 -11.24 11.45 -30.39
C GLY A 250 -12.16 11.51 -29.19
N GLY A 251 -13.32 12.14 -29.37
CA GLY A 251 -14.30 12.31 -28.30
C GLY A 251 -15.38 11.25 -28.28
N LEU A 252 -16.35 11.44 -27.35
CA LEU A 252 -17.48 10.53 -27.20
C LEU A 252 -18.35 10.59 -28.43
N THR A 253 -18.86 9.45 -28.88
CA THR A 253 -19.72 9.39 -30.07
C THR A 253 -21.12 9.92 -29.74
N TYR A 254 -21.95 10.15 -30.80
CA TYR A 254 -23.34 10.60 -30.68
C TYR A 254 -24.14 9.52 -29.89
N ARG A 255 -23.83 8.23 -30.16
CA ARG A 255 -24.45 7.06 -29.51
C ARG A 255 -24.09 7.02 -28.01
N GLU A 256 -22.78 7.21 -27.67
CA GLU A 256 -22.28 7.21 -26.28
C GLU A 256 -22.91 8.32 -25.46
N GLY A 257 -23.05 9.51 -26.08
CA GLY A 257 -23.68 10.68 -25.46
C GLY A 257 -25.14 10.43 -25.14
N LEU A 258 -25.86 9.73 -26.06
CA LEU A 258 -27.26 9.35 -25.86
C LEU A 258 -27.37 8.30 -24.79
N TYR A 259 -26.36 7.37 -24.70
CA TYR A 259 -26.35 6.31 -23.69
C TYR A 259 -26.22 6.86 -22.27
N ILE A 260 -25.25 7.80 -22.05
CA ILE A 260 -25.01 8.45 -20.75
C ILE A 260 -26.32 9.08 -20.25
N THR A 261 -26.98 9.87 -21.12
CA THR A 261 -28.20 10.60 -20.82
C THR A 261 -29.44 9.67 -20.63
N GLU A 262 -29.54 8.57 -21.46
CA GLU A 262 -30.64 7.59 -21.31
C GLU A 262 -30.55 6.87 -19.95
N GLU A 263 -29.30 6.54 -19.51
CA GLU A 263 -29.05 5.87 -18.22
C GLU A 263 -29.37 6.77 -17.02
N ILE A 264 -29.02 8.08 -17.12
CA ILE A 264 -29.29 9.07 -16.05
C ILE A 264 -30.82 9.27 -15.88
N TYR A 265 -31.59 9.26 -17.01
CA TYR A 265 -33.06 9.40 -16.94
C TYR A 265 -33.71 8.19 -16.23
N LYS A 266 -33.25 6.96 -16.59
CA LYS A 266 -33.76 5.68 -16.04
C LYS A 266 -33.69 5.58 -14.50
N THR A 267 -32.72 6.29 -13.87
CA THR A 267 -32.59 6.30 -12.40
C THR A 267 -33.73 7.10 -11.75
N GLY A 268 -34.28 8.07 -12.51
CA GLY A 268 -35.36 8.95 -12.05
C GLY A 268 -34.90 9.96 -11.02
N LEU A 269 -33.56 10.17 -10.95
CA LEU A 269 -32.94 11.06 -9.97
C LEU A 269 -32.29 12.32 -10.59
N LEU A 270 -32.52 12.58 -11.92
CA LEU A 270 -32.00 13.79 -12.56
C LEU A 270 -32.71 14.99 -11.96
N SER A 271 -31.95 15.89 -11.35
CA SER A 271 -32.48 17.04 -10.64
C SER A 271 -31.97 18.38 -11.21
N GLY A 272 -30.79 18.35 -11.84
CA GLY A 272 -30.16 19.52 -12.46
C GLY A 272 -29.49 19.17 -13.77
N LEU A 273 -29.60 20.07 -14.78
CA LEU A 273 -29.03 19.83 -16.11
C LEU A 273 -28.44 21.08 -16.76
N ASP A 274 -27.22 20.97 -17.32
CA ASP A 274 -26.54 22.04 -18.03
C ASP A 274 -26.18 21.60 -19.43
N ILE A 275 -26.59 22.37 -20.46
CA ILE A 275 -26.24 22.11 -21.86
C ILE A 275 -25.42 23.32 -22.29
N MET A 276 -24.07 23.19 -22.20
CA MET A 276 -23.16 24.32 -22.39
C MET A 276 -22.23 24.22 -23.60
N GLU A 277 -21.61 25.38 -23.93
CA GLU A 277 -20.59 25.60 -24.98
C GLU A 277 -21.10 25.42 -26.44
N VAL A 278 -22.43 25.61 -26.68
CA VAL A 278 -22.95 25.57 -28.06
C VAL A 278 -22.69 26.96 -28.67
N ASN A 279 -21.76 27.04 -29.63
CA ASN A 279 -21.42 28.30 -30.29
C ASN A 279 -21.80 28.25 -31.78
N PRO A 280 -22.97 28.83 -32.18
CA PRO A 280 -23.39 28.79 -33.60
C PRO A 280 -22.51 29.60 -34.59
N SER A 281 -21.63 30.50 -34.06
CA SER A 281 -20.76 31.30 -34.94
C SER A 281 -19.43 30.55 -35.28
N LEU A 282 -19.20 29.37 -34.65
CA LEU A 282 -17.98 28.59 -34.87
C LEU A 282 -18.16 27.38 -35.81
N GLY A 283 -19.30 27.34 -36.51
CA GLY A 283 -19.58 26.30 -37.50
C GLY A 283 -19.13 26.74 -38.87
N LYS A 284 -18.09 26.04 -39.43
CA LYS A 284 -17.50 26.34 -40.77
C LYS A 284 -18.56 26.42 -41.88
N THR A 285 -19.59 25.55 -41.82
CA THR A 285 -20.71 25.51 -42.76
C THR A 285 -22.01 25.60 -41.93
N PRO A 286 -23.16 26.13 -42.50
CA PRO A 286 -24.43 26.16 -41.73
C PRO A 286 -24.89 24.74 -41.32
N GLU A 287 -24.39 23.68 -42.06
CA GLU A 287 -24.66 22.27 -41.78
C GLU A 287 -23.99 21.87 -40.45
N GLU A 288 -22.75 22.38 -40.20
CA GLU A 288 -22.00 22.12 -38.95
C GLU A 288 -22.70 22.74 -37.74
N VAL A 289 -23.38 23.92 -37.95
CA VAL A 289 -24.15 24.62 -36.92
C VAL A 289 -25.37 23.77 -36.55
N THR A 290 -26.17 23.34 -37.57
CA THR A 290 -27.39 22.51 -37.38
C THR A 290 -27.05 21.16 -36.76
N ARG A 291 -25.88 20.56 -37.16
CA ARG A 291 -25.38 19.27 -36.65
C ARG A 291 -25.17 19.31 -35.14
N THR A 292 -24.51 20.40 -34.64
CA THR A 292 -24.22 20.61 -33.21
C THR A 292 -25.51 20.81 -32.41
N VAL A 293 -26.42 21.69 -32.90
CA VAL A 293 -27.70 21.98 -32.24
C VAL A 293 -28.62 20.74 -32.22
N ASN A 294 -28.67 19.96 -33.35
CA ASN A 294 -29.47 18.72 -33.43
C ASN A 294 -28.95 17.68 -32.43
N THR A 295 -27.59 17.60 -32.26
CA THR A 295 -26.97 16.69 -31.30
C THR A 295 -27.30 17.15 -29.87
N ALA A 296 -27.13 18.49 -29.57
CA ALA A 296 -27.43 19.08 -28.25
C ALA A 296 -28.92 18.87 -27.87
N VAL A 297 -29.85 18.98 -28.86
CA VAL A 297 -31.31 18.77 -28.64
C VAL A 297 -31.56 17.28 -28.30
N ALA A 298 -30.94 16.34 -29.09
CA ALA A 298 -31.06 14.88 -28.88
C ALA A 298 -30.56 14.48 -27.48
N ILE A 299 -29.43 15.09 -27.03
CA ILE A 299 -28.84 14.87 -25.68
C ILE A 299 -29.86 15.30 -24.59
N THR A 300 -30.47 16.50 -24.77
CA THR A 300 -31.46 17.06 -23.83
C THR A 300 -32.76 16.21 -23.78
N LEU A 301 -33.25 15.74 -24.95
CA LEU A 301 -34.48 14.92 -25.02
C LEU A 301 -34.32 13.56 -24.32
N ALA A 302 -33.11 12.95 -24.43
CA ALA A 302 -32.79 11.67 -23.79
C ALA A 302 -32.72 11.81 -22.25
N CYS A 303 -32.43 13.05 -21.75
CA CYS A 303 -32.40 13.35 -20.32
C CYS A 303 -33.81 13.30 -19.72
N PHE A 304 -34.85 13.57 -20.54
CA PHE A 304 -36.23 13.62 -20.06
C PHE A 304 -37.19 12.54 -20.65
N GLY A 305 -36.64 11.38 -21.03
CA GLY A 305 -37.47 10.26 -21.46
C GLY A 305 -37.22 9.64 -22.83
N LEU A 306 -36.82 10.46 -23.84
CA LEU A 306 -36.62 9.95 -25.21
C LEU A 306 -35.62 8.80 -25.28
N ALA A 307 -36.14 7.58 -25.51
CA ALA A 307 -35.34 6.36 -25.61
C ALA A 307 -35.32 5.86 -27.04
N ARG A 308 -34.18 5.31 -27.47
CA ARG A 308 -33.99 4.80 -28.84
C ARG A 308 -34.82 3.54 -29.13
N GLU A 309 -35.12 2.73 -28.06
CA GLU A 309 -35.96 1.52 -28.20
C GLU A 309 -37.43 1.87 -28.51
N GLY A 310 -37.84 3.10 -28.15
CA GLY A 310 -39.20 3.61 -28.36
C GLY A 310 -39.87 4.11 -27.10
N ASN A 311 -40.90 4.96 -27.26
CA ASN A 311 -41.68 5.52 -26.14
C ASN A 311 -43.16 5.51 -26.47
N HIS A 312 -44.02 5.16 -25.47
CA HIS A 312 -45.47 5.12 -25.68
C HIS A 312 -46.27 5.53 -24.43
N LYS A 313 -47.48 6.12 -24.64
CA LYS A 313 -48.39 6.56 -23.56
C LYS A 313 -48.97 5.34 -22.78
N PRO A 314 -49.45 5.51 -21.49
CA PRO A 314 -49.98 4.34 -20.75
C PRO A 314 -51.41 3.91 -21.17
N ILE A 315 -51.63 3.76 -22.50
CA ILE A 315 -52.94 3.35 -23.09
C ILE A 315 -52.75 2.16 -24.06
N ASP A 316 -53.86 1.45 -24.39
CA ASP A 316 -53.85 0.32 -25.33
C ASP A 316 -53.81 0.84 -26.78
N TYR A 317 -52.68 0.62 -27.49
CA TYR A 317 -52.49 1.08 -28.87
C TYR A 317 -53.16 0.16 -29.92
N LEU A 318 -53.55 -1.07 -29.52
CA LEU A 318 -54.20 -2.04 -30.42
C LEU A 318 -55.73 -1.91 -30.42
N ASN A 319 -56.33 -1.63 -29.23
CA ASN A 319 -57.79 -1.48 -29.10
C ASN A 319 -58.16 -0.20 -28.34
N ALA B 3 13.88 9.24 -17.39
CA ALA B 3 13.23 7.93 -17.47
C ALA B 3 13.59 7.22 -18.77
N LYS B 4 13.92 5.90 -18.68
CA LYS B 4 14.29 5.07 -19.86
C LYS B 4 13.15 4.93 -20.87
N SER B 5 11.86 4.96 -20.38
CA SER B 5 10.67 4.88 -21.23
C SER B 5 10.44 6.19 -22.04
N ARG B 6 11.23 7.25 -21.73
CA ARG B 6 11.15 8.54 -22.42
C ARG B 6 12.51 8.96 -23.07
N THR B 7 13.51 8.03 -23.05
CA THR B 7 14.83 8.26 -23.69
C THR B 7 14.72 7.74 -25.13
N ILE B 8 14.68 8.68 -26.12
CA ILE B 8 14.44 8.35 -27.53
C ILE B 8 15.62 8.71 -28.46
N GLY B 9 15.79 7.87 -29.50
CA GLY B 9 16.79 8.06 -30.54
C GLY B 9 16.12 8.08 -31.90
N ILE B 10 15.95 9.30 -32.48
CA ILE B 10 15.25 9.50 -33.77
C ILE B 10 16.06 8.99 -34.96
N ILE B 11 15.47 8.10 -35.77
CA ILE B 11 16.09 7.58 -36.98
C ILE B 11 15.18 7.86 -38.17
N GLY B 12 15.65 8.70 -39.08
CA GLY B 12 14.92 9.03 -40.29
C GLY B 12 15.20 8.02 -41.37
N ALA B 13 14.15 7.34 -41.88
CA ALA B 13 14.30 6.34 -42.93
C ALA B 13 13.53 6.73 -44.22
N PRO B 14 14.08 7.69 -45.05
CA PRO B 14 13.37 8.10 -46.27
C PRO B 14 13.53 7.08 -47.40
N PHE B 15 12.73 5.99 -47.34
CA PHE B 15 12.79 4.91 -48.33
C PHE B 15 11.40 4.58 -48.90
N SER B 16 11.30 4.43 -50.25
CA SER B 16 10.02 4.17 -50.92
C SER B 16 10.03 2.99 -51.92
N LYS B 17 11.21 2.40 -52.24
CA LYS B 17 11.31 1.32 -53.24
C LYS B 17 10.68 -0.07 -52.79
N GLY B 18 10.11 -0.11 -51.59
CA GLY B 18 9.41 -1.30 -51.08
C GLY B 18 8.02 -1.44 -51.67
N GLN B 19 7.46 -0.33 -52.21
CA GLN B 19 6.14 -0.26 -52.85
C GLN B 19 6.19 0.64 -54.16
N PRO B 20 5.15 0.60 -55.07
CA PRO B 20 5.26 1.40 -56.31
C PRO B 20 4.85 2.88 -56.23
N ARG B 21 4.16 3.29 -55.14
CA ARG B 21 3.66 4.67 -55.00
C ARG B 21 4.70 5.63 -54.37
N GLY B 22 5.17 6.60 -55.16
CA GLY B 22 6.15 7.59 -54.73
C GLY B 22 5.58 8.62 -53.78
N GLY B 23 6.43 9.11 -52.86
CA GLY B 23 6.06 10.12 -51.89
C GLY B 23 6.20 9.72 -50.43
N VAL B 24 6.20 8.38 -50.14
CA VAL B 24 6.31 7.86 -48.76
C VAL B 24 7.72 8.13 -48.15
N GLU B 25 8.73 8.42 -49.02
CA GLU B 25 10.09 8.76 -48.60
C GLU B 25 10.13 10.17 -47.91
N GLU B 26 9.08 11.00 -48.16
CA GLU B 26 8.96 12.34 -47.57
C GLU B 26 8.30 12.30 -46.16
N GLY B 27 7.97 11.09 -45.69
CA GLY B 27 7.37 10.83 -44.37
C GLY B 27 8.15 11.43 -43.20
N PRO B 28 9.51 11.15 -43.06
CA PRO B 28 10.27 11.74 -41.94
C PRO B 28 10.33 13.28 -42.01
N THR B 29 10.37 13.85 -43.25
CA THR B 29 10.42 15.31 -43.49
C THR B 29 9.14 16.01 -42.98
N VAL B 30 7.95 15.50 -43.38
CA VAL B 30 6.65 16.07 -42.98
C VAL B 30 6.32 15.77 -41.47
N LEU B 31 6.82 14.62 -40.92
CA LEU B 31 6.64 14.28 -39.50
C LEU B 31 7.46 15.25 -38.61
N ARG B 32 8.67 15.64 -39.07
CA ARG B 32 9.55 16.59 -38.37
C ARG B 32 8.96 18.01 -38.45
N LYS B 33 8.40 18.38 -39.64
CA LYS B 33 7.78 19.70 -39.89
C LYS B 33 6.56 19.97 -38.99
N ALA B 34 5.88 18.89 -38.52
CA ALA B 34 4.73 18.98 -37.61
C ALA B 34 5.19 19.30 -36.15
N GLY B 35 6.52 19.28 -35.94
CA GLY B 35 7.15 19.56 -34.66
C GLY B 35 7.14 18.39 -33.70
N LEU B 36 7.39 17.15 -34.24
CA LEU B 36 7.41 15.91 -33.43
C LEU B 36 8.48 15.94 -32.34
N LEU B 37 9.73 16.30 -32.71
CA LEU B 37 10.87 16.38 -31.78
C LEU B 37 10.64 17.46 -30.72
N GLU B 38 10.00 18.59 -31.10
CA GLU B 38 9.68 19.69 -30.20
C GLU B 38 8.58 19.27 -29.21
N LYS B 39 7.52 18.57 -29.73
CA LYS B 39 6.39 18.08 -28.91
C LYS B 39 6.83 16.97 -27.94
N LEU B 40 7.84 16.15 -28.32
CA LEU B 40 8.39 15.09 -27.46
C LEU B 40 9.20 15.71 -26.31
N LYS B 41 10.03 16.75 -26.61
CA LYS B 41 10.83 17.47 -25.59
C LYS B 41 9.92 18.20 -24.58
N GLU B 42 8.68 18.57 -25.03
CA GLU B 42 7.66 19.23 -24.19
C GLU B 42 7.12 18.28 -23.11
N GLN B 43 6.98 16.97 -23.44
CA GLN B 43 6.49 15.96 -22.48
C GLN B 43 7.65 15.27 -21.69
N GLU B 44 8.73 16.06 -21.39
CA GLU B 44 9.92 15.67 -20.60
C GLU B 44 10.68 14.43 -21.17
N CYS B 45 10.86 14.38 -22.51
CA CYS B 45 11.59 13.28 -23.16
C CYS B 45 13.03 13.66 -23.50
N ASP B 46 13.98 12.72 -23.31
CA ASP B 46 15.39 12.92 -23.69
C ASP B 46 15.52 12.48 -25.15
N VAL B 47 15.48 13.46 -26.07
CA VAL B 47 15.45 13.22 -27.51
C VAL B 47 16.81 13.50 -28.19
N LYS B 48 17.35 12.49 -28.92
CA LYS B 48 18.59 12.61 -29.70
C LYS B 48 18.28 12.28 -31.17
N ASP B 49 18.52 13.25 -32.08
CA ASP B 49 18.26 13.06 -33.51
C ASP B 49 19.50 12.54 -34.23
N TYR B 50 19.38 11.33 -34.83
CA TYR B 50 20.47 10.69 -35.59
C TYR B 50 20.38 11.08 -37.09
N GLY B 51 19.39 11.93 -37.43
CA GLY B 51 19.16 12.43 -38.78
C GLY B 51 18.52 11.44 -39.72
N ASP B 52 18.50 11.77 -41.02
CA ASP B 52 17.96 10.91 -42.08
C ASP B 52 19.05 10.04 -42.65
N LEU B 53 18.76 8.72 -42.81
CA LEU B 53 19.71 7.75 -43.35
C LEU B 53 20.04 8.05 -44.82
N PRO B 54 21.34 8.04 -45.20
CA PRO B 54 21.68 8.31 -46.60
C PRO B 54 21.61 7.03 -47.45
N PHE B 55 20.39 6.71 -47.94
CA PHE B 55 20.18 5.53 -48.78
C PHE B 55 20.73 5.78 -50.18
N ALA B 56 21.98 5.32 -50.43
CA ALA B 56 22.67 5.48 -51.72
C ALA B 56 21.91 4.79 -52.85
N ASP B 57 21.91 5.40 -54.05
CA ASP B 57 21.20 4.89 -55.21
C ASP B 57 21.78 3.56 -55.71
N ILE B 58 20.89 2.56 -55.91
CA ILE B 58 21.24 1.25 -56.47
C ILE B 58 20.49 1.13 -57.82
N PRO B 59 21.11 1.63 -58.94
CA PRO B 59 20.41 1.63 -60.24
C PRO B 59 20.21 0.24 -60.86
N ASN B 60 21.29 -0.59 -60.89
CA ASN B 60 21.21 -1.95 -61.43
C ASN B 60 20.52 -2.85 -60.40
N ASP B 61 19.17 -2.84 -60.41
CA ASP B 61 18.36 -3.59 -59.48
C ASP B 61 17.23 -4.32 -60.20
N SER B 62 17.58 -5.40 -60.92
CA SER B 62 16.63 -6.24 -61.67
C SER B 62 15.70 -7.02 -60.69
N PRO B 63 14.40 -7.26 -61.05
CA PRO B 63 13.50 -7.96 -60.12
C PRO B 63 13.78 -9.46 -60.00
N PHE B 64 13.60 -10.00 -58.78
CA PHE B 64 13.73 -11.44 -58.51
C PHE B 64 12.35 -12.05 -58.78
N GLN B 65 12.18 -12.71 -59.97
CA GLN B 65 10.91 -13.29 -60.46
C GLN B 65 9.87 -12.16 -60.71
N ILE B 66 9.18 -11.68 -59.63
CA ILE B 66 8.22 -10.56 -59.68
C ILE B 66 8.51 -9.54 -58.55
N VAL B 67 9.42 -9.93 -57.61
CA VAL B 67 9.82 -9.12 -56.44
C VAL B 67 10.57 -7.82 -56.88
N LYS B 68 9.88 -6.66 -56.77
CA LYS B 68 10.41 -5.34 -57.19
C LYS B 68 11.52 -4.82 -56.26
N ASN B 69 12.56 -4.17 -56.87
CA ASN B 69 13.73 -3.55 -56.20
C ASN B 69 14.33 -4.39 -55.02
N PRO B 70 14.80 -5.68 -55.26
CA PRO B 70 15.33 -6.49 -54.15
C PRO B 70 16.59 -5.94 -53.46
N ARG B 71 17.58 -5.44 -54.26
CA ARG B 71 18.86 -4.93 -53.71
C ARG B 71 18.69 -3.61 -52.95
N SER B 72 17.78 -2.72 -53.42
CA SER B 72 17.50 -1.43 -52.77
C SER B 72 16.82 -1.62 -51.40
N VAL B 73 15.82 -2.53 -51.33
CA VAL B 73 15.08 -2.84 -50.07
C VAL B 73 16.03 -3.53 -49.06
N GLY B 74 16.80 -4.52 -49.56
CA GLY B 74 17.75 -5.27 -48.76
C GLY B 74 18.85 -4.43 -48.14
N LYS B 75 19.45 -3.50 -48.93
CA LYS B 75 20.52 -2.62 -48.45
C LYS B 75 19.99 -1.56 -47.48
N ALA B 76 18.76 -1.02 -47.76
CA ALA B 76 18.10 -0.02 -46.89
C ALA B 76 17.84 -0.60 -45.50
N SER B 77 17.35 -1.86 -45.43
CA SER B 77 17.10 -2.54 -44.16
C SER B 77 18.41 -2.91 -43.46
N GLU B 78 19.45 -3.33 -44.24
CA GLU B 78 20.78 -3.68 -43.69
C GLU B 78 21.43 -2.44 -43.03
N GLN B 79 21.27 -1.25 -43.68
CA GLN B 79 21.79 0.02 -43.17
C GLN B 79 21.03 0.44 -41.92
N LEU B 80 19.66 0.29 -41.95
CA LEU B 80 18.80 0.63 -40.81
C LEU B 80 19.09 -0.28 -39.62
N ALA B 81 19.37 -1.60 -39.87
CA ALA B 81 19.69 -2.59 -38.82
C ALA B 81 20.93 -2.17 -38.01
N GLY B 82 21.97 -1.69 -38.70
CA GLY B 82 23.20 -1.21 -38.08
C GLY B 82 22.97 0.05 -37.26
N LYS B 83 22.08 0.95 -37.76
CA LYS B 83 21.74 2.21 -37.07
C LYS B 83 20.85 1.97 -35.84
N VAL B 84 19.83 1.06 -35.96
CA VAL B 84 18.91 0.71 -34.85
C VAL B 84 19.71 0.07 -33.68
N ALA B 85 20.64 -0.87 -34.02
CA ALA B 85 21.52 -1.54 -33.03
C ALA B 85 22.39 -0.52 -32.30
N GLU B 86 22.91 0.52 -33.05
CA GLU B 86 23.75 1.60 -32.51
C GLU B 86 22.95 2.47 -31.51
N VAL B 87 21.65 2.73 -31.83
CA VAL B 87 20.74 3.52 -30.97
C VAL B 87 20.43 2.71 -29.68
N LYS B 88 20.17 1.37 -29.84
CA LYS B 88 19.88 0.48 -28.70
C LYS B 88 21.10 0.30 -27.78
N LYS B 89 22.34 0.33 -28.35
CA LYS B 89 23.60 0.21 -27.59
C LYS B 89 23.82 1.43 -26.67
N ASN B 90 23.28 2.61 -27.08
CA ASN B 90 23.38 3.87 -26.32
C ASN B 90 22.23 4.00 -25.26
N GLY B 91 21.47 2.91 -25.07
CA GLY B 91 20.36 2.84 -24.12
C GLY B 91 19.21 3.78 -24.44
N ARG B 92 18.83 3.85 -25.74
CA ARG B 92 17.74 4.72 -26.22
C ARG B 92 16.70 3.93 -27.00
N ILE B 93 15.42 4.39 -26.97
CA ILE B 93 14.34 3.77 -27.74
C ILE B 93 14.50 4.18 -29.20
N SER B 94 14.62 3.19 -30.10
CA SER B 94 14.78 3.44 -31.53
C SER B 94 13.45 3.84 -32.18
N LEU B 95 13.34 5.11 -32.64
CA LEU B 95 12.14 5.61 -33.31
C LEU B 95 12.42 5.76 -34.80
N VAL B 96 11.96 4.78 -35.59
CA VAL B 96 12.16 4.77 -37.04
C VAL B 96 11.00 5.49 -37.73
N LEU B 97 11.31 6.63 -38.37
CA LEU B 97 10.33 7.40 -39.12
C LEU B 97 10.37 6.94 -40.56
N GLY B 98 9.28 6.34 -41.00
CA GLY B 98 9.16 5.83 -42.36
C GLY B 98 8.61 6.84 -43.35
N GLY B 99 8.67 6.54 -44.65
CA GLY B 99 9.22 5.29 -45.18
C GLY B 99 8.20 4.16 -45.26
N ASP B 100 8.42 3.21 -46.17
CA ASP B 100 7.52 2.07 -46.33
C ASP B 100 7.83 0.94 -45.31
N HIS B 101 6.81 0.09 -44.96
CA HIS B 101 6.92 -0.95 -43.93
C HIS B 101 7.95 -2.10 -44.22
N SER B 102 8.64 -2.09 -45.42
CA SER B 102 9.67 -3.12 -45.73
C SER B 102 10.89 -2.92 -44.84
N LEU B 103 11.11 -1.65 -44.38
CA LEU B 103 12.21 -1.25 -43.49
C LEU B 103 12.12 -1.95 -42.12
N ALA B 104 10.93 -2.55 -41.78
CA ALA B 104 10.72 -3.29 -40.52
C ALA B 104 11.68 -4.49 -40.40
N ILE B 105 12.10 -5.08 -41.58
CA ILE B 105 13.09 -6.20 -41.62
C ILE B 105 14.34 -5.77 -40.85
N GLY B 106 14.91 -4.63 -41.23
CA GLY B 106 16.09 -4.07 -40.59
C GLY B 106 15.85 -3.50 -39.21
N SER B 107 14.69 -2.80 -39.04
CA SER B 107 14.33 -2.18 -37.74
C SER B 107 14.19 -3.25 -36.63
N ILE B 108 13.54 -4.39 -36.94
CA ILE B 108 13.37 -5.49 -35.97
C ILE B 108 14.70 -6.29 -35.82
N SER B 109 15.40 -6.60 -36.97
CA SER B 109 16.69 -7.35 -36.96
C SER B 109 17.77 -6.63 -36.14
N GLY B 110 17.90 -5.31 -36.34
CA GLY B 110 18.88 -4.48 -35.62
C GLY B 110 18.59 -4.39 -34.13
N HIS B 111 17.29 -4.28 -33.78
CA HIS B 111 16.82 -4.24 -32.40
C HIS B 111 17.08 -5.60 -31.70
N ALA B 112 16.90 -6.72 -32.47
CA ALA B 112 17.13 -8.08 -31.98
C ALA B 112 18.62 -8.38 -31.67
N ARG B 113 19.56 -7.66 -32.36
CA ARG B 113 21.03 -7.82 -32.15
C ARG B 113 21.43 -7.42 -30.73
N VAL B 114 20.71 -6.43 -30.12
CA VAL B 114 20.97 -5.94 -28.76
C VAL B 114 20.01 -6.64 -27.76
N HIS B 115 18.73 -6.83 -28.17
CA HIS B 115 17.71 -7.50 -27.34
C HIS B 115 17.05 -8.68 -28.13
N PRO B 116 17.64 -9.92 -28.08
CA PRO B 116 17.06 -11.04 -28.86
C PRO B 116 15.74 -11.61 -28.30
N ASP B 117 15.42 -11.26 -27.04
CA ASP B 117 14.21 -11.74 -26.36
C ASP B 117 12.97 -10.83 -26.56
N LEU B 118 13.08 -9.80 -27.45
CA LEU B 118 11.99 -8.82 -27.71
C LEU B 118 10.68 -9.45 -28.25
N GLY B 119 9.56 -8.75 -27.98
CA GLY B 119 8.23 -9.11 -28.45
C GLY B 119 7.69 -8.08 -29.42
N VAL B 120 7.10 -8.53 -30.53
CA VAL B 120 6.60 -7.64 -31.58
C VAL B 120 5.08 -7.41 -31.52
N ILE B 121 4.66 -6.12 -31.60
CA ILE B 121 3.26 -5.73 -31.69
C ILE B 121 3.09 -5.06 -33.05
N TRP B 122 2.40 -5.74 -33.97
CA TRP B 122 2.22 -5.30 -35.35
C TRP B 122 0.82 -4.69 -35.58
N VAL B 123 0.72 -3.34 -35.49
CA VAL B 123 -0.55 -2.61 -35.72
C VAL B 123 -0.63 -2.29 -37.22
N ASP B 124 -1.51 -3.01 -37.94
CA ASP B 124 -1.61 -2.91 -39.40
C ASP B 124 -2.93 -3.48 -39.89
N ALA B 125 -3.41 -3.00 -41.05
CA ALA B 125 -4.59 -3.53 -41.72
C ALA B 125 -4.22 -4.82 -42.45
N HIS B 126 -2.89 -5.04 -42.67
CA HIS B 126 -2.36 -6.17 -43.42
C HIS B 126 -1.35 -7.00 -42.59
N THR B 127 -1.24 -8.31 -42.89
CA THR B 127 -0.32 -9.22 -42.19
C THR B 127 1.16 -9.00 -42.60
N ASP B 128 1.42 -8.52 -43.87
CA ASP B 128 2.79 -8.30 -44.41
C ASP B 128 3.69 -9.56 -44.27
N ILE B 129 3.05 -10.76 -44.30
CA ILE B 129 3.70 -12.05 -44.10
C ILE B 129 3.89 -12.82 -45.46
N ASN B 130 3.60 -12.17 -46.61
CA ASN B 130 3.77 -12.77 -47.94
C ASN B 130 5.24 -13.13 -48.15
N THR B 131 5.50 -14.34 -48.65
CA THR B 131 6.86 -14.78 -48.95
C THR B 131 7.22 -14.28 -50.36
N PRO B 132 8.54 -14.22 -50.78
CA PRO B 132 8.86 -13.79 -52.16
C PRO B 132 8.25 -14.70 -53.27
N LEU B 133 7.60 -15.83 -52.85
CA LEU B 133 6.97 -16.79 -53.77
C LEU B 133 5.41 -16.72 -53.73
N THR B 134 4.82 -16.47 -52.52
CA THR B 134 3.34 -16.37 -52.36
C THR B 134 2.79 -15.00 -52.81
N THR B 135 3.66 -13.95 -52.84
CA THR B 135 3.28 -12.58 -53.25
C THR B 135 2.75 -12.53 -54.70
N THR B 136 1.78 -11.64 -54.97
CA THR B 136 1.17 -11.48 -56.31
C THR B 136 1.59 -10.14 -56.94
N SER B 137 1.84 -9.10 -56.10
CA SER B 137 2.26 -7.77 -56.57
C SER B 137 3.78 -7.66 -56.69
N GLY B 138 4.50 -8.37 -55.81
CA GLY B 138 5.97 -8.36 -55.78
C GLY B 138 6.54 -7.23 -54.96
N ASN B 139 5.67 -6.46 -54.27
CA ASN B 139 6.08 -5.33 -53.42
C ASN B 139 6.59 -5.86 -52.08
N LEU B 140 7.89 -5.58 -51.76
CA LEU B 140 8.55 -6.06 -50.53
C LEU B 140 7.99 -5.45 -49.24
N HIS B 141 7.22 -4.34 -49.35
CA HIS B 141 6.60 -3.67 -48.21
C HIS B 141 5.48 -4.53 -47.55
N GLY B 142 4.97 -5.53 -48.30
CA GLY B 142 3.98 -6.49 -47.83
C GLY B 142 4.59 -7.85 -47.59
N GLN B 143 5.94 -7.90 -47.38
CA GLN B 143 6.72 -9.13 -47.17
C GLN B 143 7.67 -9.10 -45.89
N PRO B 144 7.70 -8.02 -45.02
CA PRO B 144 8.69 -7.99 -43.92
C PRO B 144 8.63 -9.13 -42.89
N VAL B 145 7.41 -9.49 -42.41
CA VAL B 145 7.24 -10.53 -41.36
C VAL B 145 7.79 -11.93 -41.80
N SER B 146 7.63 -12.29 -43.11
CA SER B 146 8.10 -13.57 -43.65
C SER B 146 9.63 -13.76 -43.49
N PHE B 147 10.41 -12.66 -43.71
CA PHE B 147 11.88 -12.67 -43.59
C PHE B 147 12.35 -12.78 -42.12
N LEU B 148 11.51 -12.32 -41.16
CA LEU B 148 11.85 -12.29 -39.72
C LEU B 148 11.46 -13.53 -38.93
N LEU B 149 10.42 -14.29 -39.38
CA LEU B 149 9.95 -15.48 -38.65
C LEU B 149 10.86 -16.70 -38.79
N LYS B 150 11.25 -17.30 -37.63
CA LYS B 150 12.11 -18.50 -37.55
C LYS B 150 11.44 -19.75 -38.13
N GLU B 151 10.09 -19.85 -37.97
CA GLU B 151 9.30 -21.00 -38.44
C GLU B 151 9.21 -21.05 -39.99
N LEU B 152 9.45 -19.91 -40.68
CA LEU B 152 9.40 -19.85 -42.14
C LEU B 152 10.78 -20.09 -42.81
N LYS B 153 11.79 -20.54 -42.00
CA LYS B 153 13.14 -20.87 -42.50
C LYS B 153 13.04 -22.11 -43.39
N GLY B 154 13.50 -21.98 -44.63
CA GLY B 154 13.42 -23.03 -45.64
C GLY B 154 12.35 -22.73 -46.68
N LYS B 155 11.50 -21.69 -46.42
CA LYS B 155 10.44 -21.25 -47.32
C LYS B 155 10.73 -19.88 -47.96
N ILE B 156 11.83 -19.21 -47.51
CA ILE B 156 12.25 -17.92 -48.07
C ILE B 156 13.44 -18.17 -49.03
N PRO B 157 13.27 -17.91 -50.37
CA PRO B 157 14.39 -18.17 -51.31
C PRO B 157 15.52 -17.15 -51.22
N ASP B 158 16.65 -17.41 -51.92
CA ASP B 158 17.81 -16.52 -51.93
C ASP B 158 17.53 -15.28 -52.79
N VAL B 159 17.03 -14.21 -52.14
CA VAL B 159 16.69 -12.93 -52.80
C VAL B 159 17.93 -11.98 -52.74
N PRO B 160 18.36 -11.36 -53.91
CA PRO B 160 19.55 -10.48 -53.88
C PRO B 160 19.40 -9.27 -52.95
N GLY B 161 20.38 -9.10 -52.05
CA GLY B 161 20.40 -8.02 -51.07
C GLY B 161 19.92 -8.43 -49.68
N PHE B 162 19.45 -9.70 -49.53
CA PHE B 162 18.91 -10.21 -48.26
C PHE B 162 19.76 -11.37 -47.62
N SER B 163 21.04 -11.58 -48.09
CA SER B 163 21.92 -12.64 -47.52
C SER B 163 22.27 -12.40 -46.03
N TRP B 164 22.27 -11.11 -45.61
CA TRP B 164 22.56 -10.69 -44.23
C TRP B 164 21.42 -11.09 -43.26
N VAL B 165 20.16 -11.22 -43.79
CA VAL B 165 18.96 -11.54 -42.99
C VAL B 165 19.04 -12.91 -42.33
N THR B 166 18.79 -12.93 -41.02
CA THR B 166 18.73 -14.14 -40.20
C THR B 166 17.43 -14.05 -39.37
N PRO B 167 16.44 -15.00 -39.55
CA PRO B 167 15.18 -14.90 -38.77
C PRO B 167 15.42 -14.83 -37.26
N CYS B 168 14.94 -13.72 -36.62
CA CYS B 168 15.18 -13.44 -35.20
C CYS B 168 13.97 -13.65 -34.28
N ILE B 169 12.72 -13.49 -34.80
CA ILE B 169 11.51 -13.63 -33.98
C ILE B 169 10.73 -14.91 -34.29
N SER B 170 10.27 -15.61 -33.23
CA SER B 170 9.46 -16.83 -33.36
C SER B 170 7.99 -16.43 -33.59
N ALA B 171 7.14 -17.41 -34.05
CA ALA B 171 5.72 -17.19 -34.31
C ALA B 171 4.95 -16.72 -33.05
N LYS B 172 5.37 -17.23 -31.86
CA LYS B 172 4.76 -16.90 -30.56
C LYS B 172 5.18 -15.49 -30.04
N ASP B 173 6.26 -14.91 -30.60
CA ASP B 173 6.78 -13.61 -30.16
C ASP B 173 6.20 -12.40 -30.93
N ILE B 174 5.13 -12.63 -31.74
CA ILE B 174 4.49 -11.56 -32.53
C ILE B 174 2.94 -11.56 -32.36
N VAL B 175 2.33 -10.33 -32.24
CA VAL B 175 0.89 -10.14 -32.10
C VAL B 175 0.39 -9.08 -33.11
N TYR B 176 -0.61 -9.45 -33.93
CA TYR B 176 -1.22 -8.55 -34.92
C TYR B 176 -2.44 -7.85 -34.35
N ILE B 177 -2.65 -6.57 -34.71
CA ILE B 177 -3.84 -5.77 -34.30
C ILE B 177 -4.32 -4.89 -35.48
N GLY B 178 -5.60 -5.05 -35.84
CA GLY B 178 -6.23 -4.23 -36.87
C GLY B 178 -6.37 -4.85 -38.25
N LEU B 179 -6.11 -6.17 -38.39
CA LEU B 179 -6.18 -6.89 -39.69
C LEU B 179 -7.58 -6.85 -40.33
N ARG B 180 -7.65 -6.57 -41.66
CA ARG B 180 -8.92 -6.51 -42.42
C ARG B 180 -8.74 -6.72 -43.95
N ASP B 181 -7.47 -6.90 -44.40
CA ASP B 181 -7.14 -7.14 -45.81
C ASP B 181 -5.95 -8.11 -45.88
N VAL B 182 -6.26 -9.42 -45.74
CA VAL B 182 -5.26 -10.48 -45.72
C VAL B 182 -5.41 -11.37 -46.96
N ASP B 183 -4.30 -11.54 -47.74
CA ASP B 183 -4.28 -12.36 -48.96
C ASP B 183 -4.43 -13.86 -48.61
N PRO B 184 -4.97 -14.72 -49.56
CA PRO B 184 -5.13 -16.16 -49.23
C PRO B 184 -3.86 -16.85 -48.74
N GLY B 185 -2.72 -16.58 -49.41
CA GLY B 185 -1.42 -17.12 -49.03
C GLY B 185 -0.99 -16.68 -47.65
N GLU B 186 -1.28 -15.40 -47.30
CA GLU B 186 -0.97 -14.81 -46.00
C GLU B 186 -1.81 -15.45 -44.88
N HIS B 187 -3.14 -15.67 -45.14
CA HIS B 187 -4.06 -16.28 -44.17
C HIS B 187 -3.68 -17.73 -43.87
N TYR B 188 -3.15 -18.47 -44.89
CA TYR B 188 -2.68 -19.84 -44.71
C TYR B 188 -1.50 -19.87 -43.73
N ILE B 189 -0.50 -18.96 -43.91
CA ILE B 189 0.69 -18.85 -43.04
C ILE B 189 0.27 -18.47 -41.60
N LEU B 190 -0.61 -17.43 -41.45
CA LEU B 190 -1.10 -16.95 -40.14
C LEU B 190 -1.79 -18.07 -39.31
N LYS B 191 -2.63 -18.91 -39.97
CA LYS B 191 -3.35 -20.00 -39.29
C LYS B 191 -2.50 -21.26 -39.04
N THR B 192 -1.60 -21.62 -40.00
CA THR B 192 -0.73 -22.80 -39.88
C THR B 192 0.35 -22.60 -38.77
N LEU B 193 0.96 -21.40 -38.70
CA LEU B 193 1.99 -21.10 -37.69
C LEU B 193 1.40 -20.85 -36.27
N GLY B 194 0.09 -20.59 -36.21
CA GLY B 194 -0.62 -20.34 -34.96
C GLY B 194 -0.26 -19.02 -34.29
N ILE B 195 -0.05 -17.96 -35.12
CA ILE B 195 0.30 -16.61 -34.63
C ILE B 195 -0.93 -15.95 -33.99
N LYS B 196 -0.73 -15.31 -32.81
CA LYS B 196 -1.80 -14.59 -32.10
C LYS B 196 -2.18 -13.34 -32.90
N TYR B 197 -3.45 -13.22 -33.27
CA TYR B 197 -3.93 -12.09 -34.06
C TYR B 197 -5.24 -11.53 -33.56
N PHE B 198 -5.38 -10.22 -33.69
CA PHE B 198 -6.59 -9.51 -33.34
C PHE B 198 -7.05 -8.71 -34.55
N SER B 199 -7.74 -9.39 -35.50
CA SER B 199 -8.29 -8.75 -36.69
C SER B 199 -9.45 -7.83 -36.27
N MET B 200 -10.01 -7.02 -37.21
CA MET B 200 -11.14 -6.11 -36.88
C MET B 200 -12.34 -6.87 -36.27
N THR B 201 -12.50 -8.19 -36.61
CA THR B 201 -13.56 -9.07 -36.07
C THR B 201 -13.36 -9.26 -34.55
N GLU B 202 -12.08 -9.52 -34.12
CA GLU B 202 -11.72 -9.70 -32.70
C GLU B 202 -11.82 -8.38 -31.94
N VAL B 203 -11.42 -7.24 -32.59
CA VAL B 203 -11.50 -5.89 -31.99
C VAL B 203 -13.01 -5.53 -31.74
N ASP B 204 -13.91 -5.92 -32.68
CA ASP B 204 -15.36 -5.70 -32.53
C ASP B 204 -15.95 -6.61 -31.44
N ARG B 205 -15.45 -7.88 -31.36
CA ARG B 205 -15.90 -8.91 -30.41
C ARG B 205 -15.60 -8.58 -28.95
N LEU B 206 -14.31 -8.30 -28.64
CA LEU B 206 -13.85 -8.09 -27.27
C LEU B 206 -13.76 -6.63 -26.85
N GLY B 207 -13.50 -5.74 -27.81
CA GLY B 207 -13.27 -4.33 -27.54
C GLY B 207 -11.78 -4.09 -27.38
N ILE B 208 -11.33 -2.84 -27.61
CA ILE B 208 -9.91 -2.49 -27.54
C ILE B 208 -9.30 -2.68 -26.11
N GLY B 209 -10.17 -2.71 -25.08
CA GLY B 209 -9.77 -2.93 -23.69
C GLY B 209 -9.25 -4.33 -23.46
N LYS B 210 -10.06 -5.36 -23.84
CA LYS B 210 -9.67 -6.76 -23.70
C LYS B 210 -8.61 -7.16 -24.73
N VAL B 211 -8.60 -6.49 -25.93
CA VAL B 211 -7.61 -6.73 -26.99
C VAL B 211 -6.20 -6.42 -26.46
N MET B 212 -6.03 -5.25 -25.79
CA MET B 212 -4.75 -4.84 -25.21
C MET B 212 -4.38 -5.64 -23.96
N GLU B 213 -5.40 -6.02 -23.15
CA GLU B 213 -5.22 -6.83 -21.93
C GLU B 213 -4.67 -8.22 -22.29
N GLU B 214 -5.22 -8.84 -23.37
CA GLU B 214 -4.78 -10.15 -23.86
C GLU B 214 -3.43 -10.06 -24.58
N THR B 215 -3.20 -8.95 -25.37
CA THR B 215 -1.93 -8.72 -26.12
C THR B 215 -0.72 -8.71 -25.17
N LEU B 216 -0.80 -7.88 -24.10
CA LEU B 216 0.29 -7.75 -23.11
C LEU B 216 0.46 -9.01 -22.25
N SER B 217 -0.66 -9.72 -21.93
CA SER B 217 -0.62 -10.96 -21.14
C SER B 217 -0.02 -12.11 -21.97
N TYR B 218 -0.19 -12.07 -23.32
CA TYR B 218 0.34 -13.08 -24.23
C TYR B 218 1.87 -12.94 -24.43
N LEU B 219 2.38 -11.68 -24.51
CA LEU B 219 3.81 -11.41 -24.74
C LEU B 219 4.63 -11.27 -23.45
N LEU B 220 4.01 -10.78 -22.35
CA LEU B 220 4.73 -10.58 -21.07
C LEU B 220 4.29 -11.59 -19.97
N GLY B 221 3.59 -12.65 -20.39
CA GLY B 221 3.11 -13.70 -19.49
C GLY B 221 4.20 -14.57 -18.92
N ARG B 222 5.07 -15.13 -19.81
CA ARG B 222 6.20 -15.99 -19.40
C ARG B 222 7.24 -15.15 -18.61
N LYS B 223 7.67 -13.99 -19.17
CA LYS B 223 8.64 -13.08 -18.54
C LYS B 223 8.58 -11.67 -19.16
N LYS B 224 8.96 -10.63 -18.38
CA LYS B 224 8.99 -9.24 -18.86
C LYS B 224 10.17 -9.07 -19.82
N ARG B 225 9.88 -8.69 -21.07
CA ARG B 225 10.89 -8.53 -22.12
C ARG B 225 10.64 -7.25 -22.98
N PRO B 226 11.71 -6.71 -23.70
CA PRO B 226 11.49 -5.48 -24.51
C PRO B 226 10.37 -5.60 -25.54
N ILE B 227 9.68 -4.48 -25.82
CA ILE B 227 8.56 -4.44 -26.76
C ILE B 227 8.89 -3.61 -28.00
N HIS B 228 8.72 -4.21 -29.20
CA HIS B 228 8.91 -3.51 -30.47
C HIS B 228 7.55 -3.28 -31.10
N LEU B 229 7.15 -2.02 -31.26
CA LEU B 229 5.86 -1.67 -31.85
C LEU B 229 6.03 -1.20 -33.29
N SER B 230 5.62 -2.03 -34.26
CA SER B 230 5.68 -1.70 -35.66
C SER B 230 4.31 -1.14 -36.08
N PHE B 231 4.19 0.20 -36.11
CA PHE B 231 2.93 0.88 -36.40
C PHE B 231 2.80 1.35 -37.85
N ASP B 232 1.88 0.72 -38.58
CA ASP B 232 1.55 1.11 -39.94
C ASP B 232 0.31 1.99 -39.80
N VAL B 233 0.36 3.24 -40.34
CA VAL B 233 -0.74 4.21 -40.22
C VAL B 233 -2.04 3.71 -40.92
N ASP B 234 -1.93 2.74 -41.88
CA ASP B 234 -3.12 2.19 -42.56
C ASP B 234 -3.93 1.24 -41.64
N GLY B 235 -3.38 0.92 -40.45
CA GLY B 235 -4.05 0.11 -39.44
C GLY B 235 -5.28 0.83 -38.92
N LEU B 236 -5.18 2.17 -38.83
CA LEU B 236 -6.28 3.05 -38.43
C LEU B 236 -7.17 3.31 -39.66
N ASP B 237 -8.46 3.67 -39.43
CA ASP B 237 -9.45 3.94 -40.49
C ASP B 237 -9.00 5.11 -41.42
N PRO B 238 -9.26 5.02 -42.78
CA PRO B 238 -8.84 6.12 -43.69
C PRO B 238 -9.51 7.48 -43.41
N SER B 239 -10.43 7.54 -42.42
CA SER B 239 -11.07 8.81 -42.02
C SER B 239 -10.14 9.60 -41.06
N PHE B 240 -9.07 8.92 -40.53
CA PHE B 240 -8.09 9.53 -39.62
C PHE B 240 -6.70 9.59 -40.28
N THR B 241 -6.34 8.52 -41.07
CA THR B 241 -5.05 8.45 -41.79
C THR B 241 -5.26 8.19 -43.34
N PRO B 242 -5.89 9.16 -44.11
CA PRO B 242 -6.12 8.91 -45.55
C PRO B 242 -4.86 8.92 -46.42
N ALA B 243 -3.85 9.75 -46.06
CA ALA B 243 -2.60 9.85 -46.84
C ALA B 243 -1.68 8.63 -46.62
N THR B 244 -2.07 7.48 -47.23
CA THR B 244 -1.33 6.21 -47.15
C THR B 244 -1.55 5.38 -48.45
N GLY B 245 -0.55 4.53 -48.79
CA GLY B 245 -0.54 3.72 -50.01
C GLY B 245 -1.65 2.71 -50.16
N THR B 246 -1.95 1.94 -49.09
CA THR B 246 -2.99 0.89 -49.11
C THR B 246 -4.09 1.13 -48.03
N PRO B 247 -5.02 2.12 -48.24
CA PRO B 247 -6.07 2.35 -47.23
C PRO B 247 -7.24 1.38 -47.36
N VAL B 248 -7.69 0.80 -46.22
CA VAL B 248 -8.82 -0.17 -46.16
C VAL B 248 -9.88 0.34 -45.16
N VAL B 249 -11.16 0.39 -45.60
CA VAL B 249 -12.30 0.85 -44.77
C VAL B 249 -12.58 -0.06 -43.54
N GLY B 250 -13.22 0.51 -42.51
CA GLY B 250 -13.55 -0.21 -41.27
C GLY B 250 -12.34 -0.50 -40.41
N GLY B 251 -11.49 0.50 -40.24
CA GLY B 251 -10.26 0.37 -39.47
C GLY B 251 -10.37 0.80 -38.03
N LEU B 252 -9.22 0.78 -37.32
CA LEU B 252 -9.14 1.19 -35.92
C LEU B 252 -9.43 2.67 -35.80
N THR B 253 -10.16 3.08 -34.77
CA THR B 253 -10.51 4.49 -34.57
C THR B 253 -9.31 5.25 -34.00
N TYR B 254 -9.37 6.61 -34.03
CA TYR B 254 -8.33 7.50 -33.46
C TYR B 254 -8.13 7.16 -31.96
N ARG B 255 -9.26 6.89 -31.25
CA ARG B 255 -9.30 6.52 -29.82
C ARG B 255 -8.63 5.16 -29.57
N GLU B 256 -8.96 4.14 -30.41
CA GLU B 256 -8.40 2.78 -30.30
C GLU B 256 -6.88 2.81 -30.50
N GLY B 257 -6.43 3.59 -31.50
CA GLY B 257 -5.01 3.78 -31.78
C GLY B 257 -4.26 4.40 -30.63
N LEU B 258 -4.89 5.41 -29.95
CA LEU B 258 -4.30 6.07 -28.77
C LEU B 258 -4.28 5.12 -27.60
N TYR B 259 -5.37 4.31 -27.42
CA TYR B 259 -5.47 3.33 -26.33
C TYR B 259 -4.38 2.25 -26.41
N ILE B 260 -4.09 1.75 -27.65
CA ILE B 260 -3.05 0.72 -27.90
C ILE B 260 -1.69 1.28 -27.45
N THR B 261 -1.36 2.49 -27.94
CA THR B 261 -0.09 3.18 -27.68
C THR B 261 0.05 3.64 -26.19
N GLU B 262 -1.08 4.02 -25.53
CA GLU B 262 -1.07 4.43 -24.10
C GLU B 262 -0.77 3.24 -23.19
N GLU B 263 -1.34 2.04 -23.51
CA GLU B 263 -1.14 0.80 -22.74
C GLU B 263 0.29 0.28 -22.89
N ILE B 264 0.86 0.41 -24.12
CA ILE B 264 2.24 -0.02 -24.42
C ILE B 264 3.28 0.82 -23.63
N TYR B 265 3.03 2.15 -23.48
CA TYR B 265 3.92 3.02 -22.71
C TYR B 265 3.91 2.64 -21.21
N LYS B 266 2.70 2.40 -20.65
CA LYS B 266 2.46 2.09 -19.22
C LYS B 266 3.18 0.80 -18.74
N THR B 267 3.57 -0.10 -19.67
CA THR B 267 4.33 -1.32 -19.31
C THR B 267 5.78 -0.96 -18.97
N GLY B 268 6.25 0.17 -19.52
CA GLY B 268 7.62 0.66 -19.36
C GLY B 268 8.64 -0.23 -20.02
N LEU B 269 8.19 -0.98 -21.06
CA LEU B 269 9.03 -1.95 -21.77
C LEU B 269 9.21 -1.64 -23.27
N LEU B 270 8.58 -0.52 -23.79
CA LEU B 270 8.75 -0.11 -25.20
C LEU B 270 10.22 0.20 -25.46
N SER B 271 10.85 -0.54 -26.37
CA SER B 271 12.27 -0.38 -26.69
C SER B 271 12.50 -0.03 -28.17
N GLY B 272 11.50 -0.30 -29.01
CA GLY B 272 11.55 0.01 -30.44
C GLY B 272 10.21 0.43 -31.00
N LEU B 273 10.20 1.48 -31.86
CA LEU B 273 8.96 1.98 -32.45
C LEU B 273 9.16 2.38 -33.92
N ASP B 274 8.22 1.94 -34.79
CA ASP B 274 8.23 2.26 -36.22
C ASP B 274 6.95 3.02 -36.58
N ILE B 275 7.08 4.17 -37.25
CA ILE B 275 5.92 4.96 -37.73
C ILE B 275 6.03 4.93 -39.25
N MET B 276 5.32 3.96 -39.88
CA MET B 276 5.45 3.70 -41.32
C MET B 276 4.21 4.02 -42.15
N GLU B 277 4.41 4.06 -43.51
CA GLU B 277 3.40 4.26 -44.57
C GLU B 277 2.77 5.69 -44.59
N VAL B 278 3.47 6.70 -44.03
CA VAL B 278 2.99 8.09 -44.09
C VAL B 278 3.41 8.68 -45.46
N ASN B 279 2.46 8.75 -46.42
CA ASN B 279 2.72 9.29 -47.76
C ASN B 279 2.04 10.67 -47.97
N PRO B 280 2.80 11.80 -47.81
CA PRO B 280 2.19 13.14 -47.94
C PRO B 280 1.76 13.57 -49.37
N SER B 281 1.94 12.68 -50.38
CA SER B 281 1.54 12.99 -51.76
C SER B 281 0.30 12.16 -52.20
N LEU B 282 -0.15 11.18 -51.36
CA LEU B 282 -1.32 10.33 -51.67
C LEU B 282 -2.62 10.76 -50.94
N GLY B 283 -2.82 12.07 -50.82
CA GLY B 283 -4.01 12.64 -50.21
C GLY B 283 -4.90 13.33 -51.23
N LYS B 284 -6.23 13.29 -51.01
CA LYS B 284 -7.21 13.94 -51.91
C LYS B 284 -7.12 15.47 -51.78
N THR B 285 -6.97 15.97 -50.52
CA THR B 285 -6.84 17.41 -50.21
C THR B 285 -5.62 17.64 -49.28
N PRO B 286 -5.03 18.89 -49.22
CA PRO B 286 -3.89 19.11 -48.28
C PRO B 286 -4.30 18.90 -46.80
N GLU B 287 -5.63 19.06 -46.48
CA GLU B 287 -6.21 18.84 -45.15
C GLU B 287 -6.08 17.34 -44.78
N GLU B 288 -6.32 16.43 -45.76
CA GLU B 288 -6.21 14.97 -45.58
C GLU B 288 -4.78 14.56 -45.25
N VAL B 289 -3.78 15.29 -45.83
CA VAL B 289 -2.34 15.07 -45.58
C VAL B 289 -2.01 15.49 -44.13
N THR B 290 -2.45 16.71 -43.71
CA THR B 290 -2.22 17.23 -42.35
C THR B 290 -2.93 16.35 -41.29
N ARG B 291 -4.13 15.80 -41.64
CA ARG B 291 -4.92 14.93 -40.76
C ARG B 291 -4.17 13.63 -40.44
N THR B 292 -3.48 13.05 -41.47
CA THR B 292 -2.69 11.80 -41.33
C THR B 292 -1.48 12.05 -40.43
N VAL B 293 -0.72 13.14 -40.70
CA VAL B 293 0.49 13.52 -39.96
C VAL B 293 0.17 13.83 -38.49
N ASN B 294 -0.90 14.66 -38.23
CA ASN B 294 -1.34 14.99 -36.86
C ASN B 294 -1.68 13.71 -36.06
N THR B 295 -2.40 12.76 -36.71
CA THR B 295 -2.77 11.47 -36.11
C THR B 295 -1.50 10.64 -35.82
N ALA B 296 -0.53 10.60 -36.81
CA ALA B 296 0.75 9.88 -36.67
C ALA B 296 1.60 10.46 -35.52
N VAL B 297 1.61 11.81 -35.36
CA VAL B 297 2.33 12.50 -34.27
C VAL B 297 1.67 12.13 -32.92
N ALA B 298 0.30 12.19 -32.87
CA ALA B 298 -0.50 11.83 -31.66
C ALA B 298 -0.23 10.39 -31.21
N ILE B 299 -0.11 9.44 -32.19
CA ILE B 299 0.21 8.01 -31.93
C ILE B 299 1.61 7.92 -31.25
N THR B 300 2.60 8.66 -31.82
CA THR B 300 3.99 8.69 -31.32
C THR B 300 4.09 9.31 -29.92
N LEU B 301 3.37 10.45 -29.66
CA LEU B 301 3.38 11.12 -28.35
C LEU B 301 2.82 10.24 -27.25
N ALA B 302 1.77 9.44 -27.56
CA ALA B 302 1.15 8.52 -26.61
C ALA B 302 2.11 7.36 -26.25
N CYS B 303 3.02 6.99 -27.20
CA CYS B 303 4.03 5.95 -26.99
C CYS B 303 5.08 6.39 -25.95
N PHE B 304 5.28 7.73 -25.79
CA PHE B 304 6.31 8.26 -24.91
C PHE B 304 5.80 9.13 -23.72
N GLY B 305 4.61 8.80 -23.19
CA GLY B 305 4.10 9.48 -22.01
C GLY B 305 2.79 10.22 -22.08
N LEU B 306 2.44 10.80 -23.27
CA LEU B 306 1.21 11.60 -23.39
C LEU B 306 -0.07 10.79 -23.13
N ALA B 307 -0.72 11.07 -22.00
CA ALA B 307 -1.96 10.41 -21.57
C ALA B 307 -3.14 11.37 -21.68
N ARG B 308 -4.29 10.86 -22.18
CA ARG B 308 -5.52 11.66 -22.35
C ARG B 308 -6.08 12.19 -21.02
N GLU B 309 -5.89 11.42 -19.90
CA GLU B 309 -6.35 11.83 -18.56
C GLU B 309 -5.57 13.07 -18.03
N GLY B 310 -4.38 13.32 -18.62
CA GLY B 310 -3.52 14.45 -18.24
C GLY B 310 -2.12 14.01 -17.85
N ASN B 311 -1.17 14.98 -17.86
CA ASN B 311 0.23 14.75 -17.47
C ASN B 311 0.72 15.92 -16.64
N HIS B 312 1.48 15.63 -15.55
CA HIS B 312 2.02 16.70 -14.69
C HIS B 312 3.40 16.37 -14.12
N LYS B 313 4.25 17.42 -13.96
CA LYS B 313 5.62 17.29 -13.40
C LYS B 313 5.54 16.97 -11.87
N PRO B 314 6.60 16.35 -11.23
CA PRO B 314 6.50 16.03 -9.79
C PRO B 314 6.72 17.27 -8.88
N ILE B 315 5.93 18.33 -9.10
CA ILE B 315 5.99 19.58 -8.35
C ILE B 315 4.59 19.97 -7.82
N ASP B 316 4.54 20.83 -6.79
CA ASP B 316 3.29 21.32 -6.23
C ASP B 316 2.76 22.45 -7.12
N TYR B 317 1.72 22.15 -7.94
CA TYR B 317 1.12 23.12 -8.88
C TYR B 317 0.31 24.21 -8.16
N LEU B 318 -0.16 23.93 -6.92
CA LEU B 318 -0.92 24.91 -6.12
C LEU B 318 0.04 25.83 -5.30
N ASN B 319 1.36 25.48 -5.27
CA ASN B 319 2.39 26.27 -4.59
C ASN B 319 3.70 26.36 -5.45
N PRO B 320 3.70 27.15 -6.58
CA PRO B 320 4.93 27.23 -7.42
C PRO B 320 5.99 28.16 -6.82
N ALA C 3 39.25 10.25 10.71
CA ALA C 3 38.71 8.98 10.21
C ALA C 3 37.32 9.18 9.58
N LYS C 4 36.99 8.33 8.57
CA LYS C 4 35.69 8.36 7.85
C LYS C 4 34.50 8.15 8.82
N SER C 5 34.67 7.24 9.81
CA SER C 5 33.62 6.94 10.81
C SER C 5 33.40 8.08 11.84
N ARG C 6 34.32 9.09 11.85
CA ARG C 6 34.22 10.22 12.78
C ARG C 6 34.08 11.60 12.05
N THR C 7 33.92 11.59 10.70
CA THR C 7 33.72 12.83 9.90
C THR C 7 32.19 13.08 9.78
N ILE C 8 31.69 14.11 10.51
CA ILE C 8 30.25 14.40 10.61
C ILE C 8 29.83 15.73 9.96
N GLY C 9 28.59 15.75 9.46
CA GLY C 9 27.92 16.92 8.89
C GLY C 9 26.58 17.09 9.59
N ILE C 10 26.55 17.98 10.62
CA ILE C 10 25.36 18.20 11.46
C ILE C 10 24.30 19.10 10.81
N ILE C 11 23.03 18.61 10.78
CA ILE C 11 21.88 19.32 10.23
C ILE C 11 20.79 19.44 11.29
N GLY C 12 20.38 20.68 11.58
CA GLY C 12 19.31 20.95 12.52
C GLY C 12 17.97 20.91 11.81
N ALA C 13 17.01 20.14 12.32
CA ALA C 13 15.68 20.03 11.71
C ALA C 13 14.55 20.46 12.70
N PRO C 14 14.38 21.81 12.95
CA PRO C 14 13.31 22.25 13.88
C PRO C 14 11.90 22.13 13.26
N PHE C 15 11.35 20.90 13.25
CA PHE C 15 10.04 20.63 12.64
C PHE C 15 9.13 19.84 13.59
N SER C 16 7.81 20.21 13.63
CA SER C 16 6.85 19.58 14.54
C SER C 16 5.51 19.16 13.87
N LYS C 17 5.17 19.73 12.68
CA LYS C 17 3.88 19.49 11.98
C LYS C 17 3.63 18.01 11.51
N GLY C 18 4.56 17.10 11.84
CA GLY C 18 4.40 15.67 11.54
C GLY C 18 3.60 14.95 12.63
N GLN C 19 3.35 15.65 13.77
CA GLN C 19 2.59 15.15 14.92
C GLN C 19 1.81 16.33 15.64
N PRO C 20 0.85 16.07 16.58
CA PRO C 20 0.09 17.20 17.16
C PRO C 20 0.63 17.80 18.48
N ARG C 21 1.74 17.23 19.04
CA ARG C 21 2.29 17.73 20.32
C ARG C 21 3.45 18.73 20.12
N GLY C 22 3.20 20.00 20.42
CA GLY C 22 4.18 21.07 20.29
C GLY C 22 5.36 20.93 21.23
N GLY C 23 6.57 21.12 20.71
CA GLY C 23 7.80 21.03 21.49
C GLY C 23 8.98 20.36 20.78
N VAL C 24 8.69 19.36 19.88
CA VAL C 24 9.75 18.61 19.12
C VAL C 24 10.61 19.51 18.23
N GLU C 25 10.06 20.68 17.80
CA GLU C 25 10.80 21.66 16.99
C GLU C 25 11.99 22.27 17.78
N GLU C 26 11.92 22.21 19.14
CA GLU C 26 12.98 22.72 20.03
C GLU C 26 14.03 21.61 20.34
N GLY C 27 13.84 20.42 19.72
CA GLY C 27 14.74 19.27 19.86
C GLY C 27 16.20 19.57 19.52
N PRO C 28 16.50 20.21 18.32
CA PRO C 28 17.91 20.51 18.00
C PRO C 28 18.54 21.54 18.94
N THR C 29 17.76 22.58 19.37
CA THR C 29 18.22 23.68 20.26
C THR C 29 18.76 23.14 21.61
N VAL C 30 17.95 22.30 22.32
CA VAL C 30 18.35 21.75 23.63
C VAL C 30 19.48 20.69 23.48
N LEU C 31 19.56 20.02 22.28
CA LEU C 31 20.65 19.07 21.98
C LEU C 31 21.95 19.84 21.77
N ARG C 32 21.85 21.05 21.13
CA ARG C 32 23.00 21.95 20.89
C ARG C 32 23.44 22.59 22.22
N LYS C 33 22.43 22.96 23.09
CA LYS C 33 22.68 23.58 24.42
C LYS C 33 23.47 22.67 25.35
N ALA C 34 23.27 21.32 25.22
CA ALA C 34 24.00 20.32 26.02
C ALA C 34 25.49 20.20 25.59
N GLY C 35 25.85 20.89 24.50
CA GLY C 35 27.21 20.91 23.97
C GLY C 35 27.58 19.66 23.20
N LEU C 36 26.60 19.11 22.41
CA LEU C 36 26.78 17.89 21.59
C LEU C 36 27.88 18.09 20.54
N LEU C 37 27.89 19.26 19.84
CA LEU C 37 28.88 19.60 18.82
C LEU C 37 30.31 19.64 19.41
N GLU C 38 30.45 20.28 20.60
CA GLU C 38 31.73 20.40 21.32
C GLU C 38 32.21 19.06 21.87
N LYS C 39 31.26 18.21 22.39
CA LYS C 39 31.57 16.87 22.92
C LYS C 39 32.08 15.93 21.81
N LEU C 40 31.56 16.11 20.55
CA LEU C 40 32.01 15.32 19.40
C LEU C 40 33.43 15.70 18.99
N LYS C 41 33.76 17.03 18.98
CA LYS C 41 35.12 17.53 18.64
C LYS C 41 36.16 17.04 19.68
N GLU C 42 35.73 16.85 20.95
CA GLU C 42 36.58 16.36 22.05
C GLU C 42 36.98 14.88 21.89
N GLN C 43 36.16 14.09 21.13
CA GLN C 43 36.44 12.66 20.90
C GLN C 43 36.98 12.38 19.45
N GLU C 44 37.83 13.33 18.93
CA GLU C 44 38.50 13.25 17.60
C GLU C 44 37.50 13.13 16.42
N CYS C 45 36.56 14.10 16.29
CA CYS C 45 35.57 14.12 15.21
C CYS C 45 35.70 15.36 14.36
N ASP C 46 35.63 15.21 13.01
CA ASP C 46 35.63 16.33 12.07
C ASP C 46 34.18 16.82 11.96
N VAL C 47 33.85 17.88 12.73
CA VAL C 47 32.49 18.41 12.82
C VAL C 47 32.26 19.63 11.90
N LYS C 48 31.26 19.52 11.01
CA LYS C 48 30.82 20.62 10.12
C LYS C 48 29.35 20.90 10.41
N ASP C 49 29.04 22.14 10.82
CA ASP C 49 27.69 22.54 11.17
C ASP C 49 26.98 23.19 9.98
N TYR C 50 26.00 22.47 9.40
CA TYR C 50 25.23 22.96 8.26
C TYR C 50 24.03 23.84 8.70
N GLY C 51 23.95 24.10 10.02
CA GLY C 51 22.93 24.93 10.64
C GLY C 51 21.56 24.30 10.72
N ASP C 52 20.59 25.07 11.28
CA ASP C 52 19.21 24.62 11.41
C ASP C 52 18.42 25.05 10.16
N LEU C 53 17.75 24.08 9.50
CA LEU C 53 16.98 24.35 8.27
C LEU C 53 15.79 25.31 8.53
N PRO C 54 15.65 26.39 7.71
CA PRO C 54 14.51 27.30 7.91
C PRO C 54 13.24 26.79 7.22
N PHE C 55 12.33 26.17 8.01
CA PHE C 55 11.09 25.63 7.47
C PHE C 55 10.00 26.72 7.41
N ALA C 56 9.75 27.26 6.19
CA ALA C 56 8.74 28.31 5.97
C ALA C 56 7.33 27.74 6.12
N ASP C 57 6.46 28.48 6.83
CA ASP C 57 5.09 28.05 7.09
C ASP C 57 4.18 28.22 5.87
N ILE C 58 3.37 27.18 5.56
CA ILE C 58 2.40 27.21 4.47
C ILE C 58 1.01 27.58 5.08
N PRO C 59 0.46 28.79 4.78
CA PRO C 59 -0.80 29.21 5.43
C PRO C 59 -2.07 28.49 4.95
N ASN C 60 -2.02 27.85 3.77
CA ASN C 60 -3.19 27.14 3.21
C ASN C 60 -2.98 25.61 3.16
N ASP C 61 -2.27 25.05 4.17
CA ASP C 61 -1.99 23.62 4.23
C ASP C 61 -3.23 22.81 4.66
N SER C 62 -4.12 22.51 3.69
CA SER C 62 -5.34 21.74 3.91
C SER C 62 -5.02 20.24 4.13
N PRO C 63 -5.78 19.51 5.01
CA PRO C 63 -5.44 18.09 5.25
C PRO C 63 -5.88 17.15 4.13
N PHE C 64 -5.09 16.07 3.90
CA PHE C 64 -5.41 15.03 2.90
C PHE C 64 -6.26 13.97 3.62
N GLN C 65 -7.62 14.06 3.49
CA GLN C 65 -8.61 13.20 4.20
C GLN C 65 -8.50 13.47 5.74
N ILE C 66 -7.71 12.64 6.48
CA ILE C 66 -7.48 12.83 7.92
C ILE C 66 -6.00 13.15 8.20
N VAL C 67 -5.12 12.96 7.16
CA VAL C 67 -3.67 13.22 7.22
C VAL C 67 -3.40 14.74 7.39
N LYS C 68 -2.86 15.15 8.57
CA LYS C 68 -2.61 16.56 8.93
C LYS C 68 -1.35 17.14 8.29
N ASN C 69 -1.41 18.45 7.94
CA ASN C 69 -0.30 19.26 7.35
C ASN C 69 0.56 18.50 6.27
N PRO C 70 -0.04 17.98 5.15
CA PRO C 70 0.76 17.22 4.16
C PRO C 70 1.83 18.03 3.43
N ARG C 71 1.51 19.30 3.05
CA ARG C 71 2.46 20.16 2.32
C ARG C 71 3.66 20.59 3.17
N SER C 72 3.44 20.89 4.48
CA SER C 72 4.51 21.28 5.41
C SER C 72 5.48 20.12 5.67
N VAL C 73 4.93 18.90 5.89
CA VAL C 73 5.72 17.67 6.13
C VAL C 73 6.48 17.28 4.85
N GLY C 74 5.81 17.40 3.70
CA GLY C 74 6.38 17.10 2.40
C GLY C 74 7.52 18.02 2.02
N LYS C 75 7.36 19.35 2.27
CA LYS C 75 8.39 20.36 1.96
C LYS C 75 9.57 20.27 2.94
N ALA C 76 9.30 19.93 4.24
CA ALA C 76 10.35 19.79 5.26
C ALA C 76 11.28 18.63 4.92
N SER C 77 10.69 17.49 4.49
CA SER C 77 11.46 16.32 4.08
C SER C 77 12.18 16.58 2.75
N GLU C 78 11.54 17.34 1.80
CA GLU C 78 12.14 17.70 0.50
C GLU C 78 13.41 18.57 0.72
N GLN C 79 13.33 19.55 1.66
CA GLN C 79 14.46 20.43 2.01
C GLN C 79 15.58 19.64 2.67
N LEU C 80 15.20 18.72 3.62
CA LEU C 80 16.15 17.86 4.34
C LEU C 80 16.86 16.88 3.39
N ALA C 81 16.11 16.33 2.37
CA ALA C 81 16.65 15.41 1.38
C ALA C 81 17.80 16.06 0.59
N GLY C 82 17.60 17.34 0.21
CA GLY C 82 18.61 18.11 -0.51
C GLY C 82 19.83 18.42 0.36
N LYS C 83 19.59 18.64 1.68
CA LYS C 83 20.66 18.94 2.64
C LYS C 83 21.49 17.70 3.00
N VAL C 84 20.82 16.53 3.21
CA VAL C 84 21.51 15.25 3.53
C VAL C 84 22.40 14.82 2.33
N ALA C 85 21.86 14.92 1.08
CA ALA C 85 22.59 14.58 -0.16
C ALA C 85 23.83 15.48 -0.32
N GLU C 86 23.71 16.79 0.07
CA GLU C 86 24.80 17.78 0.02
C GLU C 86 25.92 17.36 1.00
N VAL C 87 25.53 16.92 2.22
CA VAL C 87 26.45 16.45 3.27
C VAL C 87 27.14 15.14 2.81
N LYS C 88 26.35 14.18 2.24
CA LYS C 88 26.86 12.89 1.76
C LYS C 88 27.85 13.03 0.59
N LYS C 89 27.63 14.05 -0.29
CA LYS C 89 28.53 14.31 -1.44
C LYS C 89 29.88 14.90 -0.97
N ASN C 90 29.89 15.53 0.24
CA ASN C 90 31.10 16.10 0.84
C ASN C 90 31.94 15.01 1.59
N GLY C 91 31.43 13.76 1.62
CA GLY C 91 32.07 12.63 2.27
C GLY C 91 31.98 12.69 3.79
N ARG C 92 30.78 13.08 4.30
CA ARG C 92 30.52 13.21 5.74
C ARG C 92 29.31 12.41 6.14
N ILE C 93 29.27 11.95 7.41
CA ILE C 93 28.11 11.24 7.95
C ILE C 93 27.06 12.28 8.31
N SER C 94 25.86 12.16 7.73
CA SER C 94 24.77 13.10 7.99
C SER C 94 24.15 12.83 9.37
N LEU C 95 24.17 13.86 10.24
CA LEU C 95 23.58 13.78 11.57
C LEU C 95 22.40 14.75 11.65
N VAL C 96 21.19 14.20 11.50
CA VAL C 96 19.95 14.98 11.52
C VAL C 96 19.43 15.06 12.94
N LEU C 97 19.34 16.29 13.49
CA LEU C 97 18.81 16.55 14.82
C LEU C 97 17.35 16.93 14.70
N GLY C 98 16.47 16.03 15.13
CA GLY C 98 15.03 16.25 15.07
C GLY C 98 14.49 17.01 16.28
N GLY C 99 13.20 17.40 16.24
CA GLY C 99 12.29 17.16 15.13
C GLY C 99 11.56 15.83 15.20
N ASP C 100 10.34 15.77 14.62
CA ASP C 100 9.54 14.54 14.62
C ASP C 100 10.06 13.54 13.56
N HIS C 101 9.68 12.25 13.70
CA HIS C 101 10.16 11.15 12.85
C HIS C 101 9.68 11.18 11.36
N SER C 102 8.77 12.12 10.98
CA SER C 102 8.33 12.22 9.56
C SER C 102 9.48 12.71 8.67
N LEU C 103 10.47 13.41 9.28
CA LEU C 103 11.66 13.93 8.59
C LEU C 103 12.57 12.80 8.07
N ALA C 104 12.36 11.54 8.56
CA ALA C 104 13.11 10.35 8.11
C ALA C 104 12.86 10.10 6.60
N ILE C 105 11.70 10.58 6.05
CA ILE C 105 11.39 10.49 4.60
C ILE C 105 12.51 11.20 3.83
N GLY C 106 12.83 12.43 4.26
CA GLY C 106 13.88 13.24 3.64
C GLY C 106 15.28 12.74 3.90
N SER C 107 15.60 12.47 5.20
CA SER C 107 16.93 12.00 5.61
C SER C 107 17.39 10.73 4.87
N ILE C 108 16.48 9.73 4.73
CA ILE C 108 16.80 8.47 4.02
C ILE C 108 16.85 8.68 2.49
N SER C 109 15.87 9.47 1.91
CA SER C 109 15.82 9.76 0.46
C SER C 109 17.08 10.47 -0.03
N GLY C 110 17.54 11.48 0.74
CA GLY C 110 18.75 12.24 0.43
C GLY C 110 20.01 11.41 0.51
N HIS C 111 20.05 10.51 1.53
CA HIS C 111 21.17 9.59 1.76
C HIS C 111 21.23 8.53 0.62
N ALA C 112 20.04 8.05 0.16
CA ALA C 112 19.92 7.07 -0.92
C ALA C 112 20.32 7.62 -2.29
N ARG C 113 20.19 8.97 -2.48
CA ARG C 113 20.58 9.66 -3.74
C ARG C 113 22.08 9.51 -4.01
N VAL C 114 22.90 9.47 -2.93
CA VAL C 114 24.37 9.32 -3.00
C VAL C 114 24.77 7.84 -2.78
N HIS C 115 24.06 7.13 -1.85
CA HIS C 115 24.32 5.71 -1.53
C HIS C 115 23.01 4.86 -1.71
N PRO C 116 22.71 4.36 -2.96
CA PRO C 116 21.47 3.57 -3.14
C PRO C 116 21.50 2.14 -2.55
N ASP C 117 22.71 1.66 -2.14
CA ASP C 117 22.89 0.32 -1.56
C ASP C 117 22.87 0.34 -0.01
N LEU C 118 22.34 1.44 0.61
CA LEU C 118 22.29 1.57 2.08
C LEU C 118 21.30 0.60 2.76
N GLY C 119 21.58 0.30 4.03
CA GLY C 119 20.73 -0.51 4.90
C GLY C 119 20.24 0.32 6.06
N VAL C 120 18.96 0.14 6.45
CA VAL C 120 18.35 0.94 7.51
C VAL C 120 18.17 0.16 8.83
N ILE C 121 18.66 0.73 9.95
CA ILE C 121 18.44 0.20 11.29
C ILE C 121 17.49 1.20 11.98
N TRP C 122 16.26 0.75 12.24
CA TRP C 122 15.21 1.58 12.80
C TRP C 122 14.97 1.28 14.29
N VAL C 123 15.55 2.12 15.19
CA VAL C 123 15.35 1.95 16.65
C VAL C 123 14.17 2.81 17.05
N ASP C 124 13.05 2.15 17.43
CA ASP C 124 11.79 2.83 17.73
C ASP C 124 10.86 1.89 18.47
N ALA C 125 9.92 2.46 19.27
CA ALA C 125 8.88 1.68 19.96
C ALA C 125 7.75 1.35 18.96
N HIS C 126 7.73 2.10 17.83
CA HIS C 126 6.71 2.01 16.78
C HIS C 126 7.32 1.68 15.42
N THR C 127 6.53 1.05 14.52
CA THR C 127 6.99 0.70 13.18
C THR C 127 7.05 1.90 12.24
N ASP C 128 6.17 2.94 12.47
CA ASP C 128 6.07 4.18 11.63
C ASP C 128 5.86 3.82 10.14
N ILE C 129 5.18 2.68 9.89
CA ILE C 129 4.94 2.12 8.56
C ILE C 129 3.46 2.33 8.07
N ASN C 130 2.63 3.09 8.85
CA ASN C 130 1.23 3.39 8.48
C ASN C 130 1.19 4.12 7.15
N THR C 131 0.21 3.79 6.32
CA THR C 131 0.04 4.45 5.02
C THR C 131 -0.99 5.59 5.20
N PRO C 132 -1.06 6.60 4.26
CA PRO C 132 -2.09 7.66 4.41
C PRO C 132 -3.53 7.12 4.45
N LEU C 133 -3.73 5.83 4.05
CA LEU C 133 -5.04 5.17 4.06
C LEU C 133 -5.27 4.30 5.33
N THR C 134 -4.19 3.65 5.87
CA THR C 134 -4.30 2.79 7.08
C THR C 134 -4.22 3.59 8.40
N THR C 135 -3.66 4.84 8.35
CA THR C 135 -3.53 5.72 9.53
C THR C 135 -4.89 6.05 10.17
N THR C 136 -4.95 6.06 11.51
CA THR C 136 -6.17 6.36 12.28
C THR C 136 -6.07 7.74 12.94
N SER C 137 -4.83 8.24 13.14
CA SER C 137 -4.56 9.53 13.78
C SER C 137 -4.38 10.66 12.75
N GLY C 138 -3.78 10.32 11.61
CA GLY C 138 -3.48 11.28 10.55
C GLY C 138 -2.16 12.00 10.74
N ASN C 139 -1.32 11.51 11.69
CA ASN C 139 -0.01 12.08 11.98
C ASN C 139 1.06 11.40 11.12
N LEU C 140 1.76 12.21 10.28
CA LEU C 140 2.77 11.71 9.33
C LEU C 140 4.07 11.20 9.98
N HIS C 141 4.31 11.48 11.30
CA HIS C 141 5.52 10.97 12.01
C HIS C 141 5.47 9.43 12.21
N GLY C 142 4.27 8.86 12.04
CA GLY C 142 4.06 7.42 12.11
C GLY C 142 3.79 6.82 10.74
N GLN C 143 4.21 7.55 9.66
CA GLN C 143 4.03 7.15 8.25
C GLN C 143 5.36 7.17 7.36
N PRO C 144 6.60 7.50 7.91
CA PRO C 144 7.77 7.64 7.00
C PRO C 144 8.19 6.38 6.23
N VAL C 145 8.20 5.20 6.88
CA VAL C 145 8.63 3.93 6.25
C VAL C 145 7.76 3.55 5.02
N SER C 146 6.42 3.83 5.08
CA SER C 146 5.49 3.52 3.97
C SER C 146 5.85 4.28 2.67
N PHE C 147 6.28 5.55 2.80
CA PHE C 147 6.67 6.40 1.66
C PHE C 147 8.02 5.98 1.06
N LEU C 148 8.89 5.32 1.88
CA LEU C 148 10.25 4.92 1.46
C LEU C 148 10.35 3.50 0.85
N LEU C 149 9.42 2.59 1.19
CA LEU C 149 9.47 1.20 0.72
C LEU C 149 9.03 1.01 -0.73
N LYS C 150 9.87 0.27 -1.53
CA LYS C 150 9.62 -0.02 -2.96
C LYS C 150 8.41 -0.93 -3.15
N GLU C 151 8.23 -1.94 -2.24
CA GLU C 151 7.12 -2.90 -2.30
C GLU C 151 5.74 -2.25 -2.02
N LEU C 152 5.74 -1.02 -1.44
CA LEU C 152 4.50 -0.29 -1.13
C LEU C 152 4.13 0.78 -2.20
N LYS C 153 4.93 0.86 -3.32
CA LYS C 153 4.64 1.78 -4.44
C LYS C 153 3.35 1.32 -5.14
N GLY C 154 2.41 2.25 -5.30
CA GLY C 154 1.11 1.97 -5.89
C GLY C 154 0.02 1.84 -4.82
N LYS C 155 0.46 1.62 -3.55
CA LYS C 155 -0.44 1.51 -2.39
C LYS C 155 -0.50 2.85 -1.63
N ILE C 156 0.45 3.78 -1.95
CA ILE C 156 0.50 5.11 -1.36
C ILE C 156 -0.20 6.09 -2.34
N PRO C 157 -1.34 6.74 -1.93
CA PRO C 157 -2.03 7.66 -2.85
C PRO C 157 -1.24 8.97 -3.09
N ASP C 158 -1.67 9.78 -4.09
CA ASP C 158 -1.03 11.05 -4.41
C ASP C 158 -1.30 12.10 -3.32
N VAL C 159 -0.40 12.16 -2.32
CA VAL C 159 -0.50 13.10 -1.19
C VAL C 159 0.24 14.42 -1.57
N PRO C 160 -0.43 15.61 -1.44
CA PRO C 160 0.23 16.88 -1.81
C PRO C 160 1.52 17.13 -1.02
N GLY C 161 2.59 17.49 -1.74
CA GLY C 161 3.90 17.75 -1.17
C GLY C 161 4.84 16.55 -1.16
N PHE C 162 4.34 15.36 -1.62
CA PHE C 162 5.14 14.13 -1.65
C PHE C 162 5.38 13.57 -3.07
N SER C 163 5.16 14.40 -4.14
CA SER C 163 5.36 14.00 -5.54
C SER C 163 6.86 13.79 -5.86
N TRP C 164 7.76 14.47 -5.09
CA TRP C 164 9.22 14.36 -5.26
C TRP C 164 9.74 13.00 -4.75
N VAL C 165 9.00 12.36 -3.79
CA VAL C 165 9.37 11.08 -3.16
C VAL C 165 9.46 9.93 -4.18
N THR C 166 10.57 9.20 -4.14
CA THR C 166 10.82 8.02 -4.97
C THR C 166 11.22 6.88 -4.00
N PRO C 167 10.43 5.75 -3.93
CA PRO C 167 10.80 4.66 -3.01
C PRO C 167 12.23 4.18 -3.27
N CYS C 168 13.09 4.23 -2.23
CA CYS C 168 14.52 3.94 -2.35
C CYS C 168 14.98 2.67 -1.61
N ILE C 169 14.23 2.24 -0.58
CA ILE C 169 14.62 1.04 0.19
C ILE C 169 13.64 -0.12 0.00
N SER C 170 14.17 -1.35 -0.11
CA SER C 170 13.36 -2.56 -0.24
C SER C 170 13.02 -3.09 1.17
N ALA C 171 12.02 -4.00 1.27
CA ALA C 171 11.57 -4.60 2.54
C ALA C 171 12.71 -5.34 3.27
N LYS C 172 13.62 -5.99 2.50
CA LYS C 172 14.78 -6.74 3.04
C LYS C 172 15.97 -5.84 3.49
N ASP C 173 15.89 -4.50 3.23
CA ASP C 173 16.96 -3.57 3.58
C ASP C 173 16.73 -2.77 4.89
N ILE C 174 15.62 -3.05 5.61
CA ILE C 174 15.28 -2.38 6.87
C ILE C 174 15.15 -3.38 8.04
N VAL C 175 15.78 -3.04 9.22
CA VAL C 175 15.70 -3.86 10.44
C VAL C 175 15.17 -3.01 11.61
N TYR C 176 14.08 -3.47 12.25
CA TYR C 176 13.48 -2.79 13.39
C TYR C 176 14.05 -3.32 14.70
N ILE C 177 14.23 -2.43 15.71
CA ILE C 177 14.71 -2.79 17.06
C ILE C 177 13.91 -2.00 18.12
N GLY C 178 13.30 -2.72 19.07
CA GLY C 178 12.58 -2.14 20.20
C GLY C 178 11.08 -1.93 20.05
N LEU C 179 10.44 -2.64 19.09
CA LEU C 179 8.98 -2.51 18.84
C LEU C 179 8.15 -3.03 20.01
N ARG C 180 7.08 -2.28 20.39
CA ARG C 180 6.16 -2.66 21.50
C ARG C 180 4.76 -2.00 21.38
N ASP C 181 4.59 -1.07 20.41
CA ASP C 181 3.30 -0.39 20.17
C ASP C 181 3.04 -0.30 18.66
N VAL C 182 2.63 -1.42 18.06
CA VAL C 182 2.39 -1.55 16.63
C VAL C 182 0.88 -1.65 16.34
N ASP C 183 0.35 -0.73 15.49
CA ASP C 183 -1.08 -0.69 15.10
C ASP C 183 -1.47 -1.93 14.26
N PRO C 184 -2.80 -2.35 14.26
CA PRO C 184 -3.20 -3.53 13.45
C PRO C 184 -2.80 -3.43 11.96
N GLY C 185 -3.03 -2.26 11.35
CA GLY C 185 -2.67 -1.99 9.96
C GLY C 185 -1.17 -2.08 9.72
N GLU C 186 -0.38 -1.59 10.69
CA GLU C 186 1.09 -1.61 10.65
C GLU C 186 1.63 -3.03 10.79
N HIS C 187 1.02 -3.86 11.69
CA HIS C 187 1.43 -5.25 11.91
C HIS C 187 1.16 -6.10 10.69
N TYR C 188 0.06 -5.81 9.95
CA TYR C 188 -0.30 -6.51 8.71
C TYR C 188 0.77 -6.27 7.64
N ILE C 189 1.15 -4.97 7.43
CA ILE C 189 2.17 -4.54 6.45
C ILE C 189 3.54 -5.19 6.76
N LEU C 190 3.96 -5.13 8.04
CA LEU C 190 5.24 -5.70 8.52
C LEU C 190 5.34 -7.23 8.23
N LYS C 191 4.26 -8.00 8.52
CA LYS C 191 4.24 -9.46 8.32
C LYS C 191 4.12 -9.85 6.82
N THR C 192 3.29 -9.11 6.03
CA THR C 192 3.11 -9.40 4.59
C THR C 192 4.35 -9.06 3.75
N LEU C 193 5.17 -8.06 4.21
CA LEU C 193 6.40 -7.67 3.49
C LEU C 193 7.63 -8.51 3.93
N GLY C 194 7.48 -9.22 5.06
CA GLY C 194 8.53 -10.08 5.61
C GLY C 194 9.75 -9.32 6.10
N ILE C 195 9.54 -8.08 6.63
CA ILE C 195 10.60 -7.21 7.15
C ILE C 195 11.21 -7.80 8.43
N LYS C 196 12.57 -7.80 8.53
CA LYS C 196 13.27 -8.29 9.72
C LYS C 196 13.04 -7.34 10.89
N TYR C 197 12.56 -7.86 12.03
CA TYR C 197 12.28 -7.05 13.21
C TYR C 197 12.65 -7.73 14.50
N PHE C 198 13.12 -6.93 15.45
CA PHE C 198 13.47 -7.37 16.78
C PHE C 198 12.64 -6.58 17.79
N SER C 199 11.36 -7.02 17.99
CA SER C 199 10.46 -6.37 18.96
C SER C 199 10.98 -6.64 20.37
N MET C 200 10.40 -5.96 21.41
CA MET C 200 10.85 -6.16 22.80
C MET C 200 10.85 -7.65 23.20
N THR C 201 9.92 -8.46 22.59
CA THR C 201 9.83 -9.91 22.79
C THR C 201 11.12 -10.61 22.30
N GLU C 202 11.63 -10.22 21.09
CA GLU C 202 12.88 -10.77 20.52
C GLU C 202 14.09 -10.30 21.32
N VAL C 203 14.06 -9.02 21.81
CA VAL C 203 15.14 -8.44 22.64
C VAL C 203 15.22 -9.21 23.98
N ASP C 204 14.04 -9.53 24.60
CA ASP C 204 13.97 -10.31 25.85
C ASP C 204 14.41 -11.77 25.61
N ARG C 205 14.04 -12.34 24.44
CA ARG C 205 14.34 -13.72 24.05
C ARG C 205 15.85 -13.97 23.82
N LEU C 206 16.45 -13.21 22.90
CA LEU C 206 17.84 -13.39 22.48
C LEU C 206 18.86 -12.59 23.27
N GLY C 207 18.49 -11.37 23.66
CA GLY C 207 19.40 -10.45 24.33
C GLY C 207 19.97 -9.48 23.32
N ILE C 208 20.30 -8.24 23.75
CA ILE C 208 20.81 -7.17 22.86
C ILE C 208 22.12 -7.58 22.08
N GLY C 209 22.90 -8.53 22.65
CA GLY C 209 24.12 -9.04 22.03
C GLY C 209 23.82 -9.84 20.78
N LYS C 210 22.90 -10.84 20.90
CA LYS C 210 22.44 -11.68 19.79
C LYS C 210 21.64 -10.86 18.77
N VAL C 211 20.82 -9.86 19.27
CA VAL C 211 20.01 -8.96 18.42
C VAL C 211 20.95 -8.17 17.46
N MET C 212 22.04 -7.59 18.01
CA MET C 212 23.02 -6.82 17.20
C MET C 212 23.85 -7.72 16.29
N GLU C 213 24.21 -8.95 16.78
CA GLU C 213 24.97 -9.93 15.99
C GLU C 213 24.16 -10.34 14.75
N GLU C 214 22.83 -10.57 14.93
CA GLU C 214 21.91 -10.95 13.85
C GLU C 214 21.57 -9.77 12.93
N THR C 215 21.37 -8.54 13.51
CA THR C 215 21.06 -7.31 12.73
C THR C 215 22.17 -7.01 11.71
N LEU C 216 23.44 -7.00 12.18
CA LEU C 216 24.60 -6.70 11.33
C LEU C 216 24.92 -7.80 10.32
N SER C 217 24.71 -9.10 10.71
CA SER C 217 24.95 -10.24 9.80
C SER C 217 23.88 -10.32 8.69
N TYR C 218 22.67 -9.79 8.98
CA TYR C 218 21.55 -9.78 8.02
C TYR C 218 21.77 -8.70 6.94
N LEU C 219 22.27 -7.50 7.33
CA LEU C 219 22.48 -6.38 6.39
C LEU C 219 23.84 -6.42 5.69
N LEU C 220 24.91 -6.81 6.41
CA LEU C 220 26.28 -6.80 5.86
C LEU C 220 26.77 -8.16 5.31
N GLY C 221 26.19 -9.27 5.82
CA GLY C 221 26.53 -10.66 5.45
C GLY C 221 27.09 -10.91 4.06
N ARG C 222 26.45 -10.31 3.02
CA ARG C 222 26.89 -10.43 1.62
C ARG C 222 28.23 -9.69 1.41
N LYS C 223 28.25 -8.35 1.69
CA LYS C 223 29.44 -7.47 1.60
C LYS C 223 29.22 -6.15 2.34
N LYS C 224 30.31 -5.38 2.61
CA LYS C 224 30.22 -4.08 3.31
C LYS C 224 29.40 -3.06 2.52
N ARG C 225 28.38 -2.47 3.19
CA ARG C 225 27.47 -1.48 2.60
C ARG C 225 27.11 -0.34 3.61
N PRO C 226 26.75 0.91 3.15
CA PRO C 226 26.44 1.99 4.11
C PRO C 226 25.26 1.70 5.03
N ILE C 227 25.30 2.23 6.28
CA ILE C 227 24.25 2.02 7.27
C ILE C 227 23.60 3.36 7.69
N HIS C 228 22.25 3.42 7.65
CA HIS C 228 21.49 4.57 8.11
C HIS C 228 20.76 4.18 9.39
N LEU C 229 21.10 4.83 10.52
CA LEU C 229 20.45 4.56 11.79
C LEU C 229 19.42 5.64 12.10
N SER C 230 18.13 5.27 12.07
CA SER C 230 17.05 6.18 12.41
C SER C 230 16.62 5.90 13.85
N PHE C 231 17.23 6.65 14.81
CA PHE C 231 16.99 6.46 16.23
C PHE C 231 15.92 7.37 16.77
N ASP C 232 14.79 6.77 17.14
CA ASP C 232 13.71 7.47 17.81
C ASP C 232 13.95 7.27 19.29
N VAL C 233 14.06 8.40 20.06
CA VAL C 233 14.33 8.33 21.52
C VAL C 233 13.25 7.55 22.30
N ASP C 234 12.00 7.47 21.74
CA ASP C 234 10.93 6.69 22.39
C ASP C 234 11.17 5.17 22.28
N GLY C 235 12.21 4.76 21.53
CA GLY C 235 12.62 3.36 21.41
C GLY C 235 13.15 2.86 22.74
N LEU C 236 13.70 3.79 23.55
CA LEU C 236 14.18 3.52 24.90
C LEU C 236 13.03 3.69 25.89
N ASP C 237 13.13 3.05 27.07
CA ASP C 237 12.11 3.11 28.13
C ASP C 237 11.86 4.57 28.60
N PRO C 238 10.57 4.96 28.93
CA PRO C 238 10.31 6.34 29.41
C PRO C 238 11.06 6.72 30.71
N SER C 239 11.70 5.72 31.38
CA SER C 239 12.50 5.98 32.58
C SER C 239 13.86 6.65 32.21
N PHE C 240 14.24 6.58 30.91
CA PHE C 240 15.48 7.16 30.40
C PHE C 240 15.22 8.33 29.44
N THR C 241 14.15 8.24 28.62
CA THR C 241 13.75 9.30 27.68
C THR C 241 12.24 9.73 27.89
N PRO C 242 11.87 10.34 29.08
CA PRO C 242 10.45 10.72 29.30
C PRO C 242 9.94 11.86 28.43
N ALA C 243 10.82 12.86 28.12
CA ALA C 243 10.45 14.02 27.31
C ALA C 243 10.31 13.66 25.80
N THR C 244 9.21 12.92 25.48
CA THR C 244 8.88 12.46 24.12
C THR C 244 7.33 12.38 23.94
N GLY C 245 6.87 12.54 22.69
CA GLY C 245 5.46 12.57 22.33
C GLY C 245 4.69 11.29 22.55
N THR C 246 5.26 10.14 22.13
CA THR C 246 4.58 8.84 22.26
C THR C 246 5.41 7.84 23.14
N PRO C 247 5.49 8.05 24.50
CA PRO C 247 6.26 7.12 25.34
C PRO C 247 5.51 5.82 25.61
N VAL C 248 6.23 4.68 25.53
CA VAL C 248 5.66 3.35 25.79
C VAL C 248 6.54 2.62 26.79
N VAL C 249 5.94 2.15 27.92
CA VAL C 249 6.65 1.41 28.99
C VAL C 249 7.22 0.06 28.49
N GLY C 250 8.24 -0.45 29.21
CA GLY C 250 8.91 -1.71 28.87
C GLY C 250 9.79 -1.60 27.64
N GLY C 251 10.51 -0.47 27.54
CA GLY C 251 11.39 -0.19 26.42
C GLY C 251 12.83 -0.59 26.61
N LEU C 252 13.68 -0.21 25.62
CA LEU C 252 15.12 -0.50 25.65
C LEU C 252 15.78 0.29 26.74
N THR C 253 16.74 -0.33 27.43
CA THR C 253 17.44 0.35 28.52
C THR C 253 18.50 1.33 28.00
N TYR C 254 19.03 2.19 28.89
CA TYR C 254 20.11 3.15 28.60
C TYR C 254 21.34 2.37 28.08
N ARG C 255 21.64 1.21 28.75
CA ARG C 255 22.74 0.31 28.40
C ARG C 255 22.55 -0.34 27.02
N GLU C 256 21.31 -0.85 26.74
CA GLU C 256 20.97 -1.49 25.45
C GLU C 256 21.08 -0.48 24.30
N GLY C 257 20.63 0.75 24.55
CA GLY C 257 20.70 1.85 23.59
C GLY C 257 22.13 2.20 23.23
N LEU C 258 23.02 2.24 24.26
CA LEU C 258 24.44 2.50 24.06
C LEU C 258 25.12 1.34 23.34
N TYR C 259 24.67 0.09 23.63
CA TYR C 259 25.23 -1.12 23.00
C TYR C 259 24.93 -1.17 21.49
N ILE C 260 23.66 -0.85 21.09
CA ILE C 260 23.24 -0.84 19.66
C ILE C 260 24.16 0.12 18.88
N THR C 261 24.34 1.35 19.43
CA THR C 261 25.14 2.42 18.84
C THR C 261 26.65 2.11 18.84
N GLU C 262 27.18 1.49 19.95
CA GLU C 262 28.61 1.09 20.04
C GLU C 262 28.95 0.03 19.00
N GLU C 263 28.01 -0.90 18.72
CA GLU C 263 28.19 -1.97 17.73
C GLU C 263 28.18 -1.43 16.29
N ILE C 264 27.27 -0.44 16.00
CA ILE C 264 27.17 0.18 14.66
C ILE C 264 28.45 0.99 14.33
N TYR C 265 29.04 1.67 15.36
CA TYR C 265 30.29 2.43 15.15
C TYR C 265 31.46 1.48 14.81
N LYS C 266 31.58 0.33 15.55
CA LYS C 266 32.66 -0.67 15.37
C LYS C 266 32.77 -1.21 13.95
N THR C 267 31.63 -1.26 13.20
CA THR C 267 31.61 -1.74 11.79
C THR C 267 32.30 -0.72 10.87
N GLY C 268 32.29 0.57 11.27
CA GLY C 268 32.87 1.67 10.52
C GLY C 268 32.09 2.02 9.27
N LEU C 269 30.81 1.58 9.22
CA LEU C 269 29.95 1.77 8.06
C LEU C 269 28.77 2.73 8.31
N LEU C 270 28.70 3.37 9.53
CA LEU C 270 27.64 4.36 9.83
C LEU C 270 27.77 5.51 8.84
N SER C 271 26.73 5.74 8.05
CA SER C 271 26.73 6.72 6.97
C SER C 271 25.65 7.80 7.16
N GLY C 272 24.55 7.44 7.82
CA GLY C 272 23.44 8.34 8.12
C GLY C 272 22.91 8.12 9.51
N LEU C 273 22.56 9.23 10.22
CA LEU C 273 22.05 9.14 11.58
C LEU C 273 20.93 10.14 11.87
N ASP C 274 19.84 9.65 12.51
CA ASP C 274 18.70 10.47 12.90
C ASP C 274 18.46 10.36 14.41
N ILE C 275 18.44 11.50 15.12
CA ILE C 275 18.14 11.56 16.56
C ILE C 275 16.81 12.30 16.62
N MET C 276 15.69 11.55 16.64
CA MET C 276 14.34 12.14 16.52
C MET C 276 13.46 11.99 17.76
N GLU C 277 12.36 12.81 17.79
CA GLU C 277 11.26 12.84 18.77
C GLU C 277 11.67 13.35 20.20
N VAL C 278 12.75 14.17 20.30
CA VAL C 278 13.12 14.78 21.59
C VAL C 278 12.19 16.01 21.78
N ASN C 279 11.26 15.93 22.76
CA ASN C 279 10.32 17.02 23.05
C ASN C 279 10.62 17.64 24.44
N PRO C 280 11.40 18.76 24.49
CA PRO C 280 11.73 19.37 25.81
C PRO C 280 10.54 20.01 26.57
N SER C 281 9.37 20.18 25.91
CA SER C 281 8.19 20.76 26.57
C SER C 281 7.29 19.67 27.22
N LEU C 282 7.58 18.37 26.94
CA LEU C 282 6.77 17.25 27.47
C LEU C 282 7.40 16.56 28.70
N GLY C 283 8.38 17.22 29.32
CA GLY C 283 9.01 16.73 30.54
C GLY C 283 8.21 17.16 31.75
N LYS C 284 7.88 16.18 32.66
CA LYS C 284 7.11 16.45 33.89
C LYS C 284 7.84 17.45 34.81
N THR C 285 9.19 17.36 34.84
CA THR C 285 10.07 18.23 35.62
C THR C 285 11.29 18.63 34.75
N PRO C 286 12.01 19.78 35.04
CA PRO C 286 13.21 20.12 34.22
C PRO C 286 14.28 19.01 34.25
N GLU C 287 14.30 18.17 35.34
CA GLU C 287 15.21 17.02 35.49
C GLU C 287 14.91 15.96 34.41
N GLU C 288 13.59 15.74 34.10
CA GLU C 288 13.15 14.78 33.06
C GLU C 288 13.58 15.24 31.66
N VAL C 289 13.66 16.58 31.46
CA VAL C 289 14.11 17.19 30.19
C VAL C 289 15.62 16.95 30.03
N THR C 290 16.42 17.24 31.11
CA THR C 290 17.89 17.03 31.10
C THR C 290 18.25 15.55 30.93
N ARG C 291 17.42 14.63 31.52
CA ARG C 291 17.62 13.18 31.44
C ARG C 291 17.48 12.66 29.98
N THR C 292 16.41 13.13 29.26
CA THR C 292 16.13 12.75 27.87
C THR C 292 17.24 13.27 26.94
N VAL C 293 17.65 14.55 27.13
CA VAL C 293 18.71 15.20 26.33
C VAL C 293 20.08 14.52 26.58
N ASN C 294 20.44 14.28 27.88
CA ASN C 294 21.71 13.59 28.24
C ASN C 294 21.79 12.21 27.62
N THR C 295 20.65 11.46 27.63
CA THR C 295 20.56 10.12 27.03
C THR C 295 20.75 10.22 25.51
N ALA C 296 20.02 11.15 24.83
CA ALA C 296 20.12 11.39 23.38
C ALA C 296 21.55 11.78 22.96
N VAL C 297 22.23 12.60 23.80
CA VAL C 297 23.63 13.02 23.57
C VAL C 297 24.57 11.78 23.70
N ALA C 298 24.37 10.96 24.78
CA ALA C 298 25.15 9.72 25.02
C ALA C 298 25.01 8.74 23.86
N ILE C 299 23.75 8.59 23.32
CA ILE C 299 23.43 7.73 22.16
C ILE C 299 24.24 8.20 20.92
N THR C 300 24.25 9.53 20.66
CA THR C 300 24.97 10.15 19.53
C THR C 300 26.51 9.97 19.64
N LEU C 301 27.07 10.24 20.85
CA LEU C 301 28.53 10.13 21.09
C LEU C 301 29.06 8.71 20.88
N ALA C 302 28.23 7.69 21.23
CA ALA C 302 28.57 6.27 21.05
C ALA C 302 28.61 5.90 19.55
N CYS C 303 27.79 6.62 18.71
CA CYS C 303 27.73 6.43 17.25
C CYS C 303 29.04 6.87 16.59
N PHE C 304 29.75 7.87 17.20
CA PHE C 304 30.97 8.42 16.61
C PHE C 304 32.27 8.20 17.47
N GLY C 305 32.39 7.03 18.10
CA GLY C 305 33.62 6.69 18.81
C GLY C 305 33.56 6.35 20.28
N LEU C 306 32.80 7.15 21.09
CA LEU C 306 32.74 6.98 22.55
C LEU C 306 32.36 5.56 22.99
N ALA C 307 33.31 4.88 23.68
CA ALA C 307 33.14 3.53 24.18
C ALA C 307 33.22 3.50 25.70
N ARG C 308 32.37 2.68 26.35
CA ARG C 308 32.31 2.57 27.81
C ARG C 308 33.58 1.96 28.41
N GLU C 309 34.28 1.07 27.65
CA GLU C 309 35.56 0.46 28.10
C GLU C 309 36.70 1.53 28.18
N GLY C 310 36.51 2.65 27.48
CA GLY C 310 37.47 3.74 27.43
C GLY C 310 37.89 4.12 26.02
N ASN C 311 38.51 5.32 25.86
CA ASN C 311 39.00 5.84 24.58
C ASN C 311 40.34 6.54 24.78
N HIS C 312 41.30 6.32 23.86
CA HIS C 312 42.62 6.96 23.93
C HIS C 312 43.19 7.30 22.55
N LYS C 313 43.92 8.43 22.46
CA LYS C 313 44.58 8.90 21.22
C LYS C 313 45.72 7.92 20.82
N PRO C 314 46.10 7.80 19.49
CA PRO C 314 47.18 6.85 19.12
C PRO C 314 48.60 7.35 19.47
N ILE C 315 48.86 7.56 20.78
CA ILE C 315 50.14 8.02 21.34
C ILE C 315 50.52 7.19 22.60
N ASP C 316 51.66 7.53 23.25
CA ASP C 316 52.12 6.85 24.47
C ASP C 316 51.81 7.71 25.70
N TYR C 317 51.02 7.16 26.65
CA TYR C 317 50.62 7.88 27.89
C TYR C 317 51.61 7.66 29.05
N LEU C 318 52.49 6.62 28.96
CA LEU C 318 53.46 6.30 30.01
C LEU C 318 54.82 6.99 29.80
N ASN C 319 55.37 6.91 28.56
CA ASN C 319 56.66 7.53 28.22
C ASN C 319 56.47 8.96 27.67
N SER D 2 -13.75 -16.87 17.94
CA SER D 2 -13.76 -17.31 19.33
C SER D 2 -12.76 -18.47 19.55
N ALA D 3 -11.44 -18.17 19.44
CA ALA D 3 -10.35 -19.15 19.61
C ALA D 3 -10.33 -19.68 21.05
N LYS D 4 -9.96 -20.98 21.21
CA LYS D 4 -9.89 -21.67 22.53
C LYS D 4 -8.95 -20.95 23.50
N SER D 5 -7.80 -20.44 22.99
CA SER D 5 -6.81 -19.70 23.80
C SER D 5 -7.33 -18.28 24.19
N ARG D 6 -8.43 -17.82 23.55
CA ARG D 6 -9.03 -16.51 23.82
C ARG D 6 -10.48 -16.61 24.40
N THR D 7 -10.94 -17.86 24.74
CA THR D 7 -12.25 -18.08 25.36
C THR D 7 -12.06 -18.04 26.89
N ILE D 8 -12.54 -16.95 27.54
CA ILE D 8 -12.31 -16.70 28.98
C ILE D 8 -13.61 -16.66 29.82
N GLY D 9 -13.49 -17.15 31.06
CA GLY D 9 -14.55 -17.13 32.08
C GLY D 9 -14.02 -16.47 33.34
N ILE D 10 -14.29 -15.15 33.48
CA ILE D 10 -13.77 -14.33 34.60
C ILE D 10 -14.47 -14.64 35.94
N ILE D 11 -13.66 -14.95 36.98
CA ILE D 11 -14.12 -15.22 38.34
C ILE D 11 -13.50 -14.19 39.30
N GLY D 12 -14.35 -13.44 39.99
CA GLY D 12 -13.92 -12.46 40.98
C GLY D 12 -13.79 -13.10 42.33
N ALA D 13 -12.58 -13.01 42.95
CA ALA D 13 -12.34 -13.59 44.27
C ALA D 13 -11.93 -12.49 45.31
N PRO D 14 -12.95 -11.69 45.83
CA PRO D 14 -12.60 -10.64 46.81
C PRO D 14 -12.34 -11.21 48.22
N PHE D 15 -11.17 -11.89 48.40
CA PHE D 15 -10.80 -12.52 49.66
C PHE D 15 -9.42 -12.06 50.15
N SER D 16 -9.30 -11.76 51.47
CA SER D 16 -8.04 -11.26 52.06
C SER D 16 -7.67 -11.91 53.42
N LYS D 17 -8.50 -12.85 53.93
CA LYS D 17 -8.23 -13.48 55.25
C LYS D 17 -7.07 -14.54 55.23
N GLY D 18 -6.35 -14.64 54.11
CA GLY D 18 -5.19 -15.52 53.97
C GLY D 18 -3.90 -14.84 54.43
N GLN D 19 -3.97 -13.52 54.69
CA GLN D 19 -2.85 -12.67 55.16
C GLN D 19 -3.39 -11.54 56.12
N PRO D 20 -2.53 -10.76 56.85
CA PRO D 20 -3.07 -9.76 57.80
C PRO D 20 -3.32 -8.34 57.25
N ARG D 21 -2.86 -8.03 56.01
CA ARG D 21 -3.00 -6.66 55.44
C ARG D 21 -4.33 -6.47 54.65
N GLY D 22 -5.18 -5.57 55.15
CA GLY D 22 -6.47 -5.26 54.53
C GLY D 22 -6.35 -4.50 53.23
N GLY D 23 -7.24 -4.81 52.28
CA GLY D 23 -7.27 -4.14 50.97
C GLY D 23 -7.22 -5.07 49.77
N VAL D 24 -6.68 -6.32 49.95
CA VAL D 24 -6.56 -7.33 48.85
C VAL D 24 -7.91 -7.72 48.26
N GLU D 25 -9.01 -7.62 49.08
CA GLU D 25 -10.38 -7.94 48.65
C GLU D 25 -10.87 -6.97 47.54
N GLU D 26 -10.27 -5.74 47.47
CA GLU D 26 -10.61 -4.74 46.45
C GLU D 26 -9.84 -4.98 45.11
N GLY D 27 -9.05 -6.07 45.07
CA GLY D 27 -8.27 -6.48 43.89
C GLY D 27 -9.13 -6.69 42.63
N PRO D 28 -10.19 -7.58 42.67
CA PRO D 28 -11.03 -7.75 41.46
C PRO D 28 -11.84 -6.49 41.09
N THR D 29 -12.04 -5.55 42.07
CA THR D 29 -12.77 -4.30 41.85
C THR D 29 -11.93 -3.30 41.00
N VAL D 30 -10.65 -3.06 41.39
CA VAL D 30 -9.75 -2.14 40.67
C VAL D 30 -9.33 -2.67 39.29
N LEU D 31 -9.23 -4.03 39.15
CA LEU D 31 -8.89 -4.67 37.88
C LEU D 31 -10.02 -4.46 36.84
N ARG D 32 -11.30 -4.51 37.32
CA ARG D 32 -12.49 -4.27 36.48
C ARG D 32 -12.59 -2.79 36.08
N LYS D 33 -12.34 -1.86 37.05
CA LYS D 33 -12.40 -0.39 36.83
C LYS D 33 -11.37 0.11 35.81
N ALA D 34 -10.22 -0.63 35.68
CA ALA D 34 -9.16 -0.33 34.71
C ALA D 34 -9.63 -0.63 33.26
N GLY D 35 -10.68 -1.46 33.13
CA GLY D 35 -11.27 -1.84 31.85
C GLY D 35 -10.75 -3.15 31.30
N LEU D 36 -10.45 -4.12 32.21
CA LEU D 36 -9.92 -5.45 31.84
C LEU D 36 -10.85 -6.22 30.88
N LEU D 37 -12.18 -6.27 31.20
CA LEU D 37 -13.19 -6.96 30.38
C LEU D 37 -13.30 -6.34 28.98
N GLU D 38 -13.34 -4.97 28.91
CA GLU D 38 -13.44 -4.24 27.64
C GLU D 38 -12.18 -4.40 26.79
N LYS D 39 -10.96 -4.29 27.43
CA LYS D 39 -9.66 -4.45 26.75
C LYS D 39 -9.50 -5.86 26.16
N LEU D 40 -10.00 -6.90 26.87
CA LEU D 40 -9.97 -8.28 26.38
C LEU D 40 -10.92 -8.47 25.19
N LYS D 41 -12.10 -7.78 25.23
CA LYS D 41 -13.09 -7.82 24.11
C LYS D 41 -12.51 -7.12 22.86
N GLU D 42 -11.64 -6.09 23.07
CA GLU D 42 -10.95 -5.36 21.99
C GLU D 42 -9.85 -6.25 21.35
N GLN D 43 -9.43 -7.30 22.10
CA GLN D 43 -8.42 -8.29 21.70
C GLN D 43 -9.11 -9.50 21.00
N GLU D 44 -10.43 -9.37 20.66
CA GLU D 44 -11.28 -10.40 20.03
C GLU D 44 -11.44 -11.68 20.90
N CYS D 45 -11.47 -11.49 22.25
CA CYS D 45 -11.64 -12.57 23.22
C CYS D 45 -13.12 -12.79 23.55
N ASP D 46 -13.54 -14.06 23.71
CA ASP D 46 -14.91 -14.41 24.11
C ASP D 46 -14.93 -14.41 25.65
N VAL D 47 -15.36 -13.28 26.25
CA VAL D 47 -15.34 -13.09 27.72
C VAL D 47 -16.73 -13.18 28.34
N LYS D 48 -16.89 -14.06 29.36
CA LYS D 48 -18.12 -14.21 30.13
C LYS D 48 -17.80 -13.94 31.60
N ASP D 49 -18.46 -12.93 32.20
CA ASP D 49 -18.23 -12.56 33.59
C ASP D 49 -19.15 -13.36 34.52
N TYR D 50 -18.54 -14.13 35.44
CA TYR D 50 -19.27 -14.95 36.42
C TYR D 50 -19.51 -14.17 37.74
N GLY D 51 -19.00 -12.92 37.79
CA GLY D 51 -19.14 -12.03 38.93
C GLY D 51 -18.22 -12.35 40.09
N ASP D 52 -18.30 -11.54 41.17
CA ASP D 52 -17.51 -11.73 42.38
C ASP D 52 -18.17 -12.75 43.29
N LEU D 53 -17.38 -13.71 43.81
CA LEU D 53 -17.88 -14.75 44.70
C LEU D 53 -18.40 -14.17 46.03
N PRO D 54 -19.63 -14.55 46.47
CA PRO D 54 -20.15 -14.01 47.72
C PRO D 54 -19.57 -14.75 48.94
N PHE D 55 -18.39 -14.32 49.40
CA PHE D 55 -17.73 -14.95 50.55
C PHE D 55 -18.44 -14.58 51.85
N ALA D 56 -19.32 -15.50 52.33
CA ALA D 56 -20.09 -15.33 53.56
C ALA D 56 -19.15 -15.30 54.77
N ASP D 57 -19.44 -14.39 55.72
CA ASP D 57 -18.63 -14.20 56.93
C ASP D 57 -18.64 -15.43 57.84
N ILE D 58 -17.43 -15.84 58.30
CA ILE D 58 -17.25 -16.95 59.24
C ILE D 58 -16.60 -16.36 60.53
N PRO D 59 -17.44 -15.79 61.46
CA PRO D 59 -16.90 -15.17 62.68
C PRO D 59 -16.32 -16.19 63.66
N ASN D 60 -16.93 -17.41 63.71
CA ASN D 60 -16.48 -18.51 64.56
C ASN D 60 -15.26 -19.16 63.87
N ASP D 61 -14.09 -18.50 63.96
CA ASP D 61 -12.87 -18.96 63.29
C ASP D 61 -11.62 -18.79 64.16
N SER D 62 -11.44 -19.70 65.15
CA SER D 62 -10.27 -19.69 66.04
C SER D 62 -9.03 -20.22 65.29
N PRO D 63 -7.80 -19.69 65.59
CA PRO D 63 -6.62 -20.16 64.85
C PRO D 63 -6.16 -21.59 65.19
N PHE D 64 -5.65 -22.32 64.17
CA PHE D 64 -5.08 -23.65 64.32
C PHE D 64 -3.61 -23.46 64.69
N GLN D 65 -3.27 -23.62 66.01
CA GLN D 65 -1.91 -23.39 66.57
C GLN D 65 -1.52 -21.88 66.41
N ILE D 66 -1.00 -21.49 65.22
CA ILE D 66 -0.65 -20.09 64.89
C ILE D 66 -1.25 -19.69 63.51
N VAL D 67 -1.79 -20.70 62.78
CA VAL D 67 -2.40 -20.53 61.45
C VAL D 67 -3.72 -19.70 61.57
N LYS D 68 -3.69 -18.44 61.07
CA LYS D 68 -4.81 -17.48 61.15
C LYS D 68 -5.92 -17.76 60.14
N ASN D 69 -7.21 -17.57 60.58
CA ASN D 69 -8.45 -17.72 59.78
C ASN D 69 -8.50 -19.05 58.93
N PRO D 70 -8.35 -20.28 59.55
CA PRO D 70 -8.36 -21.52 58.75
C PRO D 70 -9.69 -21.83 58.03
N ARG D 71 -10.83 -21.70 58.74
CA ARG D 71 -12.17 -21.98 58.17
C ARG D 71 -12.57 -21.00 57.07
N SER D 72 -12.18 -19.70 57.21
CA SER D 72 -12.47 -18.67 56.20
C SER D 72 -11.70 -18.94 54.89
N VAL D 73 -10.39 -19.27 55.01
CA VAL D 73 -9.52 -19.59 53.85
C VAL D 73 -9.95 -20.91 53.20
N GLY D 74 -10.19 -21.93 54.04
CA GLY D 74 -10.61 -23.26 53.60
C GLY D 74 -11.91 -23.26 52.82
N LYS D 75 -12.93 -22.50 53.29
CA LYS D 75 -14.24 -22.40 52.62
C LYS D 75 -14.17 -21.51 51.36
N ALA D 76 -13.35 -20.42 51.40
CA ALA D 76 -13.17 -19.50 50.24
C ALA D 76 -12.57 -20.23 49.06
N SER D 77 -11.56 -21.11 49.32
CA SER D 77 -10.94 -21.93 48.29
C SER D 77 -11.91 -23.03 47.83
N GLU D 78 -12.70 -23.62 48.78
CA GLU D 78 -13.71 -24.66 48.46
C GLU D 78 -14.80 -24.09 47.52
N GLN D 79 -15.22 -22.82 47.76
CA GLN D 79 -16.20 -22.11 46.93
C GLN D 79 -15.61 -21.80 45.55
N LEU D 80 -14.31 -21.36 45.53
CA LEU D 80 -13.60 -21.04 44.27
C LEU D 80 -13.37 -22.30 43.44
N ALA D 81 -13.09 -23.45 44.09
CA ALA D 81 -12.89 -24.74 43.41
C ALA D 81 -14.13 -25.19 42.63
N GLY D 82 -15.32 -24.94 43.21
CA GLY D 82 -16.60 -25.26 42.58
C GLY D 82 -16.88 -24.38 41.36
N LYS D 83 -16.56 -23.06 41.49
CA LYS D 83 -16.76 -22.07 40.41
C LYS D 83 -15.75 -22.27 39.26
N VAL D 84 -14.45 -22.59 39.59
CA VAL D 84 -13.38 -22.85 38.59
C VAL D 84 -13.75 -24.09 37.74
N ALA D 85 -14.16 -25.21 38.42
CA ALA D 85 -14.58 -26.47 37.74
C ALA D 85 -15.78 -26.22 36.82
N GLU D 86 -16.72 -25.31 37.24
CA GLU D 86 -17.91 -24.94 36.45
C GLU D 86 -17.49 -24.21 35.16
N VAL D 87 -16.51 -23.27 35.28
CA VAL D 87 -15.97 -22.50 34.14
C VAL D 87 -15.22 -23.43 33.17
N LYS D 88 -14.45 -24.41 33.72
CA LYS D 88 -13.71 -25.39 32.91
C LYS D 88 -14.65 -26.34 32.16
N LYS D 89 -15.80 -26.73 32.81
CA LYS D 89 -16.82 -27.60 32.21
C LYS D 89 -17.54 -26.88 31.04
N ASN D 90 -17.62 -25.51 31.10
CA ASN D 90 -18.26 -24.68 30.06
C ASN D 90 -17.29 -24.37 28.87
N GLY D 91 -16.11 -25.03 28.87
CA GLY D 91 -15.10 -24.86 27.83
C GLY D 91 -14.47 -23.49 27.78
N ARG D 92 -14.18 -22.90 28.96
CA ARG D 92 -13.58 -21.56 29.07
C ARG D 92 -12.34 -21.57 29.95
N ILE D 93 -11.41 -20.62 29.71
CA ILE D 93 -10.20 -20.47 30.53
C ILE D 93 -10.59 -19.71 31.79
N SER D 94 -10.37 -20.31 32.97
CA SER D 94 -10.69 -19.69 34.25
C SER D 94 -9.72 -18.57 34.59
N LEU D 95 -10.25 -17.35 34.79
CA LEU D 95 -9.45 -16.18 35.16
C LEU D 95 -9.86 -15.70 36.55
N VAL D 96 -9.08 -16.11 37.56
CA VAL D 96 -9.34 -15.76 38.95
C VAL D 96 -8.69 -14.43 39.29
N LEU D 97 -9.52 -13.43 39.64
CA LEU D 97 -9.03 -12.10 40.01
C LEU D 97 -9.01 -11.99 41.53
N GLY D 98 -7.83 -12.14 42.11
CA GLY D 98 -7.64 -12.06 43.55
C GLY D 98 -7.53 -10.65 44.08
N GLY D 99 -7.43 -10.49 45.41
CA GLY D 99 -7.41 -11.59 46.37
C GLY D 99 -6.03 -12.11 46.68
N ASP D 100 -5.81 -12.60 47.92
CA ASP D 100 -4.51 -13.14 48.35
C ASP D 100 -4.23 -14.52 47.71
N HIS D 101 -2.94 -14.95 47.71
CA HIS D 101 -2.50 -16.20 47.06
C HIS D 101 -3.02 -17.53 47.71
N SER D 102 -3.73 -17.46 48.87
CA SER D 102 -4.28 -18.69 49.50
C SER D 102 -5.42 -19.28 48.64
N LEU D 103 -6.05 -18.42 47.79
CA LEU D 103 -7.13 -18.83 46.87
C LEU D 103 -6.63 -19.78 45.76
N ALA D 104 -5.27 -19.87 45.57
CA ALA D 104 -4.66 -20.77 44.58
C ALA D 104 -4.94 -22.26 44.93
N ILE D 105 -5.26 -22.56 46.24
CA ILE D 105 -5.65 -23.92 46.69
C ILE D 105 -6.90 -24.33 45.91
N GLY D 106 -7.91 -23.45 45.92
CA GLY D 106 -9.18 -23.68 45.23
C GLY D 106 -9.08 -23.60 43.73
N SER D 107 -8.38 -22.58 43.20
CA SER D 107 -8.22 -22.38 41.75
C SER D 107 -7.55 -23.59 41.06
N ILE D 108 -6.45 -24.12 41.65
CA ILE D 108 -5.73 -25.29 41.09
C ILE D 108 -6.55 -26.60 41.31
N SER D 109 -7.15 -26.78 42.54
CA SER D 109 -7.96 -27.98 42.87
C SER D 109 -9.19 -28.10 41.95
N GLY D 110 -9.90 -26.98 41.75
CA GLY D 110 -11.07 -26.91 40.88
C GLY D 110 -10.74 -27.16 39.43
N HIS D 111 -9.58 -26.64 38.97
CA HIS D 111 -9.07 -26.83 37.62
C HIS D 111 -8.66 -28.30 37.40
N ALA D 112 -8.11 -28.94 38.47
CA ALA D 112 -7.68 -30.35 38.45
C ALA D 112 -8.85 -31.33 38.42
N ARG D 113 -10.05 -30.91 38.91
CA ARG D 113 -11.27 -31.75 38.91
C ARG D 113 -11.77 -32.02 37.48
N VAL D 114 -11.43 -31.11 36.52
CA VAL D 114 -11.80 -31.23 35.10
C VAL D 114 -10.55 -31.67 34.28
N HIS D 115 -9.37 -31.06 34.57
CA HIS D 115 -8.11 -31.39 33.90
C HIS D 115 -7.05 -31.90 34.93
N PRO D 116 -7.05 -33.23 35.27
CA PRO D 116 -6.09 -33.73 36.28
C PRO D 116 -4.62 -33.78 35.81
N ASP D 117 -4.38 -33.68 34.48
CA ASP D 117 -3.03 -33.74 33.90
C ASP D 117 -2.38 -32.33 33.75
N LEU D 118 -2.97 -31.28 34.39
CA LEU D 118 -2.47 -29.89 34.27
C LEU D 118 -1.05 -29.67 34.85
N GLY D 119 -0.32 -28.73 34.25
CA GLY D 119 1.00 -28.30 34.69
C GLY D 119 0.94 -26.90 35.28
N VAL D 120 1.68 -26.66 36.38
CA VAL D 120 1.64 -25.36 37.07
C VAL D 120 2.88 -24.50 36.81
N ILE D 121 2.67 -23.21 36.50
CA ILE D 121 3.73 -22.21 36.38
C ILE D 121 3.43 -21.15 37.46
N TRP D 122 4.27 -21.12 38.49
CA TRP D 122 4.10 -20.25 39.64
C TRP D 122 5.07 -19.06 39.59
N VAL D 123 4.56 -17.88 39.13
CA VAL D 123 5.37 -16.65 39.07
C VAL D 123 5.19 -15.91 40.39
N ASP D 124 6.25 -15.89 41.23
CA ASP D 124 6.19 -15.32 42.58
C ASP D 124 7.60 -15.07 43.12
N ALA D 125 7.74 -14.09 44.03
CA ALA D 125 9.00 -13.81 44.73
C ALA D 125 9.19 -14.86 45.82
N HIS D 126 8.09 -15.52 46.23
CA HIS D 126 8.01 -16.51 47.31
C HIS D 126 7.59 -17.88 46.79
N THR D 127 8.05 -18.95 47.46
CA THR D 127 7.69 -20.34 47.10
C THR D 127 6.26 -20.71 47.51
N ASP D 128 5.71 -20.05 48.60
CA ASP D 128 4.34 -20.33 49.15
C ASP D 128 4.16 -21.85 49.47
N ILE D 129 5.28 -22.53 49.80
CA ILE D 129 5.34 -23.98 50.07
C ILE D 129 5.47 -24.30 51.60
N ASN D 130 5.27 -23.28 52.47
CA ASN D 130 5.30 -23.47 53.94
C ASN D 130 4.13 -24.36 54.33
N THR D 131 4.37 -25.29 55.24
CA THR D 131 3.31 -26.19 55.74
C THR D 131 2.69 -25.51 56.97
N PRO D 132 1.44 -25.91 57.42
CA PRO D 132 0.87 -25.28 58.64
C PRO D 132 1.75 -25.47 59.90
N LEU D 133 2.81 -26.33 59.80
CA LEU D 133 3.75 -26.62 60.90
C LEU D 133 5.08 -25.86 60.76
N THR D 134 5.59 -25.69 59.50
CA THR D 134 6.86 -24.97 59.24
C THR D 134 6.69 -23.45 59.22
N THR D 135 5.44 -22.94 59.00
CA THR D 135 5.11 -21.51 58.95
C THR D 135 5.50 -20.78 60.25
N THR D 136 5.98 -19.51 60.13
CA THR D 136 6.36 -18.68 61.28
C THR D 136 5.37 -17.54 61.51
N SER D 137 4.65 -17.11 60.43
CA SER D 137 3.65 -16.03 60.51
C SER D 137 2.22 -16.57 60.70
N GLY D 138 1.98 -17.80 60.23
CA GLY D 138 0.67 -18.44 60.29
C GLY D 138 -0.30 -17.94 59.23
N ASN D 139 0.23 -17.23 58.20
CA ASN D 139 -0.59 -16.71 57.10
C ASN D 139 -0.71 -17.75 55.99
N LEU D 140 -1.95 -18.16 55.66
CA LEU D 140 -2.22 -19.20 54.66
C LEU D 140 -1.89 -18.81 53.19
N HIS D 141 -1.62 -17.49 52.91
CA HIS D 141 -1.25 -17.05 51.56
C HIS D 141 0.18 -17.52 51.16
N GLY D 142 0.96 -17.91 52.17
CA GLY D 142 2.31 -18.45 51.99
C GLY D 142 2.36 -19.96 52.20
N GLN D 143 1.17 -20.63 52.15
CA GLN D 143 1.01 -22.07 52.37
C GLN D 143 0.24 -22.85 51.19
N PRO D 144 -0.21 -22.21 50.05
CA PRO D 144 -1.01 -22.96 49.05
C PRO D 144 -0.35 -24.19 48.41
N VAL D 145 0.92 -24.07 47.94
CA VAL D 145 1.64 -25.17 47.25
C VAL D 145 1.74 -26.45 48.11
N SER D 146 2.01 -26.30 49.44
CA SER D 146 2.12 -27.44 50.37
C SER D 146 0.82 -28.29 50.42
N PHE D 147 -0.36 -27.63 50.38
CA PHE D 147 -1.68 -28.29 50.38
C PHE D 147 -1.97 -29.01 49.05
N LEU D 148 -1.35 -28.54 47.93
CA LEU D 148 -1.58 -29.08 46.57
C LEU D 148 -0.62 -30.21 46.15
N LEU D 149 0.61 -30.26 46.72
CA LEU D 149 1.61 -31.28 46.33
C LEU D 149 1.33 -32.67 46.92
N LYS D 150 1.33 -33.72 46.04
CA LYS D 150 1.09 -35.11 46.42
C LYS D 150 2.19 -35.68 47.31
N GLU D 151 3.46 -35.28 47.07
CA GLU D 151 4.64 -35.75 47.81
C GLU D 151 4.66 -35.32 49.29
N LEU D 152 3.90 -34.25 49.64
CA LEU D 152 3.84 -33.74 51.02
C LEU D 152 2.67 -34.36 51.84
N LYS D 153 2.13 -35.52 51.38
CA LYS D 153 1.04 -36.25 52.06
C LYS D 153 1.58 -36.86 53.37
N GLY D 154 0.87 -36.58 54.47
CA GLY D 154 1.27 -37.05 55.81
C GLY D 154 1.99 -35.98 56.60
N LYS D 155 2.45 -34.90 55.91
CA LYS D 155 3.15 -33.77 56.53
C LYS D 155 2.22 -32.57 56.74
N ILE D 156 1.03 -32.60 56.09
CA ILE D 156 0.00 -31.56 56.22
C ILE D 156 -0.99 -31.98 57.32
N PRO D 157 -1.05 -31.25 58.48
CA PRO D 157 -1.97 -31.66 59.55
C PRO D 157 -3.43 -31.37 59.22
N ASP D 158 -4.38 -31.93 60.02
CA ASP D 158 -5.80 -31.70 59.83
C ASP D 158 -6.18 -30.28 60.28
N VAL D 159 -6.19 -29.35 59.34
CA VAL D 159 -6.52 -27.94 59.59
C VAL D 159 -8.04 -27.71 59.32
N PRO D 160 -8.80 -27.09 60.29
CA PRO D 160 -10.26 -26.88 60.06
C PRO D 160 -10.59 -26.13 58.77
N GLY D 161 -11.57 -26.64 58.03
CA GLY D 161 -12.02 -26.07 56.77
C GLY D 161 -11.30 -26.62 55.54
N PHE D 162 -10.28 -27.50 55.75
CA PHE D 162 -9.48 -28.07 54.64
C PHE D 162 -9.67 -29.61 54.43
N SER D 163 -10.78 -30.20 54.97
CA SER D 163 -11.07 -31.65 54.81
C SER D 163 -11.33 -32.04 53.34
N TRP D 164 -11.88 -31.09 52.54
CA TRP D 164 -12.20 -31.27 51.11
C TRP D 164 -10.91 -31.34 50.25
N VAL D 165 -9.79 -30.76 50.75
CA VAL D 165 -8.50 -30.68 50.02
C VAL D 165 -7.88 -32.05 49.80
N THR D 166 -7.59 -32.38 48.55
CA THR D 166 -6.90 -33.59 48.14
C THR D 166 -5.73 -33.15 47.23
N PRO D 167 -4.44 -33.53 47.58
CA PRO D 167 -3.30 -33.12 46.72
C PRO D 167 -3.47 -33.62 45.28
N CYS D 168 -3.47 -32.67 44.33
CA CYS D 168 -3.76 -32.96 42.92
C CYS D 168 -2.53 -32.95 42.00
N ILE D 169 -1.51 -32.13 42.30
CA ILE D 169 -0.31 -32.04 41.44
C ILE D 169 0.93 -32.64 42.10
N SER D 170 1.79 -33.29 41.27
CA SER D 170 3.05 -33.87 41.72
C SER D 170 4.17 -32.82 41.68
N ALA D 171 5.32 -33.10 42.36
CA ALA D 171 6.48 -32.20 42.42
C ALA D 171 7.08 -31.90 41.03
N LYS D 172 7.01 -32.89 40.10
CA LYS D 172 7.53 -32.76 38.72
C LYS D 172 6.60 -31.97 37.77
N ASP D 173 5.39 -31.58 38.26
CA ASP D 173 4.40 -30.85 37.44
C ASP D 173 4.26 -29.35 37.82
N ILE D 174 5.28 -28.79 38.55
CA ILE D 174 5.27 -27.38 38.98
C ILE D 174 6.64 -26.69 38.71
N VAL D 175 6.60 -25.45 38.15
CA VAL D 175 7.80 -24.64 37.86
C VAL D 175 7.66 -23.26 38.52
N TYR D 176 8.70 -22.83 39.26
CA TYR D 176 8.74 -21.53 39.92
C TYR D 176 9.54 -20.55 39.09
N ILE D 177 9.09 -19.26 39.01
CA ILE D 177 9.80 -18.20 38.29
C ILE D 177 9.80 -16.88 39.10
N GLY D 178 11.00 -16.40 39.45
CA GLY D 178 11.18 -15.12 40.13
C GLY D 178 11.44 -15.16 41.62
N LEU D 179 11.82 -16.34 42.17
CA LEU D 179 12.07 -16.50 43.64
C LEU D 179 13.25 -15.64 44.11
N ARG D 180 13.09 -15.01 45.30
CA ARG D 180 14.14 -14.15 45.93
C ARG D 180 13.92 -13.95 47.45
N ASP D 181 12.85 -14.56 48.02
CA ASP D 181 12.54 -14.47 49.45
C ASP D 181 11.91 -15.80 49.92
N VAL D 182 12.78 -16.83 50.07
CA VAL D 182 12.37 -18.18 50.44
C VAL D 182 12.78 -18.47 51.90
N ASP D 183 11.78 -18.88 52.74
CA ASP D 183 12.00 -19.20 54.17
C ASP D 183 12.87 -20.47 54.34
N PRO D 184 13.62 -20.62 55.49
CA PRO D 184 14.47 -21.83 55.67
C PRO D 184 13.70 -23.16 55.52
N GLY D 185 12.50 -23.23 56.11
CA GLY D 185 11.63 -24.41 56.02
C GLY D 185 11.18 -24.67 54.59
N GLU D 186 10.93 -23.58 53.83
CA GLU D 186 10.51 -23.64 52.42
C GLU D 186 11.63 -24.13 51.49
N HIS D 187 12.88 -23.66 51.72
CA HIS D 187 14.05 -24.05 50.91
C HIS D 187 14.38 -25.54 51.08
N TYR D 188 14.16 -26.11 52.30
CA TYR D 188 14.38 -27.54 52.57
C TYR D 188 13.42 -28.36 51.68
N ILE D 189 12.09 -28.03 51.72
CA ILE D 189 11.04 -28.69 50.94
C ILE D 189 11.32 -28.58 49.42
N LEU D 190 11.68 -27.35 48.94
CA LEU D 190 11.99 -27.07 47.53
C LEU D 190 13.12 -27.97 46.98
N LYS D 191 14.21 -28.15 47.77
CA LYS D 191 15.38 -28.96 47.38
C LYS D 191 15.18 -30.48 47.60
N THR D 192 14.48 -30.88 48.71
CA THR D 192 14.23 -32.31 49.04
C THR D 192 13.32 -32.98 47.99
N LEU D 193 12.23 -32.29 47.56
CA LEU D 193 11.29 -32.82 46.55
C LEU D 193 11.86 -32.74 45.11
N GLY D 194 12.86 -31.87 44.91
CA GLY D 194 13.52 -31.67 43.62
C GLY D 194 12.68 -30.94 42.60
N ILE D 195 11.89 -29.93 43.06
CA ILE D 195 11.02 -29.11 42.21
C ILE D 195 11.87 -28.18 41.32
N LYS D 196 11.52 -28.11 40.00
CA LYS D 196 12.22 -27.23 39.06
C LYS D 196 11.90 -25.78 39.38
N TYR D 197 12.93 -24.99 39.64
CA TYR D 197 12.75 -23.58 40.00
C TYR D 197 13.68 -22.68 39.22
N PHE D 198 13.24 -21.45 39.01
CA PHE D 198 14.02 -20.42 38.35
C PHE D 198 13.99 -19.18 39.21
N SER D 199 14.83 -19.17 40.29
CA SER D 199 14.95 -18.02 41.18
C SER D 199 15.62 -16.86 40.41
N MET D 200 15.68 -15.66 41.00
CA MET D 200 16.30 -14.50 40.33
C MET D 200 17.76 -14.77 39.90
N THR D 201 18.46 -15.70 40.64
CA THR D 201 19.83 -16.14 40.32
C THR D 201 19.85 -16.87 38.95
N GLU D 202 18.84 -17.76 38.71
CA GLU D 202 18.71 -18.52 37.45
C GLU D 202 18.29 -17.61 36.29
N VAL D 203 17.41 -16.60 36.58
CA VAL D 203 16.94 -15.63 35.57
C VAL D 203 18.13 -14.72 35.13
N ASP D 204 19.02 -14.35 36.09
CA ASP D 204 20.22 -13.55 35.79
C ASP D 204 21.25 -14.39 34.99
N ARG D 205 21.37 -15.70 35.32
CA ARG D 205 22.31 -16.64 34.69
C ARG D 205 21.96 -16.94 33.23
N LEU D 206 20.71 -17.35 32.97
CA LEU D 206 20.25 -17.79 31.65
C LEU D 206 19.53 -16.74 30.82
N GLY D 207 18.83 -15.81 31.48
CA GLY D 207 18.01 -14.82 30.81
C GLY D 207 16.59 -15.32 30.69
N ILE D 208 15.60 -14.40 30.58
CA ILE D 208 14.17 -14.79 30.50
C ILE D 208 13.84 -15.69 29.26
N GLY D 209 14.68 -15.59 28.20
CA GLY D 209 14.53 -16.39 26.98
C GLY D 209 14.76 -17.87 27.22
N LYS D 210 15.94 -18.21 27.80
CA LYS D 210 16.30 -19.61 28.12
C LYS D 210 15.41 -20.16 29.26
N VAL D 211 15.05 -19.28 30.25
CA VAL D 211 14.17 -19.65 31.39
C VAL D 211 12.81 -20.14 30.86
N MET D 212 12.19 -19.38 29.91
CA MET D 212 10.90 -19.76 29.30
C MET D 212 11.00 -20.96 28.39
N GLU D 213 12.14 -21.12 27.67
CA GLU D 213 12.38 -22.27 26.80
C GLU D 213 12.49 -23.54 27.65
N GLU D 214 13.22 -23.46 28.80
CA GLU D 214 13.39 -24.58 29.73
C GLU D 214 12.08 -24.91 30.47
N THR D 215 11.32 -23.85 30.91
CA THR D 215 10.02 -24.01 31.63
C THR D 215 9.00 -24.80 30.79
N LEU D 216 8.77 -24.35 29.53
CA LEU D 216 7.81 -24.99 28.63
C LEU D 216 8.23 -26.40 28.20
N SER D 217 9.56 -26.62 27.98
CA SER D 217 10.11 -27.94 27.61
C SER D 217 10.06 -28.92 28.80
N TYR D 218 10.11 -28.38 30.04
CA TYR D 218 10.05 -29.19 31.27
C TYR D 218 8.63 -29.75 31.49
N LEU D 219 7.58 -28.91 31.26
CA LEU D 219 6.19 -29.31 31.48
C LEU D 219 5.54 -29.97 30.27
N LEU D 220 5.90 -29.53 29.04
CA LEU D 220 5.28 -30.06 27.81
C LEU D 220 6.18 -31.06 27.04
N GLY D 221 7.32 -31.43 27.63
CA GLY D 221 8.27 -32.38 27.05
C GLY D 221 7.71 -33.77 26.83
N ARG D 222 7.08 -34.36 27.89
CA ARG D 222 6.46 -35.70 27.82
C ARG D 222 5.30 -35.69 26.80
N LYS D 223 4.30 -34.77 27.01
CA LYS D 223 3.13 -34.59 26.12
C LYS D 223 2.47 -33.22 26.35
N LYS D 224 1.63 -32.78 25.37
CA LYS D 224 0.90 -31.50 25.48
C LYS D 224 -0.23 -31.65 26.49
N ARG D 225 -0.23 -30.80 27.52
CA ARG D 225 -1.23 -30.83 28.60
C ARG D 225 -1.63 -29.39 29.05
N PRO D 226 -2.87 -29.19 29.64
CA PRO D 226 -3.28 -27.83 30.06
C PRO D 226 -2.30 -27.15 31.02
N ILE D 227 -2.16 -25.81 30.90
CA ILE D 227 -1.24 -25.03 31.74
C ILE D 227 -2.01 -24.09 32.67
N HIS D 228 -1.69 -24.16 33.98
CA HIS D 228 -2.26 -23.26 34.98
C HIS D 228 -1.17 -22.27 35.38
N LEU D 229 -1.45 -20.97 35.21
CA LEU D 229 -0.50 -19.92 35.57
C LEU D 229 -0.98 -19.17 36.80
N SER D 230 -0.28 -19.37 37.94
CA SER D 230 -0.59 -18.68 39.18
C SER D 230 0.39 -17.51 39.30
N PHE D 231 -0.07 -16.30 38.92
CA PHE D 231 0.76 -15.11 38.90
C PHE D 231 0.56 -14.22 40.11
N ASP D 232 1.60 -14.11 40.95
CA ASP D 232 1.61 -13.21 42.08
C ASP D 232 2.29 -11.95 41.59
N VAL D 233 1.61 -10.79 41.71
CA VAL D 233 2.16 -9.50 41.22
C VAL D 233 3.49 -9.12 41.92
N ASP D 234 3.74 -9.66 43.17
CA ASP D 234 5.00 -9.39 43.88
C ASP D 234 6.20 -10.16 43.25
N GLY D 235 5.93 -11.02 42.26
CA GLY D 235 6.95 -11.74 41.50
C GLY D 235 7.77 -10.77 40.66
N LEU D 236 7.11 -9.66 40.25
CA LEU D 236 7.73 -8.58 39.51
C LEU D 236 8.34 -7.59 40.52
N ASP D 237 9.31 -6.77 40.06
CA ASP D 237 9.99 -5.77 40.91
C ASP D 237 8.98 -4.74 41.50
N PRO D 238 9.19 -4.26 42.79
CA PRO D 238 8.24 -3.26 43.37
C PRO D 238 8.24 -1.90 42.64
N SER D 239 9.08 -1.73 41.58
CA SER D 239 9.11 -0.51 40.76
C SER D 239 7.98 -0.54 39.72
N PHE D 240 7.34 -1.73 39.52
CA PHE D 240 6.23 -1.92 38.58
C PHE D 240 4.96 -2.30 39.32
N THR D 241 5.10 -3.12 40.39
CA THR D 241 3.95 -3.56 41.23
C THR D 241 4.17 -3.17 42.75
N PRO D 242 4.25 -1.84 43.12
CA PRO D 242 4.45 -1.49 44.55
C PRO D 242 3.26 -1.81 45.45
N ALA D 243 2.01 -1.67 44.92
CA ALA D 243 0.78 -1.93 45.69
C ALA D 243 0.54 -3.46 45.91
N THR D 244 1.36 -4.07 46.78
CA THR D 244 1.30 -5.49 47.14
C THR D 244 1.73 -5.69 48.62
N GLY D 245 1.22 -6.77 49.23
CA GLY D 245 1.46 -7.09 50.64
C GLY D 245 2.90 -7.35 51.04
N THR D 246 3.61 -8.19 50.25
CA THR D 246 5.01 -8.57 50.54
C THR D 246 5.95 -8.23 49.34
N PRO D 247 6.34 -6.92 49.17
CA PRO D 247 7.23 -6.57 48.04
C PRO D 247 8.71 -6.85 48.33
N VAL D 248 9.41 -7.53 47.40
CA VAL D 248 10.84 -7.85 47.54
C VAL D 248 11.62 -7.23 46.37
N VAL D 249 12.68 -6.45 46.69
CA VAL D 249 13.53 -5.75 45.69
C VAL D 249 14.29 -6.75 44.77
N GLY D 250 14.71 -6.27 43.58
CA GLY D 250 15.43 -7.07 42.59
C GLY D 250 14.57 -8.12 41.93
N GLY D 251 13.35 -7.73 41.56
CA GLY D 251 12.39 -8.63 40.94
C GLY D 251 12.37 -8.63 39.44
N LEU D 252 11.49 -9.47 38.85
CA LEU D 252 11.31 -9.58 37.41
C LEU D 252 10.87 -8.24 36.84
N THR D 253 11.41 -7.87 35.68
CA THR D 253 11.07 -6.59 35.05
C THR D 253 9.69 -6.66 34.37
N TYR D 254 9.15 -5.50 33.97
CA TYR D 254 7.87 -5.36 33.25
C TYR D 254 7.96 -6.17 31.92
N ARG D 255 9.14 -6.11 31.26
CA ARG D 255 9.43 -6.82 30.00
C ARG D 255 9.45 -8.34 30.20
N GLU D 256 10.16 -8.82 31.27
CA GLU D 256 10.27 -10.25 31.60
C GLU D 256 8.90 -10.84 31.91
N GLY D 257 8.08 -10.09 32.68
CA GLY D 257 6.71 -10.47 33.02
C GLY D 257 5.86 -10.63 31.78
N LEU D 258 6.03 -9.71 30.78
CA LEU D 258 5.31 -9.77 29.51
C LEU D 258 5.81 -10.94 28.69
N TYR D 259 7.15 -11.20 28.71
CA TYR D 259 7.75 -12.30 27.96
C TYR D 259 7.28 -13.68 28.46
N ILE D 260 7.12 -13.84 29.81
CA ILE D 260 6.61 -15.10 30.42
C ILE D 260 5.20 -15.38 29.89
N THR D 261 4.33 -14.36 29.96
CA THR D 261 2.92 -14.43 29.55
C THR D 261 2.75 -14.59 28.03
N GLU D 262 3.59 -13.90 27.22
CA GLU D 262 3.55 -14.00 25.74
C GLU D 262 3.90 -15.41 25.25
N GLU D 263 4.90 -16.05 25.90
CA GLU D 263 5.33 -17.42 25.54
C GLU D 263 4.29 -18.46 25.94
N ILE D 264 3.62 -18.29 27.12
CA ILE D 264 2.57 -19.21 27.61
C ILE D 264 1.35 -19.18 26.66
N TYR D 265 0.97 -17.97 26.15
CA TYR D 265 -0.15 -17.84 25.21
C TYR D 265 0.15 -18.57 23.88
N LYS D 266 1.41 -18.41 23.36
CA LYS D 266 1.88 -19.01 22.09
C LYS D 266 1.74 -20.54 22.03
N THR D 267 1.79 -21.22 23.20
CA THR D 267 1.63 -22.69 23.27
C THR D 267 0.18 -23.10 22.94
N GLY D 268 -0.77 -22.19 23.26
CA GLY D 268 -2.19 -22.42 23.06
C GLY D 268 -2.76 -23.42 24.06
N LEU D 269 -2.03 -23.64 25.18
CA LEU D 269 -2.39 -24.62 26.21
C LEU D 269 -2.79 -24.00 27.56
N LEU D 270 -2.78 -22.62 27.68
CA LEU D 270 -3.19 -21.94 28.91
C LEU D 270 -4.67 -22.28 29.17
N SER D 271 -4.95 -22.84 30.36
CA SER D 271 -6.30 -23.28 30.72
C SER D 271 -6.80 -22.62 32.01
N GLY D 272 -5.86 -22.20 32.87
CA GLY D 272 -6.17 -21.53 34.12
C GLY D 272 -5.22 -20.39 34.41
N LEU D 273 -5.76 -19.26 34.91
CA LEU D 273 -4.95 -18.09 35.22
C LEU D 273 -5.37 -17.45 36.53
N ASP D 274 -4.37 -17.05 37.35
CA ASP D 274 -4.58 -16.37 38.63
C ASP D 274 -3.81 -15.06 38.67
N ILE D 275 -4.50 -13.95 38.95
CA ILE D 275 -3.89 -12.62 39.12
C ILE D 275 -4.07 -12.28 40.59
N MET D 276 -3.02 -12.55 41.40
CA MET D 276 -3.12 -12.44 42.86
C MET D 276 -2.29 -11.33 43.50
N GLU D 277 -2.67 -10.98 44.77
CA GLU D 277 -2.02 -10.04 45.68
C GLU D 277 -2.07 -8.53 45.26
N VAL D 278 -3.02 -8.15 44.38
CA VAL D 278 -3.18 -6.72 44.02
C VAL D 278 -3.95 -6.02 45.16
N ASN D 279 -3.22 -5.23 45.98
CA ASN D 279 -3.80 -4.50 47.12
C ASN D 279 -3.80 -2.98 46.84
N PRO D 280 -4.98 -2.39 46.40
CA PRO D 280 -5.01 -0.94 46.09
C PRO D 280 -4.92 0.01 47.30
N SER D 281 -4.83 -0.52 48.53
CA SER D 281 -4.71 0.32 49.74
C SER D 281 -3.26 0.35 50.28
N LEU D 282 -2.35 -0.50 49.73
CA LEU D 282 -0.95 -0.58 50.16
C LEU D 282 0.04 0.13 49.20
N GLY D 283 -0.34 1.34 48.77
CA GLY D 283 0.50 2.17 47.90
C GLY D 283 0.91 3.45 48.58
N LYS D 284 2.14 3.95 48.27
CA LYS D 284 2.67 5.21 48.83
C LYS D 284 1.87 6.41 48.32
N THR D 285 1.55 6.41 47.00
CA THR D 285 0.77 7.47 46.32
C THR D 285 -0.32 6.81 45.42
N PRO D 286 -1.42 7.54 45.00
CA PRO D 286 -2.42 6.92 44.09
C PRO D 286 -1.81 6.47 42.74
N GLU D 287 -0.65 7.10 42.34
CA GLU D 287 0.09 6.76 41.11
C GLU D 287 0.64 5.33 41.21
N GLU D 288 1.22 4.96 42.40
CA GLU D 288 1.78 3.62 42.68
C GLU D 288 0.69 2.55 42.59
N VAL D 289 -0.55 2.91 43.02
CA VAL D 289 -1.74 2.04 42.97
C VAL D 289 -2.12 1.78 41.50
N THR D 290 -2.28 2.87 40.68
CA THR D 290 -2.62 2.78 39.24
C THR D 290 -1.53 2.03 38.46
N ARG D 291 -0.23 2.22 38.85
CA ARG D 291 0.93 1.57 38.21
C ARG D 291 0.86 0.04 38.35
N THR D 292 0.47 -0.46 39.57
CA THR D 292 0.34 -1.89 39.87
C THR D 292 -0.80 -2.51 39.05
N VAL D 293 -1.99 -1.85 39.07
CA VAL D 293 -3.20 -2.32 38.34
C VAL D 293 -2.94 -2.36 36.83
N ASN D 294 -2.32 -1.27 36.25
CA ASN D 294 -1.98 -1.22 34.81
C ASN D 294 -0.99 -2.33 34.43
N THR D 295 0.00 -2.62 35.31
CA THR D 295 0.97 -3.71 35.10
C THR D 295 0.24 -5.07 35.15
N ALA D 296 -0.65 -5.26 36.18
CA ALA D 296 -1.46 -6.48 36.34
C ALA D 296 -2.34 -6.73 35.10
N VAL D 297 -2.99 -5.64 34.56
CA VAL D 297 -3.85 -5.71 33.36
C VAL D 297 -3.01 -6.11 32.13
N ALA D 298 -1.81 -5.45 31.93
CA ALA D 298 -0.88 -5.74 30.82
C ALA D 298 -0.42 -7.20 30.83
N ILE D 299 -0.16 -7.77 32.05
CA ILE D 299 0.23 -9.17 32.25
C ILE D 299 -0.93 -10.09 31.75
N THR D 300 -2.19 -9.75 32.16
CA THR D 300 -3.40 -10.50 31.81
C THR D 300 -3.69 -10.44 30.30
N LEU D 301 -3.54 -9.24 29.66
CA LEU D 301 -3.77 -9.06 28.22
C LEU D 301 -2.81 -9.89 27.38
N ALA D 302 -1.52 -9.97 27.81
CA ALA D 302 -0.50 -10.77 27.13
C ALA D 302 -0.79 -12.28 27.22
N CYS D 303 -1.50 -12.73 28.31
CA CYS D 303 -1.90 -14.13 28.50
C CYS D 303 -2.92 -14.56 27.44
N PHE D 304 -3.74 -13.61 26.93
CA PHE D 304 -4.82 -13.92 26.00
C PHE D 304 -4.65 -13.30 24.57
N GLY D 305 -3.41 -13.17 24.09
CA GLY D 305 -3.19 -12.71 22.72
C GLY D 305 -2.33 -11.50 22.48
N LEU D 306 -2.41 -10.46 23.36
CA LEU D 306 -1.67 -9.20 23.15
C LEU D 306 -0.16 -9.41 23.05
N ALA D 307 0.39 -9.18 21.85
CA ALA D 307 1.82 -9.32 21.57
C ALA D 307 2.43 -7.95 21.31
N ARG D 308 3.64 -7.71 21.86
CA ARG D 308 4.36 -6.42 21.69
C ARG D 308 4.72 -6.16 20.22
N GLU D 309 4.95 -7.23 19.42
CA GLU D 309 5.25 -7.10 17.99
C GLU D 309 4.03 -6.56 17.18
N GLY D 310 2.83 -6.70 17.76
CA GLY D 310 1.59 -6.26 17.15
C GLY D 310 0.58 -7.37 16.96
N ASN D 311 -0.69 -6.99 16.70
CA ASN D 311 -1.79 -7.93 16.48
C ASN D 311 -2.71 -7.41 15.38
N HIS D 312 -3.15 -8.28 14.45
CA HIS D 312 -4.06 -7.88 13.36
C HIS D 312 -5.09 -8.95 13.03
N LYS D 313 -6.31 -8.50 12.61
CA LYS D 313 -7.43 -9.40 12.22
C LYS D 313 -7.07 -10.10 10.88
N PRO D 314 -7.64 -11.33 10.58
CA PRO D 314 -7.28 -12.01 9.31
C PRO D 314 -7.97 -11.39 8.06
N ILE D 315 -7.75 -10.08 7.82
CA ILE D 315 -8.30 -9.31 6.70
C ILE D 315 -7.22 -8.44 6.05
N ASP D 316 -7.43 -8.04 4.78
CA ASP D 316 -6.49 -7.18 4.05
C ASP D 316 -6.68 -5.72 4.50
N TYR D 317 -5.71 -5.18 5.27
CA TYR D 317 -5.75 -3.82 5.79
C TYR D 317 -5.48 -2.74 4.72
N LEU D 318 -4.91 -3.13 3.56
CA LEU D 318 -4.59 -2.19 2.47
C LEU D 318 -5.73 -2.05 1.41
N ASN D 319 -6.81 -2.88 1.51
CA ASN D 319 -7.96 -2.80 0.58
C ASN D 319 -9.29 -2.99 1.32
N SER E 2 -19.47 -28.41 -52.79
CA SER E 2 -19.62 -27.07 -52.19
C SER E 2 -20.40 -27.14 -50.88
N ALA E 3 -19.98 -26.33 -49.87
CA ALA E 3 -20.61 -26.27 -48.54
C ALA E 3 -22.00 -25.65 -48.61
N LYS E 4 -22.94 -26.14 -47.74
CA LYS E 4 -24.34 -25.65 -47.66
C LYS E 4 -24.41 -24.16 -47.32
N SER E 5 -23.49 -23.67 -46.42
CA SER E 5 -23.42 -22.27 -46.00
C SER E 5 -22.93 -21.33 -47.15
N ARG E 6 -22.43 -21.91 -48.26
CA ARG E 6 -21.96 -21.13 -49.42
C ARG E 6 -22.79 -21.40 -50.71
N THR E 7 -23.83 -22.28 -50.63
CA THR E 7 -24.73 -22.58 -51.77
C THR E 7 -25.86 -21.53 -51.76
N ILE E 8 -25.84 -20.60 -52.75
CA ILE E 8 -26.79 -19.47 -52.83
C ILE E 8 -27.75 -19.54 -54.04
N GLY E 9 -28.91 -18.89 -53.89
CA GLY E 9 -29.93 -18.75 -54.92
C GLY E 9 -30.40 -17.31 -55.01
N ILE E 10 -29.81 -16.53 -55.96
CA ILE E 10 -30.10 -15.09 -56.17
C ILE E 10 -31.53 -14.85 -56.66
N ILE E 11 -32.26 -13.91 -55.99
CA ILE E 11 -33.63 -13.53 -56.36
C ILE E 11 -33.71 -11.99 -56.45
N GLY E 12 -33.95 -11.48 -57.67
CA GLY E 12 -34.08 -10.05 -57.93
C GLY E 12 -35.50 -9.57 -57.70
N ALA E 13 -35.67 -8.56 -56.82
CA ALA E 13 -37.00 -8.01 -56.51
C ALA E 13 -37.11 -6.47 -56.84
N PRO E 14 -37.29 -6.10 -58.16
CA PRO E 14 -37.40 -4.67 -58.49
C PRO E 14 -38.80 -4.08 -58.14
N PHE E 15 -39.08 -3.91 -56.82
CA PHE E 15 -40.35 -3.37 -56.33
C PHE E 15 -40.15 -2.07 -55.53
N SER E 16 -41.09 -1.10 -55.67
CA SER E 16 -40.97 0.21 -54.99
C SER E 16 -42.30 0.77 -54.41
N LYS E 17 -43.45 0.16 -54.75
CA LYS E 17 -44.77 0.66 -54.28
C LYS E 17 -45.05 0.42 -52.75
N GLY E 18 -44.05 -0.08 -52.02
CA GLY E 18 -44.13 -0.28 -50.57
C GLY E 18 -43.81 0.99 -49.79
N GLN E 19 -43.21 1.99 -50.49
CA GLN E 19 -42.84 3.31 -49.92
C GLN E 19 -43.07 4.46 -50.98
N PRO E 20 -43.17 5.77 -50.55
CA PRO E 20 -43.50 6.82 -51.54
C PRO E 20 -42.32 7.41 -52.36
N ARG E 21 -41.09 6.87 -52.19
CA ARG E 21 -39.92 7.39 -52.94
C ARG E 21 -39.41 6.43 -54.02
N GLY E 22 -39.53 6.86 -55.29
CA GLY E 22 -39.09 6.08 -56.43
C GLY E 22 -37.59 5.99 -56.56
N GLY E 23 -37.10 4.81 -56.95
CA GLY E 23 -35.67 4.55 -57.12
C GLY E 23 -35.18 3.27 -56.47
N VAL E 24 -35.91 2.79 -55.41
CA VAL E 24 -35.53 1.56 -54.68
C VAL E 24 -35.70 0.27 -55.55
N GLU E 25 -36.50 0.37 -56.66
CA GLU E 25 -36.71 -0.75 -57.61
C GLU E 25 -35.42 -1.01 -58.44
N GLU E 26 -34.49 -0.02 -58.48
CA GLU E 26 -33.20 -0.13 -59.19
C GLU E 26 -32.11 -0.76 -58.29
N GLY E 27 -32.49 -1.09 -57.03
CA GLY E 27 -31.62 -1.72 -56.03
C GLY E 27 -30.96 -3.03 -56.51
N PRO E 28 -31.74 -4.04 -57.04
CA PRO E 28 -31.09 -5.29 -57.52
C PRO E 28 -30.23 -5.08 -58.77
N THR E 29 -30.52 -4.00 -59.55
CA THR E 29 -29.78 -3.66 -60.78
C THR E 29 -28.37 -3.14 -60.46
N VAL E 30 -28.26 -2.13 -59.55
CA VAL E 30 -26.96 -1.53 -59.16
C VAL E 30 -26.09 -2.53 -58.36
N LEU E 31 -26.73 -3.42 -57.54
CA LEU E 31 -26.02 -4.45 -56.77
C LEU E 31 -25.35 -5.46 -57.72
N ARG E 32 -26.04 -5.83 -58.83
CA ARG E 32 -25.52 -6.73 -59.86
C ARG E 32 -24.40 -6.05 -60.67
N LYS E 33 -24.54 -4.71 -60.92
CA LYS E 33 -23.56 -3.89 -61.66
C LYS E 33 -22.22 -3.79 -60.92
N ALA E 34 -22.26 -3.83 -59.55
CA ALA E 34 -21.07 -3.78 -58.70
C ALA E 34 -20.26 -5.11 -58.76
N GLY E 35 -20.89 -6.16 -59.31
CA GLY E 35 -20.28 -7.48 -59.46
C GLY E 35 -20.45 -8.37 -58.25
N LEU E 36 -21.66 -8.36 -57.65
CA LEU E 36 -21.99 -9.15 -56.45
C LEU E 36 -21.91 -10.66 -56.71
N LEU E 37 -22.55 -11.14 -57.82
CA LEU E 37 -22.55 -12.56 -58.21
C LEU E 37 -21.14 -13.07 -58.53
N GLU E 38 -20.29 -12.21 -59.13
CA GLU E 38 -18.91 -12.55 -59.49
C GLU E 38 -18.02 -12.61 -58.24
N LYS E 39 -18.17 -11.61 -57.30
CA LYS E 39 -17.41 -11.55 -56.04
C LYS E 39 -17.73 -12.74 -55.12
N LEU E 40 -18.99 -13.24 -55.18
CA LEU E 40 -19.43 -14.41 -54.40
C LEU E 40 -18.77 -15.69 -54.95
N LYS E 41 -18.69 -15.82 -56.32
CA LYS E 41 -18.06 -16.97 -56.99
C LYS E 41 -16.54 -17.04 -56.71
N GLU E 42 -15.90 -15.85 -56.47
CA GLU E 42 -14.47 -15.75 -56.10
C GLU E 42 -14.25 -16.26 -54.67
N GLN E 43 -15.34 -16.30 -53.85
CA GLN E 43 -15.32 -16.74 -52.45
C GLN E 43 -15.71 -18.25 -52.30
N GLU E 44 -15.49 -19.08 -53.39
CA GLU E 44 -15.79 -20.54 -53.44
C GLU E 44 -17.31 -20.87 -53.26
N CYS E 45 -18.20 -19.88 -53.55
CA CYS E 45 -19.64 -20.04 -53.40
C CYS E 45 -20.33 -20.65 -54.62
N ASP E 46 -21.32 -21.53 -54.38
CA ASP E 46 -22.12 -22.15 -55.45
C ASP E 46 -23.28 -21.18 -55.74
N VAL E 47 -23.11 -20.33 -56.77
CA VAL E 47 -24.07 -19.27 -57.12
C VAL E 47 -24.95 -19.64 -58.32
N LYS E 48 -26.30 -19.59 -58.12
CA LYS E 48 -27.29 -19.85 -59.15
C LYS E 48 -28.29 -18.68 -59.18
N ASP E 49 -28.36 -17.95 -60.30
CA ASP E 49 -29.26 -16.81 -60.45
C ASP E 49 -30.64 -17.25 -60.94
N TYR E 50 -31.70 -16.69 -60.33
CA TYR E 50 -33.09 -16.99 -60.69
C TYR E 50 -33.74 -15.78 -61.41
N GLY E 51 -32.92 -14.77 -61.69
CA GLY E 51 -33.33 -13.54 -62.39
C GLY E 51 -34.18 -12.60 -61.56
N ASP E 52 -34.66 -11.51 -62.20
CA ASP E 52 -35.52 -10.52 -61.55
C ASP E 52 -37.00 -10.86 -61.79
N LEU E 53 -37.80 -10.87 -60.70
CA LEU E 53 -39.24 -11.18 -60.78
C LEU E 53 -40.01 -10.05 -61.49
N PRO E 54 -40.82 -10.36 -62.55
CA PRO E 54 -41.56 -9.28 -63.23
C PRO E 54 -42.84 -8.90 -62.49
N PHE E 55 -42.86 -7.69 -61.88
CA PHE E 55 -44.01 -7.19 -61.13
C PHE E 55 -44.93 -6.38 -62.03
N ALA E 56 -46.15 -6.91 -62.29
CA ALA E 56 -47.15 -6.26 -63.13
C ALA E 56 -47.77 -5.03 -62.46
N ASP E 57 -48.18 -4.03 -63.28
CA ASP E 57 -48.78 -2.80 -62.79
C ASP E 57 -50.28 -2.94 -62.56
N ILE E 58 -50.77 -2.46 -61.38
CA ILE E 58 -52.19 -2.47 -61.03
C ILE E 58 -52.68 -0.98 -60.93
N PRO E 59 -53.24 -0.41 -62.05
CA PRO E 59 -53.68 1.01 -62.02
C PRO E 59 -54.95 1.27 -61.22
N ASN E 60 -55.79 0.23 -61.01
CA ASN E 60 -57.05 0.35 -60.25
C ASN E 60 -56.89 -0.02 -58.74
N ASP E 61 -55.67 0.22 -58.19
CA ASP E 61 -55.37 -0.08 -56.79
C ASP E 61 -55.90 1.03 -55.86
N SER E 62 -57.04 0.75 -55.17
CA SER E 62 -57.68 1.69 -54.24
C SER E 62 -57.06 1.54 -52.83
N PRO E 63 -56.79 2.67 -52.10
CA PRO E 63 -56.18 2.55 -50.77
C PRO E 63 -57.14 2.08 -49.68
N PHE E 64 -56.70 1.06 -48.88
CA PHE E 64 -57.49 0.52 -47.76
C PHE E 64 -57.32 1.47 -46.56
N GLN E 65 -58.41 2.26 -46.23
CA GLN E 65 -58.43 3.27 -45.14
C GLN E 65 -57.37 4.39 -45.39
N ILE E 66 -56.08 4.12 -45.03
CA ILE E 66 -54.95 5.05 -45.23
C ILE E 66 -53.73 4.28 -45.86
N VAL E 67 -53.79 2.91 -45.84
CA VAL E 67 -52.75 2.00 -46.37
C VAL E 67 -52.57 2.20 -47.90
N LYS E 68 -51.34 2.58 -48.33
CA LYS E 68 -51.00 2.85 -49.73
C LYS E 68 -50.62 1.60 -50.52
N ASN E 69 -51.13 1.50 -51.79
CA ASN E 69 -50.89 0.38 -52.73
C ASN E 69 -51.07 -1.06 -52.08
N PRO E 70 -52.28 -1.42 -51.54
CA PRO E 70 -52.44 -2.75 -50.89
C PRO E 70 -52.32 -3.96 -51.85
N ARG E 71 -52.96 -3.87 -53.05
CA ARG E 71 -52.95 -4.97 -54.04
C ARG E 71 -51.57 -5.15 -54.69
N SER E 72 -50.84 -4.03 -54.94
CA SER E 72 -49.50 -4.07 -55.56
C SER E 72 -48.46 -4.72 -54.63
N VAL E 73 -48.49 -4.38 -53.31
CA VAL E 73 -47.56 -4.92 -52.31
C VAL E 73 -47.84 -6.41 -52.02
N GLY E 74 -49.12 -6.74 -51.80
CA GLY E 74 -49.57 -8.11 -51.53
C GLY E 74 -49.24 -9.10 -52.62
N LYS E 75 -49.39 -8.67 -53.91
CA LYS E 75 -49.10 -9.50 -55.10
C LYS E 75 -47.58 -9.70 -55.27
N ALA E 76 -46.78 -8.63 -54.97
CA ALA E 76 -45.31 -8.67 -55.06
C ALA E 76 -44.70 -9.69 -54.10
N SER E 77 -45.19 -9.69 -52.82
CA SER E 77 -44.76 -10.63 -51.79
C SER E 77 -45.26 -12.06 -52.10
N GLU E 78 -46.49 -12.16 -52.70
CA GLU E 78 -47.09 -13.46 -53.10
C GLU E 78 -46.25 -14.12 -54.20
N GLN E 79 -45.75 -13.29 -55.16
CA GLN E 79 -44.90 -13.74 -56.27
C GLN E 79 -43.49 -14.10 -55.75
N LEU E 80 -43.02 -13.39 -54.69
CA LEU E 80 -41.71 -13.63 -54.07
C LEU E 80 -41.74 -14.91 -53.22
N ALA E 81 -42.87 -15.16 -52.48
CA ALA E 81 -43.05 -16.36 -51.62
C ALA E 81 -42.90 -17.67 -52.41
N GLY E 82 -43.48 -17.72 -53.62
CA GLY E 82 -43.40 -18.87 -54.51
C GLY E 82 -41.99 -19.10 -55.04
N LYS E 83 -41.24 -17.99 -55.27
CA LYS E 83 -39.86 -18.05 -55.77
C LYS E 83 -38.86 -18.43 -54.66
N VAL E 84 -39.05 -17.87 -53.42
CA VAL E 84 -38.19 -18.16 -52.25
C VAL E 84 -38.31 -19.67 -51.87
N ALA E 85 -39.57 -20.20 -51.87
CA ALA E 85 -39.86 -21.62 -51.57
C ALA E 85 -39.21 -22.55 -52.62
N GLU E 86 -39.19 -22.11 -53.91
CA GLU E 86 -38.59 -22.85 -55.04
C GLU E 86 -37.05 -22.97 -54.84
N VAL E 87 -36.40 -21.89 -54.33
CA VAL E 87 -34.95 -21.85 -54.06
C VAL E 87 -34.61 -22.78 -52.86
N LYS E 88 -35.48 -22.76 -51.80
CA LYS E 88 -35.29 -23.59 -50.60
C LYS E 88 -35.47 -25.09 -50.87
N LYS E 89 -36.37 -25.46 -51.83
CA LYS E 89 -36.62 -26.86 -52.21
C LYS E 89 -35.38 -27.49 -52.87
N ASN E 90 -34.58 -26.66 -53.60
CA ASN E 90 -33.34 -27.10 -54.26
C ASN E 90 -32.17 -27.27 -53.24
N GLY E 91 -32.36 -26.73 -52.02
CA GLY E 91 -31.37 -26.78 -50.95
C GLY E 91 -30.35 -25.66 -51.05
N ARG E 92 -30.81 -24.44 -51.40
CA ARG E 92 -29.96 -23.25 -51.57
C ARG E 92 -30.42 -22.10 -50.67
N ILE E 93 -29.47 -21.24 -50.24
CA ILE E 93 -29.79 -20.06 -49.40
C ILE E 93 -30.43 -19.00 -50.28
N SER E 94 -31.68 -18.62 -49.96
CA SER E 94 -32.43 -17.61 -50.71
C SER E 94 -31.88 -16.21 -50.41
N LEU E 95 -31.37 -15.52 -51.46
CA LEU E 95 -30.84 -14.16 -51.35
C LEU E 95 -31.73 -13.20 -52.12
N VAL E 96 -32.56 -12.45 -51.40
CA VAL E 96 -33.49 -11.49 -52.00
C VAL E 96 -32.87 -10.11 -52.05
N LEU E 97 -32.73 -9.55 -53.26
CA LEU E 97 -32.18 -8.22 -53.46
C LEU E 97 -33.33 -7.24 -53.66
N GLY E 98 -33.48 -6.31 -52.73
CA GLY E 98 -34.55 -5.32 -52.77
C GLY E 98 -34.15 -4.02 -53.47
N GLY E 99 -35.10 -3.09 -53.63
CA GLY E 99 -36.49 -3.23 -53.18
C GLY E 99 -36.72 -2.77 -51.76
N ASP E 100 -37.98 -2.44 -51.43
CA ASP E 100 -38.36 -1.98 -50.08
C ASP E 100 -38.60 -3.17 -49.11
N HIS E 101 -38.68 -2.89 -47.78
CA HIS E 101 -38.82 -3.93 -46.76
C HIS E 101 -40.22 -4.63 -46.68
N SER E 102 -41.23 -4.18 -47.50
CA SER E 102 -42.55 -4.84 -47.52
C SER E 102 -42.46 -6.24 -48.15
N LEU E 103 -41.38 -6.48 -48.97
CA LEU E 103 -41.11 -7.76 -49.64
C LEU E 103 -40.74 -8.87 -48.62
N ALA E 104 -40.37 -8.48 -47.36
CA ALA E 104 -40.03 -9.42 -46.28
C ALA E 104 -41.21 -10.35 -45.94
N ILE E 105 -42.49 -9.87 -46.15
CA ILE E 105 -43.72 -10.69 -45.92
C ILE E 105 -43.62 -12.01 -46.72
N GLY E 106 -43.35 -11.88 -48.02
CA GLY E 106 -43.23 -13.02 -48.92
C GLY E 106 -41.96 -13.82 -48.73
N SER E 107 -40.80 -13.13 -48.55
CA SER E 107 -39.49 -13.78 -48.36
C SER E 107 -39.48 -14.71 -47.13
N ILE E 108 -40.09 -14.24 -46.00
CA ILE E 108 -40.17 -15.04 -44.76
C ILE E 108 -41.25 -16.15 -44.90
N SER E 109 -42.42 -15.83 -45.54
CA SER E 109 -43.53 -16.80 -45.74
C SER E 109 -43.10 -17.97 -46.63
N GLY E 110 -42.41 -17.65 -47.74
CA GLY E 110 -41.90 -18.65 -48.69
C GLY E 110 -40.84 -19.55 -48.08
N HIS E 111 -39.97 -18.96 -47.23
CA HIS E 111 -38.91 -19.67 -46.52
C HIS E 111 -39.54 -20.58 -45.43
N ALA E 112 -40.63 -20.11 -44.77
CA ALA E 112 -41.34 -20.86 -43.74
C ALA E 112 -42.14 -22.05 -44.30
N ARG E 113 -42.48 -22.01 -45.62
CA ARG E 113 -43.22 -23.10 -46.28
C ARG E 113 -42.38 -24.40 -46.31
N VAL E 114 -41.03 -24.26 -46.48
CA VAL E 114 -40.07 -25.38 -46.52
C VAL E 114 -39.46 -25.61 -45.11
N HIS E 115 -39.10 -24.51 -44.40
CA HIS E 115 -38.51 -24.58 -43.05
C HIS E 115 -39.40 -23.79 -42.03
N PRO E 116 -40.48 -24.42 -41.46
CA PRO E 116 -41.35 -23.69 -40.51
C PRO E 116 -40.72 -23.40 -39.13
N ASP E 117 -39.56 -24.03 -38.83
CA ASP E 117 -38.87 -23.86 -37.54
C ASP E 117 -37.75 -22.77 -37.60
N LEU E 118 -37.83 -21.85 -38.60
CA LEU E 118 -36.82 -20.79 -38.78
C LEU E 118 -36.87 -19.69 -37.72
N GLY E 119 -35.71 -19.05 -37.49
CA GLY E 119 -35.55 -17.91 -36.59
C GLY E 119 -35.18 -16.67 -37.38
N VAL E 120 -35.78 -15.51 -37.02
CA VAL E 120 -35.55 -14.25 -37.76
C VAL E 120 -34.64 -13.28 -37.01
N ILE E 121 -33.56 -12.79 -37.68
CA ILE E 121 -32.68 -11.74 -37.17
C ILE E 121 -32.95 -10.51 -38.04
N TRP E 122 -33.63 -9.51 -37.46
CA TRP E 122 -34.06 -8.30 -38.15
C TRP E 122 -33.10 -7.11 -37.87
N VAL E 123 -32.16 -6.84 -38.81
CA VAL E 123 -31.21 -5.72 -38.69
C VAL E 123 -31.82 -4.50 -39.38
N ASP E 124 -32.26 -3.50 -38.58
CA ASP E 124 -32.98 -2.31 -39.07
C ASP E 124 -32.95 -1.22 -38.00
N ALA E 125 -33.13 0.05 -38.42
CA ALA E 125 -33.24 1.18 -37.50
C ALA E 125 -34.68 1.23 -36.93
N HIS E 126 -35.62 0.55 -37.62
CA HIS E 126 -37.05 0.53 -37.29
C HIS E 126 -37.59 -0.90 -37.05
N THR E 127 -38.68 -1.02 -36.26
CA THR E 127 -39.30 -2.32 -35.94
C THR E 127 -40.10 -2.92 -37.12
N ASP E 128 -40.68 -2.04 -38.01
CA ASP E 128 -41.53 -2.47 -39.17
C ASP E 128 -42.69 -3.40 -38.69
N ILE E 129 -43.27 -3.07 -37.50
CA ILE E 129 -44.32 -3.86 -36.85
C ILE E 129 -45.69 -3.10 -36.77
N ASN E 130 -45.79 -1.95 -37.50
CA ASN E 130 -47.03 -1.15 -37.55
C ASN E 130 -48.16 -1.97 -38.20
N THR E 131 -49.33 -1.99 -37.57
CA THR E 131 -50.49 -2.70 -38.10
C THR E 131 -51.24 -1.75 -39.07
N PRO E 132 -52.12 -2.27 -40.01
CA PRO E 132 -52.85 -1.34 -40.91
C PRO E 132 -53.74 -0.32 -40.17
N LEU E 133 -53.96 -0.54 -38.84
CA LEU E 133 -54.74 0.36 -37.98
C LEU E 133 -53.85 1.35 -37.19
N THR E 134 -52.61 0.93 -36.80
CA THR E 134 -51.67 1.79 -36.04
C THR E 134 -50.78 2.67 -36.93
N THR E 135 -50.64 2.30 -38.25
CA THR E 135 -49.81 3.06 -39.21
C THR E 135 -50.32 4.50 -39.41
N THR E 136 -49.39 5.48 -39.43
CA THR E 136 -49.72 6.91 -39.62
C THR E 136 -49.27 7.42 -41.00
N SER E 137 -48.45 6.63 -41.73
CA SER E 137 -47.96 6.98 -43.06
C SER E 137 -48.72 6.23 -44.16
N GLY E 138 -49.11 4.98 -43.87
CA GLY E 138 -49.83 4.13 -44.82
C GLY E 138 -48.90 3.25 -45.65
N ASN E 139 -47.58 3.52 -45.57
CA ASN E 139 -46.55 2.78 -46.31
C ASN E 139 -46.38 1.36 -45.74
N LEU E 140 -46.52 0.33 -46.60
CA LEU E 140 -46.45 -1.08 -46.19
C LEU E 140 -45.02 -1.60 -45.90
N HIS E 141 -43.97 -0.81 -46.24
CA HIS E 141 -42.56 -1.22 -45.97
C HIS E 141 -42.20 -1.16 -44.46
N GLY E 142 -43.10 -0.53 -43.67
CA GLY E 142 -42.98 -0.43 -42.22
C GLY E 142 -44.06 -1.24 -41.51
N GLN E 143 -44.64 -2.23 -42.24
CA GLN E 143 -45.72 -3.10 -41.74
C GLN E 143 -45.43 -4.65 -41.93
N PRO E 144 -44.22 -5.13 -42.46
CA PRO E 144 -44.05 -6.58 -42.70
C PRO E 144 -44.18 -7.52 -41.50
N VAL E 145 -43.55 -7.19 -40.36
CA VAL E 145 -43.55 -8.05 -39.14
C VAL E 145 -44.98 -8.26 -38.56
N SER E 146 -45.85 -7.20 -38.60
CA SER E 146 -47.23 -7.26 -38.09
C SER E 146 -48.06 -8.37 -38.79
N PHE E 147 -47.90 -8.49 -40.13
CA PHE E 147 -48.60 -9.50 -40.96
C PHE E 147 -48.05 -10.92 -40.71
N LEU E 148 -46.74 -11.03 -40.33
CA LEU E 148 -46.06 -12.32 -40.14
C LEU E 148 -46.20 -12.95 -38.73
N LEU E 149 -46.50 -12.13 -37.69
CA LEU E 149 -46.61 -12.64 -36.31
C LEU E 149 -47.90 -13.40 -36.01
N LYS E 150 -47.76 -14.58 -35.32
CA LYS E 150 -48.88 -15.46 -34.91
C LYS E 150 -49.71 -14.83 -33.79
N GLU E 151 -49.05 -14.06 -32.89
CA GLU E 151 -49.70 -13.41 -31.73
C GLU E 151 -50.65 -12.26 -32.15
N LEU E 152 -50.44 -11.67 -33.35
CA LEU E 152 -51.27 -10.57 -33.85
C LEU E 152 -52.45 -11.08 -34.75
N LYS E 153 -52.78 -12.41 -34.65
CA LYS E 153 -53.89 -13.02 -35.40
C LYS E 153 -55.23 -12.55 -34.84
N GLY E 154 -55.84 -11.57 -35.53
CA GLY E 154 -57.11 -10.96 -35.13
C GLY E 154 -57.03 -9.45 -35.06
N LYS E 155 -55.80 -8.91 -34.85
CA LYS E 155 -55.56 -7.46 -34.77
C LYS E 155 -55.25 -6.85 -36.15
N ILE E 156 -54.95 -7.72 -37.15
CA ILE E 156 -54.66 -7.29 -38.53
C ILE E 156 -55.96 -7.36 -39.38
N PRO E 157 -56.51 -6.20 -39.87
CA PRO E 157 -57.74 -6.26 -40.70
C PRO E 157 -57.47 -6.88 -42.07
N ASP E 158 -58.54 -7.37 -42.75
CA ASP E 158 -58.41 -8.00 -44.07
C ASP E 158 -58.14 -6.97 -45.17
N VAL E 159 -56.85 -6.69 -45.41
CA VAL E 159 -56.38 -5.74 -46.44
C VAL E 159 -56.35 -6.45 -47.82
N PRO E 160 -56.90 -5.82 -48.92
CA PRO E 160 -56.90 -6.50 -50.25
C PRO E 160 -55.50 -6.85 -50.75
N GLY E 161 -55.32 -8.12 -51.13
CA GLY E 161 -54.06 -8.64 -51.64
C GLY E 161 -53.25 -9.42 -50.61
N PHE E 162 -53.69 -9.40 -49.32
CA PHE E 162 -52.99 -10.10 -48.23
C PHE E 162 -53.77 -11.32 -47.68
N SER E 163 -54.67 -11.90 -48.52
CA SER E 163 -55.48 -13.08 -48.14
C SER E 163 -54.61 -14.35 -48.01
N TRP E 164 -53.62 -14.51 -48.93
CA TRP E 164 -52.68 -15.66 -48.97
C TRP E 164 -51.79 -15.72 -47.71
N VAL E 165 -51.55 -14.54 -47.04
CA VAL E 165 -50.69 -14.42 -45.85
C VAL E 165 -51.20 -15.25 -44.66
N THR E 166 -50.37 -16.19 -44.20
CA THR E 166 -50.65 -17.04 -43.05
C THR E 166 -49.54 -16.81 -42.01
N PRO E 167 -49.86 -16.28 -40.77
CA PRO E 167 -48.80 -16.02 -39.77
C PRO E 167 -47.92 -17.25 -39.51
N CYS E 168 -46.62 -17.13 -39.82
CA CYS E 168 -45.66 -18.24 -39.73
C CYS E 168 -44.69 -18.14 -38.53
N ILE E 169 -44.27 -16.90 -38.18
CA ILE E 169 -43.32 -16.71 -37.06
C ILE E 169 -44.01 -16.24 -35.78
N SER E 170 -43.51 -16.70 -34.62
CA SER E 170 -44.02 -16.31 -33.31
C SER E 170 -43.14 -15.17 -32.72
N ALA E 171 -43.63 -14.50 -31.64
CA ALA E 171 -42.93 -13.39 -30.98
C ALA E 171 -41.56 -13.82 -30.41
N LYS E 172 -41.44 -15.11 -29.99
CA LYS E 172 -40.20 -15.69 -29.44
C LYS E 172 -39.17 -16.10 -30.55
N ASP E 173 -39.60 -16.07 -31.84
CA ASP E 173 -38.74 -16.48 -32.97
C ASP E 173 -38.12 -15.30 -33.78
N ILE E 174 -38.27 -14.05 -33.29
CA ILE E 174 -37.73 -12.86 -33.98
C ILE E 174 -36.87 -11.99 -33.02
N VAL E 175 -35.66 -11.55 -33.51
CA VAL E 175 -34.73 -10.69 -32.74
C VAL E 175 -34.37 -9.45 -33.56
N TYR E 176 -34.61 -8.25 -32.99
CA TYR E 176 -34.28 -6.97 -33.63
C TYR E 176 -32.89 -6.50 -33.25
N ILE E 177 -32.13 -5.92 -34.21
CA ILE E 177 -30.78 -5.37 -33.96
C ILE E 177 -30.61 -4.00 -34.63
N GLY E 178 -30.38 -2.96 -33.82
CA GLY E 178 -30.11 -1.61 -34.30
C GLY E 178 -31.26 -0.61 -34.26
N LEU E 179 -32.30 -0.87 -33.41
CA LEU E 179 -33.48 0.02 -33.30
C LEU E 179 -33.11 1.41 -32.75
N ARG E 180 -33.62 2.50 -33.40
CA ARG E 180 -33.36 3.89 -32.97
C ARG E 180 -34.48 4.88 -33.40
N ASP E 181 -35.48 4.39 -34.18
CA ASP E 181 -36.62 5.20 -34.63
C ASP E 181 -37.89 4.32 -34.63
N VAL E 182 -38.46 4.12 -33.42
CA VAL E 182 -39.63 3.28 -33.21
C VAL E 182 -40.86 4.13 -32.85
N ASP E 183 -41.97 3.96 -33.62
CA ASP E 183 -43.24 4.68 -33.42
C ASP E 183 -43.93 4.26 -32.08
N PRO E 184 -44.78 5.17 -31.46
CA PRO E 184 -45.44 4.79 -30.17
C PRO E 184 -46.27 3.50 -30.26
N GLY E 185 -47.00 3.32 -31.38
CA GLY E 185 -47.79 2.12 -31.64
C GLY E 185 -46.92 0.89 -31.79
N GLU E 186 -45.74 1.07 -32.45
CA GLU E 186 -44.77 0.00 -32.68
C GLU E 186 -44.07 -0.44 -31.40
N HIS E 187 -43.69 0.52 -30.51
CA HIS E 187 -43.03 0.23 -29.22
C HIS E 187 -43.97 -0.52 -28.26
N TYR E 188 -45.30 -0.21 -28.30
CA TYR E 188 -46.31 -0.88 -27.47
C TYR E 188 -46.37 -2.38 -27.81
N ILE E 189 -46.51 -2.72 -29.13
CA ILE E 189 -46.56 -4.10 -29.63
C ILE E 189 -45.26 -4.86 -29.28
N LEU E 190 -44.09 -4.18 -29.45
CA LEU E 190 -42.75 -4.71 -29.13
C LEU E 190 -42.62 -5.13 -27.65
N LYS E 191 -43.18 -4.31 -26.72
CA LYS E 191 -43.11 -4.58 -25.28
C LYS E 191 -44.21 -5.53 -24.77
N THR E 192 -45.44 -5.42 -25.36
CA THR E 192 -46.60 -6.28 -24.97
C THR E 192 -46.36 -7.76 -25.36
N LEU E 193 -45.80 -8.00 -26.57
CA LEU E 193 -45.53 -9.37 -27.05
C LEU E 193 -44.22 -9.98 -26.46
N GLY E 194 -43.41 -9.12 -25.81
CA GLY E 194 -42.15 -9.53 -25.18
C GLY E 194 -41.10 -10.02 -26.16
N ILE E 195 -41.01 -9.35 -27.34
CA ILE E 195 -40.04 -9.69 -28.39
C ILE E 195 -38.62 -9.29 -27.95
N LYS E 196 -37.61 -10.18 -28.18
CA LYS E 196 -36.22 -9.91 -27.84
C LYS E 196 -35.65 -8.87 -28.84
N TYR E 197 -35.08 -7.78 -28.31
CA TYR E 197 -34.55 -6.71 -29.15
C TYR E 197 -33.24 -6.15 -28.64
N PHE E 198 -32.45 -5.61 -29.57
CA PHE E 198 -31.18 -4.98 -29.27
C PHE E 198 -31.14 -3.62 -29.96
N SER E 199 -31.73 -2.60 -29.31
CA SER E 199 -31.73 -1.23 -29.81
C SER E 199 -30.30 -0.66 -29.72
N MET E 200 -30.07 0.59 -30.24
CA MET E 200 -28.74 1.21 -30.17
C MET E 200 -28.26 1.35 -28.72
N THR E 201 -29.22 1.50 -27.75
CA THR E 201 -28.94 1.58 -26.31
C THR E 201 -28.30 0.26 -25.82
N GLU E 202 -28.83 -0.90 -26.30
CA GLU E 202 -28.32 -2.25 -25.96
C GLU E 202 -26.98 -2.52 -26.65
N VAL E 203 -26.79 -2.00 -27.90
CA VAL E 203 -25.54 -2.16 -28.67
C VAL E 203 -24.40 -1.35 -27.98
N ASP E 204 -24.71 -0.13 -27.48
CA ASP E 204 -23.74 0.70 -26.76
C ASP E 204 -23.38 0.09 -25.41
N ARG E 205 -24.39 -0.46 -24.69
CA ARG E 205 -24.25 -1.06 -23.36
C ARG E 205 -23.39 -2.33 -23.35
N LEU E 206 -23.77 -3.33 -24.17
CA LEU E 206 -23.13 -4.65 -24.21
C LEU E 206 -21.97 -4.77 -25.18
N GLY E 207 -22.04 -4.04 -26.29
CA GLY E 207 -21.06 -4.16 -27.37
C GLY E 207 -21.55 -5.15 -28.41
N ILE E 208 -21.15 -4.97 -29.69
CA ILE E 208 -21.59 -5.84 -30.80
C ILE E 208 -21.22 -7.37 -30.57
N GLY E 209 -20.18 -7.62 -29.76
CA GLY E 209 -19.75 -8.98 -29.42
C GLY E 209 -20.77 -9.70 -28.56
N LYS E 210 -21.17 -9.06 -27.42
CA LYS E 210 -22.17 -9.61 -26.48
C LYS E 210 -23.58 -9.64 -27.11
N VAL E 211 -23.92 -8.64 -27.98
CA VAL E 211 -25.21 -8.57 -28.68
C VAL E 211 -25.39 -9.82 -29.58
N MET E 212 -24.34 -10.19 -30.35
CA MET E 212 -24.35 -11.37 -31.22
C MET E 212 -24.32 -12.67 -30.43
N GLU E 213 -23.62 -12.67 -29.27
CA GLU E 213 -23.53 -13.84 -28.39
C GLU E 213 -24.92 -14.15 -27.80
N GLU E 214 -25.66 -13.09 -27.37
CA GLU E 214 -27.00 -13.22 -26.78
C GLU E 214 -28.05 -13.58 -27.84
N THR E 215 -27.98 -12.94 -29.06
CA THR E 215 -28.91 -13.18 -30.18
C THR E 215 -28.90 -14.65 -30.63
N LEU E 216 -27.69 -15.20 -30.89
CA LEU E 216 -27.51 -16.57 -31.36
C LEU E 216 -27.85 -17.62 -30.28
N SER E 217 -27.55 -17.29 -28.98
CA SER E 217 -27.86 -18.19 -27.85
C SER E 217 -29.38 -18.22 -27.58
N TYR E 218 -30.09 -17.12 -27.90
CA TYR E 218 -31.54 -17.00 -27.71
C TYR E 218 -32.31 -17.83 -28.77
N LEU E 219 -31.80 -17.87 -30.03
CA LEU E 219 -32.46 -18.58 -31.14
C LEU E 219 -31.95 -20.02 -31.36
N LEU E 220 -30.64 -20.28 -31.10
CA LEU E 220 -30.03 -21.61 -31.37
C LEU E 220 -29.61 -22.41 -30.10
N GLY E 221 -29.67 -21.75 -28.93
CA GLY E 221 -29.28 -22.34 -27.63
C GLY E 221 -29.83 -23.72 -27.33
N ARG E 222 -31.15 -23.92 -27.55
CA ARG E 222 -31.80 -25.21 -27.30
C ARG E 222 -31.50 -26.24 -28.40
N LYS E 223 -31.70 -25.85 -29.69
CA LYS E 223 -31.46 -26.73 -30.85
C LYS E 223 -31.05 -25.94 -32.11
N LYS E 224 -30.29 -26.60 -33.04
CA LYS E 224 -29.84 -25.98 -34.30
C LYS E 224 -31.03 -25.83 -35.26
N ARG E 225 -31.38 -24.57 -35.59
CA ARG E 225 -32.52 -24.24 -36.47
C ARG E 225 -32.13 -23.27 -37.63
N PRO E 226 -32.89 -23.26 -38.79
CA PRO E 226 -32.56 -22.34 -39.89
C PRO E 226 -32.63 -20.85 -39.48
N ILE E 227 -31.72 -20.02 -40.03
CA ILE E 227 -31.65 -18.59 -39.72
C ILE E 227 -32.05 -17.75 -40.95
N HIS E 228 -32.99 -16.79 -40.74
CA HIS E 228 -33.40 -15.86 -41.78
C HIS E 228 -32.96 -14.44 -41.37
N LEU E 229 -32.02 -13.86 -42.13
CA LEU E 229 -31.50 -12.53 -41.85
C LEU E 229 -32.12 -11.49 -42.80
N SER E 230 -32.98 -10.61 -42.25
CA SER E 230 -33.59 -9.53 -43.03
C SER E 230 -32.81 -8.25 -42.74
N PHE E 231 -31.85 -7.92 -43.64
CA PHE E 231 -30.96 -6.78 -43.47
C PHE E 231 -31.43 -5.55 -44.21
N ASP E 232 -31.79 -4.51 -43.45
CA ASP E 232 -32.15 -3.20 -43.97
C ASP E 232 -30.91 -2.33 -43.88
N VAL E 233 -30.47 -1.74 -45.02
CA VAL E 233 -29.26 -0.90 -45.05
C VAL E 233 -29.38 0.35 -44.14
N ASP E 234 -30.64 0.84 -43.87
CA ASP E 234 -30.83 1.98 -42.96
C ASP E 234 -30.56 1.58 -41.47
N GLY E 235 -30.29 0.28 -41.22
CA GLY E 235 -29.89 -0.23 -39.92
C GLY E 235 -28.50 0.27 -39.56
N LEU E 236 -27.66 0.47 -40.62
CA LEU E 236 -26.31 1.02 -40.50
C LEU E 236 -26.40 2.55 -40.59
N ASP E 237 -25.45 3.27 -39.94
CA ASP E 237 -25.41 4.75 -39.90
C ASP E 237 -25.39 5.38 -41.33
N PRO E 238 -26.09 6.54 -41.57
CA PRO E 238 -26.08 7.16 -42.92
C PRO E 238 -24.70 7.62 -43.42
N SER E 239 -23.64 7.49 -42.57
CA SER E 239 -22.27 7.81 -42.98
C SER E 239 -21.72 6.68 -43.87
N PHE E 240 -22.35 5.47 -43.81
CA PHE E 240 -21.96 4.28 -44.58
C PHE E 240 -23.03 3.91 -45.62
N THR E 241 -24.32 4.13 -45.30
CA THR E 241 -25.46 3.84 -46.20
C THR E 241 -26.43 5.08 -46.34
N PRO E 242 -25.96 6.23 -46.96
CA PRO E 242 -26.86 7.41 -47.07
C PRO E 242 -27.99 7.25 -48.10
N ALA E 243 -27.72 6.50 -49.22
CA ALA E 243 -28.70 6.29 -50.29
C ALA E 243 -29.79 5.28 -49.86
N THR E 244 -30.68 5.73 -48.95
CA THR E 244 -31.81 4.94 -48.41
C THR E 244 -33.03 5.85 -48.16
N GLY E 245 -34.22 5.24 -48.08
CA GLY E 245 -35.49 5.94 -47.89
C GLY E 245 -35.61 6.69 -46.57
N THR E 246 -35.39 5.99 -45.44
CA THR E 246 -35.51 6.58 -44.09
C THR E 246 -34.16 6.55 -43.31
N PRO E 247 -33.24 7.53 -43.55
CA PRO E 247 -31.96 7.54 -42.81
C PRO E 247 -32.09 8.09 -41.38
N VAL E 248 -31.53 7.35 -40.38
CA VAL E 248 -31.55 7.75 -38.97
C VAL E 248 -30.11 7.77 -38.43
N VAL E 249 -29.69 8.92 -37.83
CA VAL E 249 -28.34 9.12 -37.27
C VAL E 249 -28.08 8.24 -36.03
N GLY E 250 -26.79 8.00 -35.73
CA GLY E 250 -26.35 7.19 -34.60
C GLY E 250 -26.63 5.71 -34.80
N GLY E 251 -26.33 5.21 -36.01
CA GLY E 251 -26.56 3.84 -36.38
C GLY E 251 -25.38 2.92 -36.21
N LEU E 252 -25.55 1.64 -36.61
CA LEU E 252 -24.51 0.62 -36.56
C LEU E 252 -23.36 0.99 -37.48
N THR E 253 -22.12 0.78 -37.02
CA THR E 253 -20.94 1.11 -37.84
C THR E 253 -20.72 0.04 -38.94
N TYR E 254 -19.81 0.36 -39.90
CA TYR E 254 -19.41 -0.54 -40.99
C TYR E 254 -18.83 -1.86 -40.39
N ARG E 255 -18.06 -1.73 -39.29
CA ARG E 255 -17.46 -2.84 -38.56
C ARG E 255 -18.52 -3.68 -37.84
N GLU E 256 -19.51 -3.01 -37.18
CA GLU E 256 -20.59 -3.68 -36.44
C GLU E 256 -21.46 -4.51 -37.38
N GLY E 257 -21.79 -3.94 -38.56
CA GLY E 257 -22.57 -4.62 -39.59
C GLY E 257 -21.87 -5.86 -40.11
N LEU E 258 -20.52 -5.76 -40.36
CA LEU E 258 -19.72 -6.89 -40.82
C LEU E 258 -19.62 -7.95 -39.75
N TYR E 259 -19.50 -7.52 -38.45
CA TYR E 259 -19.43 -8.47 -37.33
C TYR E 259 -20.72 -9.29 -37.16
N ILE E 260 -21.92 -8.63 -37.32
CA ILE E 260 -23.24 -9.30 -37.24
C ILE E 260 -23.30 -10.42 -38.29
N THR E 261 -22.98 -10.06 -39.55
CA THR E 261 -23.01 -10.95 -40.71
C THR E 261 -21.93 -12.06 -40.65
N GLU E 262 -20.72 -11.75 -40.11
CA GLU E 262 -19.62 -12.74 -39.95
C GLU E 262 -19.98 -13.84 -38.95
N GLU E 263 -20.64 -13.46 -37.82
CA GLU E 263 -21.08 -14.41 -36.77
C GLU E 263 -22.21 -15.30 -37.26
N ILE E 264 -23.12 -14.73 -38.11
CA ILE E 264 -24.25 -15.47 -38.69
C ILE E 264 -23.73 -16.56 -39.67
N TYR E 265 -22.66 -16.27 -40.45
CA TYR E 265 -22.04 -17.27 -41.34
C TYR E 265 -21.37 -18.39 -40.53
N LYS E 266 -20.62 -18.00 -39.43
CA LYS E 266 -19.89 -18.92 -38.53
C LYS E 266 -20.75 -20.05 -37.95
N THR E 267 -22.07 -19.80 -37.76
CA THR E 267 -23.00 -20.82 -37.23
C THR E 267 -23.26 -21.93 -38.27
N GLY E 268 -23.14 -21.56 -39.57
CA GLY E 268 -23.37 -22.48 -40.68
C GLY E 268 -24.83 -22.85 -40.84
N LEU E 269 -25.73 -22.00 -40.29
CA LEU E 269 -27.18 -22.24 -40.31
C LEU E 269 -27.97 -21.15 -41.07
N LEU E 270 -27.25 -20.15 -41.72
CA LEU E 270 -27.92 -19.11 -42.53
C LEU E 270 -28.67 -19.80 -43.66
N SER E 271 -29.99 -19.58 -43.72
CA SER E 271 -30.87 -20.24 -44.65
C SER E 271 -31.62 -19.24 -45.57
N GLY E 272 -31.86 -18.03 -45.06
CA GLY E 272 -32.52 -16.95 -45.79
C GLY E 272 -31.86 -15.61 -45.58
N LEU E 273 -31.74 -14.80 -46.66
CA LEU E 273 -31.11 -13.48 -46.59
C LEU E 273 -31.84 -12.44 -47.44
N ASP E 274 -32.03 -11.22 -46.88
CA ASP E 274 -32.68 -10.09 -47.57
C ASP E 274 -31.81 -8.84 -47.48
N ILE E 275 -31.48 -8.23 -48.64
CA ILE E 275 -30.72 -6.97 -48.70
C ILE E 275 -31.72 -5.91 -49.19
N MET E 276 -32.33 -5.16 -48.23
CA MET E 276 -33.41 -4.22 -48.52
C MET E 276 -33.06 -2.73 -48.38
N GLU E 277 -33.92 -1.86 -49.01
CA GLU E 277 -33.93 -0.38 -48.97
C GLU E 277 -32.69 0.33 -49.64
N VAL E 278 -32.03 -0.34 -50.61
CA VAL E 278 -30.93 0.31 -51.35
C VAL E 278 -31.56 1.18 -52.46
N ASN E 279 -31.54 2.52 -52.28
CA ASN E 279 -32.16 3.47 -53.24
C ASN E 279 -31.07 4.34 -53.94
N PRO E 280 -30.65 3.96 -55.19
CA PRO E 280 -29.58 4.73 -55.89
C PRO E 280 -29.97 6.15 -56.35
N SER E 281 -31.28 6.52 -56.28
CA SER E 281 -31.74 7.86 -56.70
C SER E 281 -31.75 8.90 -55.56
N LEU E 282 -31.88 8.43 -54.28
CA LEU E 282 -31.92 9.31 -53.09
C LEU E 282 -30.53 9.79 -52.59
N GLY E 283 -29.47 9.42 -53.33
CA GLY E 283 -28.11 9.83 -53.00
C GLY E 283 -27.84 11.27 -53.36
N LYS E 284 -27.23 12.04 -52.42
CA LYS E 284 -26.90 13.47 -52.61
C LYS E 284 -25.82 13.65 -53.70
N THR E 285 -24.80 12.75 -53.70
CA THR E 285 -23.69 12.75 -54.67
C THR E 285 -23.50 11.31 -55.25
N PRO E 286 -22.85 11.13 -56.46
CA PRO E 286 -22.63 9.76 -56.98
C PRO E 286 -21.73 8.91 -56.07
N GLU E 287 -20.87 9.58 -55.24
CA GLU E 287 -19.98 8.92 -54.27
C GLU E 287 -20.84 8.28 -53.14
N GLU E 288 -21.90 9.00 -52.68
CA GLU E 288 -22.83 8.53 -51.63
C GLU E 288 -23.63 7.30 -52.10
N VAL E 289 -23.92 7.23 -53.43
CA VAL E 289 -24.63 6.10 -54.06
C VAL E 289 -23.74 4.85 -54.07
N THR E 290 -22.47 5.00 -54.58
CA THR E 290 -21.48 3.90 -54.66
C THR E 290 -21.11 3.39 -53.26
N ARG E 291 -21.03 4.30 -52.25
CA ARG E 291 -20.70 3.96 -50.85
C ARG E 291 -21.74 3.00 -50.25
N THR E 292 -23.06 3.30 -50.48
CA THR E 292 -24.19 2.48 -49.99
C THR E 292 -24.16 1.09 -50.65
N VAL E 293 -23.88 1.04 -51.99
CA VAL E 293 -23.81 -0.21 -52.76
C VAL E 293 -22.60 -1.07 -52.32
N ASN E 294 -21.39 -0.44 -52.19
CA ASN E 294 -20.16 -1.13 -51.74
C ASN E 294 -20.33 -1.70 -50.33
N THR E 295 -21.03 -0.96 -49.42
CA THR E 295 -21.32 -1.41 -48.05
C THR E 295 -22.30 -2.60 -48.09
N ALA E 296 -23.42 -2.47 -48.88
CA ALA E 296 -24.43 -3.53 -49.05
C ALA E 296 -23.80 -4.81 -49.64
N VAL E 297 -22.81 -4.65 -50.58
CA VAL E 297 -22.07 -5.78 -51.19
C VAL E 297 -21.20 -6.45 -50.10
N ALA E 298 -20.42 -5.63 -49.33
CA ALA E 298 -19.54 -6.11 -48.23
C ALA E 298 -20.35 -6.89 -47.17
N ILE E 299 -21.59 -6.40 -46.85
CA ILE E 299 -22.51 -7.05 -45.91
C ILE E 299 -22.91 -8.44 -46.45
N THR E 300 -23.25 -8.52 -47.76
CA THR E 300 -23.66 -9.76 -48.44
C THR E 300 -22.51 -10.78 -48.51
N LEU E 301 -21.27 -10.34 -48.88
CA LEU E 301 -20.11 -11.24 -48.98
C LEU E 301 -19.71 -11.85 -47.62
N ALA E 302 -19.85 -11.06 -46.51
CA ALA E 302 -19.56 -11.51 -45.14
C ALA E 302 -20.56 -12.59 -44.67
N CYS E 303 -21.79 -12.60 -45.26
CA CYS E 303 -22.84 -13.59 -44.96
C CYS E 303 -22.47 -14.97 -45.52
N PHE E 304 -21.61 -15.01 -46.58
CA PHE E 304 -21.27 -16.28 -47.24
C PHE E 304 -19.76 -16.66 -47.21
N GLY E 305 -19.05 -16.26 -46.16
CA GLY E 305 -17.65 -16.67 -45.99
C GLY E 305 -16.59 -15.61 -45.81
N LEU E 306 -16.72 -14.44 -46.51
CA LEU E 306 -15.71 -13.37 -46.45
C LEU E 306 -15.44 -12.88 -45.02
N ALA E 307 -14.26 -13.29 -44.48
CA ALA E 307 -13.83 -12.93 -43.12
C ALA E 307 -12.70 -11.91 -43.17
N ARG E 308 -12.70 -10.95 -42.22
CA ARG E 308 -11.68 -9.89 -42.15
C ARG E 308 -10.28 -10.40 -41.76
N GLU E 309 -10.20 -11.57 -41.08
CA GLU E 309 -8.91 -12.19 -40.70
C GLU E 309 -8.21 -12.82 -41.94
N GLY E 310 -8.99 -13.07 -43.01
CA GLY E 310 -8.51 -13.66 -44.25
C GLY E 310 -9.29 -14.89 -44.65
N ASN E 311 -9.16 -15.29 -45.95
CA ASN E 311 -9.84 -16.47 -46.50
C ASN E 311 -8.88 -17.23 -47.41
N HIS E 312 -8.80 -18.58 -47.27
CA HIS E 312 -7.93 -19.41 -48.11
C HIS E 312 -8.56 -20.75 -48.50
N LYS E 313 -8.23 -21.24 -49.72
CA LYS E 313 -8.70 -22.52 -50.27
C LYS E 313 -8.07 -23.71 -49.49
N PRO E 314 -8.70 -24.94 -49.46
CA PRO E 314 -8.09 -26.07 -48.71
C PRO E 314 -6.89 -26.72 -49.44
N ILE E 315 -5.80 -25.93 -49.63
CA ILE E 315 -4.54 -26.34 -50.28
C ILE E 315 -3.32 -25.74 -49.57
N ASP E 316 -2.13 -26.38 -49.71
CA ASP E 316 -0.87 -25.89 -49.13
C ASP E 316 -0.33 -24.73 -49.98
N TYR E 317 -0.43 -23.48 -49.46
CA TYR E 317 0.03 -22.26 -50.17
C TYR E 317 1.55 -22.13 -50.21
N LEU E 318 2.26 -22.64 -49.16
CA LEU E 318 3.73 -22.59 -49.09
C LEU E 318 4.36 -23.61 -50.05
N ASN E 319 3.71 -24.80 -50.18
CA ASN E 319 4.16 -25.87 -51.09
C ASN E 319 2.97 -26.35 -51.99
N PRO E 320 2.72 -25.68 -53.16
CA PRO E 320 1.60 -26.10 -54.01
C PRO E 320 1.99 -27.21 -54.99
N SER F 5 34.42 -20.81 53.80
CA SER F 5 33.74 -19.81 52.99
C SER F 5 32.82 -18.88 53.84
N ARG F 6 32.58 -19.26 55.13
CA ARG F 6 31.70 -18.47 56.03
C ARG F 6 32.46 -17.95 57.29
N THR F 7 33.78 -18.23 57.41
CA THR F 7 34.63 -17.75 58.52
C THR F 7 35.17 -16.35 58.14
N ILE F 8 34.62 -15.29 58.79
CA ILE F 8 34.94 -13.88 58.46
C ILE F 8 35.67 -13.12 59.58
N GLY F 9 36.56 -12.21 59.18
CA GLY F 9 37.29 -11.30 60.05
C GLY F 9 37.00 -9.86 59.68
N ILE F 10 36.14 -9.17 60.48
CA ILE F 10 35.69 -7.78 60.20
C ILE F 10 36.79 -6.74 60.48
N ILE F 11 37.14 -5.93 59.46
CA ILE F 11 38.14 -4.85 59.58
C ILE F 11 37.52 -3.50 59.16
N GLY F 12 37.44 -2.57 60.11
CA GLY F 12 36.90 -1.23 59.86
C GLY F 12 37.99 -0.27 59.41
N ALA F 13 37.76 0.43 58.27
CA ALA F 13 38.73 1.39 57.73
C ALA F 13 38.10 2.82 57.56
N PRO F 14 38.00 3.61 58.69
CA PRO F 14 37.43 4.97 58.57
C PRO F 14 38.44 5.98 57.97
N PHE F 15 38.59 5.95 56.62
CA PHE F 15 39.54 6.81 55.90
C PHE F 15 38.87 7.56 54.73
N SER F 16 39.35 8.81 54.44
CA SER F 16 38.77 9.65 53.36
C SER F 16 39.80 10.49 52.55
N LYS F 17 41.05 10.66 53.06
CA LYS F 17 42.10 11.50 52.41
C LYS F 17 42.53 11.03 50.97
N GLY F 18 41.91 9.96 50.46
CA GLY F 18 42.17 9.45 49.12
C GLY F 18 41.29 10.10 48.06
N GLN F 19 40.30 10.93 48.51
CA GLN F 19 39.34 11.65 47.64
C GLN F 19 38.90 13.02 48.30
N PRO F 20 38.38 14.02 47.51
CA PRO F 20 38.05 15.33 48.13
C PRO F 20 36.59 15.49 48.60
N ARG F 21 35.96 14.40 49.11
CA ARG F 21 34.57 14.47 49.62
C ARG F 21 34.44 13.79 51.00
N GLY F 22 34.16 14.61 52.02
CA GLY F 22 34.00 14.14 53.39
C GLY F 22 32.72 13.33 53.61
N GLY F 23 32.80 12.34 54.50
CA GLY F 23 31.67 11.48 54.84
C GLY F 23 31.93 10.00 54.70
N VAL F 24 32.79 9.59 53.71
CA VAL F 24 33.13 8.17 53.45
C VAL F 24 33.84 7.50 54.69
N GLU F 25 34.35 8.34 55.65
CA GLU F 25 34.97 7.88 56.92
C GLU F 25 33.90 7.21 57.80
N GLU F 26 32.62 7.68 57.68
CA GLU F 26 31.48 7.14 58.44
C GLU F 26 30.88 5.88 57.78
N GLY F 27 31.50 5.44 56.66
CA GLY F 27 31.10 4.25 55.91
C GLY F 27 31.03 2.97 56.74
N PRO F 28 32.13 2.58 57.50
CA PRO F 28 32.06 1.37 58.33
C PRO F 28 31.06 1.48 59.49
N THR F 29 30.82 2.73 59.98
CA THR F 29 29.90 3.01 61.10
C THR F 29 28.43 2.71 60.71
N VAL F 30 27.95 3.28 59.58
CA VAL F 30 26.55 3.08 59.10
C VAL F 30 26.32 1.61 58.64
N LEU F 31 27.38 0.95 58.07
CA LEU F 31 27.32 -0.47 57.65
C LEU F 31 27.15 -1.38 58.88
N ARG F 32 27.85 -1.04 60.01
CA ARG F 32 27.75 -1.77 61.28
C ARG F 32 26.39 -1.49 61.95
N LYS F 33 25.91 -0.20 61.87
CA LYS F 33 24.62 0.23 62.44
C LYS F 33 23.40 -0.41 61.73
N ALA F 34 23.59 -0.86 60.46
CA ALA F 34 22.54 -1.54 59.68
C ALA F 34 22.36 -3.01 60.15
N GLY F 35 23.30 -3.48 60.98
CA GLY F 35 23.29 -4.84 61.54
C GLY F 35 23.93 -5.87 60.64
N LEU F 36 25.06 -5.50 59.98
CA LEU F 36 25.80 -6.40 59.06
C LEU F 36 26.35 -7.62 59.79
N LEU F 37 27.07 -7.42 60.93
CA LEU F 37 27.63 -8.50 61.75
C LEU F 37 26.52 -9.40 62.31
N GLU F 38 25.36 -8.79 62.68
CA GLU F 38 24.18 -9.49 63.21
C GLU F 38 23.53 -10.35 62.12
N LYS F 39 23.37 -9.79 60.89
CA LYS F 39 22.78 -10.50 59.73
C LYS F 39 23.68 -11.64 59.24
N LEU F 40 25.03 -11.47 59.37
CA LEU F 40 26.01 -12.50 58.98
C LEU F 40 25.96 -13.69 59.96
N LYS F 41 25.83 -13.42 61.28
CA LYS F 41 25.74 -14.46 62.31
C LYS F 41 24.42 -15.26 62.18
N GLU F 42 23.37 -14.64 61.56
CA GLU F 42 22.06 -15.27 61.31
C GLU F 42 22.17 -16.34 60.21
N GLN F 43 23.09 -16.13 59.22
CA GLN F 43 23.29 -17.06 58.09
C GLN F 43 24.50 -18.05 58.32
N GLU F 44 24.59 -18.62 59.57
CA GLU F 44 25.61 -19.64 59.99
C GLU F 44 27.09 -19.20 59.74
N CYS F 45 27.40 -17.88 59.87
CA CYS F 45 28.76 -17.38 59.66
C CYS F 45 29.57 -17.25 60.94
N ASP F 46 30.84 -17.70 60.91
CA ASP F 46 31.80 -17.59 62.01
C ASP F 46 32.37 -16.15 61.96
N VAL F 47 31.75 -15.21 62.73
CA VAL F 47 32.11 -13.78 62.71
C VAL F 47 32.95 -13.35 63.93
N LYS F 48 34.17 -12.83 63.67
CA LYS F 48 35.07 -12.29 64.69
C LYS F 48 35.42 -10.85 64.32
N ASP F 49 35.08 -9.88 65.20
CA ASP F 49 35.31 -8.45 64.94
C ASP F 49 36.71 -8.01 65.40
N TYR F 50 37.49 -7.42 64.46
CA TYR F 50 38.84 -6.90 64.74
C TYR F 50 38.81 -5.38 65.02
N GLY F 51 37.61 -4.78 64.91
CA GLY F 51 37.38 -3.36 65.17
C GLY F 51 37.87 -2.41 64.10
N ASP F 52 37.55 -1.09 64.28
CA ASP F 52 37.97 -0.04 63.35
C ASP F 52 39.43 0.35 63.59
N LEU F 53 40.20 0.51 62.50
CA LEU F 53 41.63 0.86 62.59
C LEU F 53 41.81 2.34 62.96
N PRO F 54 42.71 2.65 63.96
CA PRO F 54 42.92 4.07 64.32
C PRO F 54 43.98 4.72 63.43
N PHE F 55 43.51 5.53 62.44
CA PHE F 55 44.41 6.23 61.53
C PHE F 55 44.86 7.57 62.11
N ALA F 56 46.19 7.71 62.34
CA ALA F 56 46.78 8.93 62.92
C ALA F 56 46.67 10.13 61.97
N ASP F 57 46.19 11.28 62.49
CA ASP F 57 46.00 12.50 61.71
C ASP F 57 47.35 13.20 61.47
N ILE F 58 47.72 13.39 60.19
CA ILE F 58 48.96 14.05 59.80
C ILE F 58 48.63 15.49 59.25
N PRO F 59 48.85 16.56 60.07
CA PRO F 59 48.51 17.93 59.60
C PRO F 59 49.44 18.45 58.49
N ASN F 60 50.78 18.20 58.62
CA ASN F 60 51.77 18.63 57.63
C ASN F 60 52.00 17.55 56.57
N ASP F 61 51.09 17.47 55.58
CA ASP F 61 51.17 16.51 54.48
C ASP F 61 51.01 17.24 53.13
N SER F 62 52.14 17.82 52.63
CA SER F 62 52.17 18.56 51.36
C SER F 62 51.96 17.63 50.16
N PRO F 63 51.16 18.06 49.13
CA PRO F 63 50.92 17.15 47.98
C PRO F 63 52.11 17.01 47.04
N PHE F 64 52.41 15.74 46.62
CA PHE F 64 53.48 15.42 45.67
C PHE F 64 53.00 15.76 44.24
N GLN F 65 53.55 16.88 43.65
CA GLN F 65 53.17 17.42 42.32
C GLN F 65 51.68 17.83 42.29
N ILE F 66 50.76 16.85 42.06
CA ILE F 66 49.29 17.04 42.03
C ILE F 66 48.63 16.01 43.00
N VAL F 67 49.35 14.87 43.27
CA VAL F 67 48.92 13.77 44.16
C VAL F 67 48.65 14.29 45.61
N LYS F 68 47.35 14.52 45.94
CA LYS F 68 46.90 15.07 47.24
C LYS F 68 47.06 14.08 48.39
N ASN F 69 47.59 14.58 49.54
CA ASN F 69 47.82 13.82 50.80
C ASN F 69 48.50 12.42 50.57
N PRO F 70 49.79 12.36 50.08
CA PRO F 70 50.42 11.04 49.83
C PRO F 70 50.79 10.26 51.09
N ARG F 71 51.23 10.96 52.17
CA ARG F 71 51.65 10.32 53.44
C ARG F 71 50.47 9.73 54.23
N SER F 72 49.31 10.44 54.27
CA SER F 72 48.10 9.99 54.99
C SER F 72 47.50 8.72 54.35
N VAL F 73 47.48 8.67 52.98
CA VAL F 73 46.96 7.51 52.23
C VAL F 73 47.92 6.31 52.35
N GLY F 74 49.23 6.59 52.28
CA GLY F 74 50.28 5.57 52.40
C GLY F 74 50.32 4.90 53.76
N LYS F 75 50.11 5.69 54.85
CA LYS F 75 50.10 5.17 56.23
C LYS F 75 48.83 4.36 56.52
N ALA F 76 47.66 4.80 55.97
CA ALA F 76 46.36 4.12 56.13
C ALA F 76 46.38 2.72 55.50
N SER F 77 46.97 2.60 54.27
CA SER F 77 47.10 1.31 53.58
C SER F 77 48.15 0.42 54.25
N GLU F 78 49.24 1.04 54.80
CA GLU F 78 50.30 0.30 55.53
C GLU F 78 49.72 -0.34 56.80
N GLN F 79 48.81 0.39 57.50
CA GLN F 79 48.13 -0.08 58.72
C GLN F 79 47.17 -1.23 58.38
N LEU F 80 46.39 -1.07 57.27
CA LEU F 80 45.43 -2.07 56.80
C LEU F 80 46.14 -3.36 56.33
N ALA F 81 47.33 -3.21 55.66
CA ALA F 81 48.13 -4.35 55.18
C ALA F 81 48.53 -5.29 56.33
N GLY F 82 48.93 -4.71 57.47
CA GLY F 82 49.30 -5.46 58.67
C GLY F 82 48.13 -6.18 59.31
N LYS F 83 46.93 -5.53 59.30
CA LYS F 83 45.71 -6.10 59.87
C LYS F 83 45.12 -7.22 58.99
N VAL F 84 45.10 -7.01 57.63
CA VAL F 84 44.58 -8.01 56.67
C VAL F 84 45.44 -9.30 56.73
N ALA F 85 46.81 -9.15 56.79
CA ALA F 85 47.75 -10.28 56.91
C ALA F 85 47.54 -11.05 58.21
N GLU F 86 47.19 -10.32 59.32
CA GLU F 86 46.92 -10.89 60.65
C GLU F 86 45.62 -11.74 60.60
N VAL F 87 44.58 -11.23 59.89
CA VAL F 87 43.27 -11.91 59.72
C VAL F 87 43.44 -13.18 58.84
N LYS F 88 44.26 -13.09 57.76
CA LYS F 88 44.52 -14.23 56.85
C LYS F 88 45.36 -15.33 57.52
N LYS F 89 46.26 -14.96 58.47
CA LYS F 89 47.10 -15.91 59.22
C LYS F 89 46.27 -16.71 60.23
N ASN F 90 45.10 -16.16 60.65
CA ASN F 90 44.16 -16.81 61.59
C ASN F 90 43.17 -17.76 60.83
N GLY F 91 43.31 -17.81 59.49
CA GLY F 91 42.45 -18.63 58.62
C GLY F 91 41.06 -18.05 58.49
N ARG F 92 40.97 -16.73 58.25
CA ARG F 92 39.68 -16.01 58.12
C ARG F 92 39.63 -15.17 56.87
N ILE F 93 38.41 -15.00 56.31
CA ILE F 93 38.20 -14.14 55.13
C ILE F 93 38.17 -12.69 55.60
N SER F 94 39.14 -11.89 55.14
CA SER F 94 39.26 -10.49 55.51
C SER F 94 38.16 -9.62 54.85
N LEU F 95 37.31 -8.98 55.69
CA LEU F 95 36.24 -8.09 55.21
C LEU F 95 36.58 -6.66 55.59
N VAL F 96 37.02 -5.86 54.60
CA VAL F 96 37.40 -4.47 54.81
C VAL F 96 36.21 -3.55 54.54
N LEU F 97 35.80 -2.79 55.56
CA LEU F 97 34.70 -1.84 55.44
C LEU F 97 35.27 -0.46 55.18
N GLY F 98 34.97 0.09 53.99
CA GLY F 98 35.46 1.40 53.59
C GLY F 98 34.52 2.55 53.95
N GLY F 99 34.98 3.80 53.79
CA GLY F 99 36.32 4.14 53.30
C GLY F 99 36.42 4.23 51.79
N ASP F 100 37.42 4.98 51.28
CA ASP F 100 37.62 5.13 49.83
C ASP F 100 38.46 3.96 49.25
N HIS F 101 38.47 3.81 47.90
CA HIS F 101 39.14 2.70 47.20
C HIS F 101 40.70 2.72 47.24
N SER F 102 41.34 3.80 47.79
CA SER F 102 42.82 3.85 47.89
C SER F 102 43.35 2.81 48.90
N LEU F 103 42.47 2.40 49.87
CA LEU F 103 42.79 1.41 50.90
C LEU F 103 43.02 0.00 50.30
N ALA F 104 42.53 -0.24 49.03
CA ALA F 104 42.71 -1.51 48.31
C ALA F 104 44.21 -1.88 48.12
N ILE F 105 45.13 -0.84 48.16
CA ILE F 105 46.58 -1.07 48.07
C ILE F 105 47.01 -1.96 49.24
N GLY F 106 46.64 -1.54 50.47
CA GLY F 106 46.95 -2.27 51.69
C GLY F 106 46.20 -3.58 51.82
N SER F 107 44.87 -3.57 51.48
CA SER F 107 44.02 -4.77 51.55
C SER F 107 44.56 -5.92 50.68
N ILE F 108 44.97 -5.62 49.42
CA ILE F 108 45.50 -6.64 48.50
C ILE F 108 46.98 -7.01 48.88
N SER F 109 47.83 -5.98 49.21
CA SER F 109 49.24 -6.22 49.62
C SER F 109 49.32 -7.09 50.89
N GLY F 110 48.42 -6.83 51.85
CA GLY F 110 48.34 -7.59 53.10
C GLY F 110 47.86 -9.01 52.89
N HIS F 111 46.88 -9.20 51.96
CA HIS F 111 46.34 -10.51 51.61
C HIS F 111 47.41 -11.32 50.83
N ALA F 112 48.23 -10.64 49.99
CA ALA F 112 49.29 -11.26 49.20
C ALA F 112 50.49 -11.73 50.04
N ARG F 113 50.63 -11.19 51.28
CA ARG F 113 51.71 -11.58 52.22
C ARG F 113 51.53 -13.04 52.67
N VAL F 114 50.26 -13.47 52.85
CA VAL F 114 49.90 -14.82 53.27
C VAL F 114 49.63 -15.71 52.02
N HIS F 115 48.82 -15.19 51.06
CA HIS F 115 48.48 -15.92 49.83
C HIS F 115 48.98 -15.13 48.57
N PRO F 116 50.24 -15.38 48.11
CA PRO F 116 50.75 -14.62 46.94
C PRO F 116 50.16 -15.05 45.58
N ASP F 117 49.47 -16.23 45.54
CA ASP F 117 48.87 -16.78 44.32
C ASP F 117 47.40 -16.31 44.10
N LEU F 118 46.95 -15.27 44.84
CA LEU F 118 45.55 -14.76 44.76
C LEU F 118 45.18 -14.15 43.40
N GLY F 119 43.87 -14.12 43.12
CA GLY F 119 43.28 -13.52 41.93
C GLY F 119 42.33 -12.39 42.32
N VAL F 120 42.42 -11.24 41.63
CA VAL F 120 41.61 -10.06 41.97
C VAL F 120 40.41 -9.87 41.02
N ILE F 121 39.18 -9.76 41.61
CA ILE F 121 37.96 -9.42 40.88
C ILE F 121 37.61 -7.99 41.30
N TRP F 122 37.78 -7.04 40.37
CA TRP F 122 37.58 -5.62 40.63
C TRP F 122 36.24 -5.13 40.04
N VAL F 123 35.17 -5.12 40.89
CA VAL F 123 33.84 -4.63 40.47
C VAL F 123 33.80 -3.13 40.75
N ASP F 124 33.84 -2.32 39.66
CA ASP F 124 33.91 -0.85 39.73
C ASP F 124 33.51 -0.24 38.39
N ALA F 125 33.00 1.02 38.42
CA ALA F 125 32.66 1.77 37.21
C ALA F 125 33.95 2.32 36.57
N HIS F 126 35.03 2.43 37.39
CA HIS F 126 36.32 2.99 36.98
C HIS F 126 37.45 1.94 37.14
N THR F 127 38.52 2.06 36.32
CA THR F 127 39.66 1.13 36.35
C THR F 127 40.56 1.32 37.57
N ASP F 128 40.65 2.60 38.10
CA ASP F 128 41.51 2.97 39.26
C ASP F 128 43.00 2.54 39.00
N ILE F 129 43.42 2.62 37.70
CA ILE F 129 44.76 2.21 37.25
C ILE F 129 45.66 3.43 36.84
N ASN F 130 45.19 4.68 37.19
CA ASN F 130 45.93 5.92 36.91
C ASN F 130 47.27 5.93 37.67
N THR F 131 48.34 6.32 36.98
CA THR F 131 49.67 6.44 37.58
C THR F 131 49.79 7.85 38.23
N PRO F 132 50.71 8.08 39.24
CA PRO F 132 50.82 9.43 39.84
C PRO F 132 51.19 10.56 38.84
N LEU F 133 51.53 10.18 37.57
CA LEU F 133 51.90 11.13 36.51
C LEU F 133 50.76 11.32 35.47
N THR F 134 49.87 10.28 35.31
CA THR F 134 48.74 10.35 34.36
C THR F 134 47.46 10.92 34.99
N THR F 135 47.37 10.92 36.35
CA THR F 135 46.20 11.45 37.08
C THR F 135 46.03 12.97 36.86
N THR F 136 44.77 13.40 36.59
CA THR F 136 44.44 14.83 36.35
C THR F 136 43.83 15.49 37.59
N SER F 137 43.32 14.67 38.56
CA SER F 137 42.69 15.18 39.79
C SER F 137 43.64 15.12 40.99
N GLY F 138 44.52 14.10 41.02
CA GLY F 138 45.49 13.90 42.10
C GLY F 138 44.97 13.00 43.22
N ASN F 139 43.68 12.62 43.16
CA ASN F 139 43.02 11.75 44.16
C ASN F 139 43.54 10.31 44.05
N LEU F 140 44.08 9.76 45.17
CA LEU F 140 44.67 8.41 45.21
C LEU F 140 43.64 7.25 45.15
N HIS F 141 42.32 7.54 45.36
CA HIS F 141 41.28 6.48 45.31
C HIS F 141 41.04 5.93 43.87
N GLY F 142 41.59 6.63 42.87
CA GLY F 142 41.55 6.22 41.46
C GLY F 142 42.91 5.84 40.93
N GLN F 143 43.83 5.44 41.86
CA GLN F 143 45.22 5.05 41.54
C GLN F 143 45.68 3.68 42.23
N PRO F 144 44.81 2.92 43.00
CA PRO F 144 45.30 1.70 43.70
C PRO F 144 45.93 0.61 42.81
N VAL F 145 45.26 0.23 41.70
CA VAL F 145 45.71 -0.85 40.78
C VAL F 145 47.14 -0.59 40.22
N SER F 146 47.47 0.69 39.88
CA SER F 146 48.79 1.07 39.32
C SER F 146 49.96 0.75 40.28
N PHE F 147 49.73 0.93 41.61
CA PHE F 147 50.74 0.63 42.64
C PHE F 147 50.90 -0.87 42.88
N LEU F 148 49.80 -1.65 42.67
CA LEU F 148 49.76 -3.09 42.92
C LEU F 148 50.34 -3.95 41.78
N LEU F 149 50.29 -3.44 40.51
CA LEU F 149 50.76 -4.19 39.34
C LEU F 149 52.28 -4.32 39.24
N LYS F 150 52.76 -5.53 38.83
CA LYS F 150 54.20 -5.84 38.67
C LYS F 150 54.76 -5.28 37.36
N GLU F 151 53.92 -5.25 36.29
CA GLU F 151 54.32 -4.76 34.95
C GLU F 151 54.55 -3.23 34.94
N LEU F 152 53.95 -2.48 35.91
CA LEU F 152 54.11 -1.03 36.01
C LEU F 152 55.33 -0.60 36.87
N LYS F 153 56.19 -1.58 37.28
CA LYS F 153 57.41 -1.31 38.06
C LYS F 153 58.44 -0.57 37.19
N GLY F 154 58.72 0.67 37.57
CA GLY F 154 59.63 1.55 36.83
C GLY F 154 58.92 2.80 36.33
N LYS F 155 57.58 2.70 36.13
CA LYS F 155 56.72 3.81 35.68
C LYS F 155 56.08 4.52 36.88
N ILE F 156 56.00 3.83 38.05
CA ILE F 156 55.45 4.40 39.29
C ILE F 156 56.60 5.10 40.07
N PRO F 157 56.56 6.46 40.24
CA PRO F 157 57.64 7.14 40.98
C PRO F 157 57.59 6.86 42.49
N ASP F 158 58.71 7.15 43.21
CA ASP F 158 58.78 6.94 44.66
C ASP F 158 57.91 7.99 45.40
N VAL F 159 56.61 7.67 45.57
CA VAL F 159 55.63 8.55 46.25
C VAL F 159 55.86 8.49 47.79
N PRO F 160 56.00 9.68 48.49
CA PRO F 160 56.23 9.65 49.95
C PRO F 160 55.10 8.97 50.73
N GLY F 161 55.46 7.95 51.51
CA GLY F 161 54.51 7.17 52.31
C GLY F 161 54.21 5.80 51.73
N PHE F 162 54.69 5.53 50.48
CA PHE F 162 54.45 4.25 49.79
C PHE F 162 55.76 3.43 49.56
N SER F 163 56.79 3.63 50.44
CA SER F 163 58.07 2.89 50.36
C SER F 163 57.89 1.39 50.67
N TRP F 164 56.93 1.07 51.57
CA TRP F 164 56.59 -0.28 52.02
C TRP F 164 55.94 -1.13 50.88
N VAL F 165 55.29 -0.45 49.89
CA VAL F 165 54.57 -1.09 48.76
C VAL F 165 55.51 -1.93 47.88
N THR F 166 55.15 -3.21 47.69
CA THR F 166 55.87 -4.15 46.82
C THR F 166 54.85 -4.74 45.82
N PRO F 167 55.03 -4.52 44.47
CA PRO F 167 54.06 -5.07 43.49
C PRO F 167 53.82 -6.57 43.67
N CYS F 168 52.57 -6.93 44.04
CA CYS F 168 52.20 -8.31 44.37
C CYS F 168 51.36 -9.01 43.29
N ILE F 169 50.61 -8.26 42.46
CA ILE F 169 49.76 -8.86 41.40
C ILE F 169 50.26 -8.53 39.98
N SER F 170 50.06 -9.47 39.04
CA SER F 170 50.43 -9.31 37.64
C SER F 170 49.18 -8.92 36.81
N ALA F 171 49.40 -8.49 35.52
CA ALA F 171 48.31 -8.09 34.60
C ALA F 171 47.29 -9.22 34.36
N LYS F 172 47.76 -10.49 34.37
CA LYS F 172 46.93 -11.68 34.16
C LYS F 172 46.10 -12.10 35.41
N ASP F 173 46.47 -11.57 36.61
CA ASP F 173 45.80 -11.93 37.88
C ASP F 173 44.69 -10.94 38.33
N ILE F 174 44.23 -10.05 37.42
CA ILE F 174 43.18 -9.07 37.73
C ILE F 174 42.06 -9.05 36.63
N VAL F 175 40.76 -9.04 37.06
CA VAL F 175 39.59 -8.99 36.15
C VAL F 175 38.63 -7.87 36.59
N TYR F 176 38.32 -6.95 35.65
CA TYR F 176 37.40 -5.83 35.89
C TYR F 176 35.98 -6.20 35.47
N ILE F 177 34.97 -5.74 36.25
CA ILE F 177 33.54 -5.97 35.94
C ILE F 177 32.72 -4.67 36.22
N GLY F 178 32.11 -4.12 35.16
CA GLY F 178 31.24 -2.95 35.27
C GLY F 178 31.84 -1.62 34.86
N LEU F 179 32.92 -1.61 34.02
CA LEU F 179 33.59 -0.38 33.57
C LEU F 179 32.70 0.46 32.65
N ARG F 180 32.69 1.81 32.86
CA ARG F 180 31.89 2.75 32.02
C ARG F 180 32.45 4.20 32.01
N ASP F 181 33.45 4.48 32.88
CA ASP F 181 34.10 5.79 32.96
C ASP F 181 35.63 5.61 33.14
N VAL F 182 36.33 5.38 32.01
CA VAL F 182 37.77 5.12 31.98
C VAL F 182 38.51 6.29 31.28
N ASP F 183 39.49 6.91 31.99
CA ASP F 183 40.29 8.03 31.49
C ASP F 183 41.19 7.60 30.29
N PRO F 184 41.61 8.57 29.38
CA PRO F 184 42.48 8.18 28.23
C PRO F 184 43.78 7.47 28.65
N GLY F 185 44.41 7.95 29.73
CA GLY F 185 45.62 7.36 30.28
C GLY F 185 45.38 5.96 30.80
N GLU F 186 44.25 5.78 31.53
CA GLU F 186 43.82 4.50 32.12
C GLU F 186 43.50 3.45 31.04
N HIS F 187 42.84 3.89 29.92
CA HIS F 187 42.47 2.99 28.81
C HIS F 187 43.71 2.48 28.07
N TYR F 188 44.76 3.33 27.94
CA TYR F 188 46.03 2.94 27.30
C TYR F 188 46.72 1.82 28.11
N ILE F 189 46.85 2.01 29.45
CA ILE F 189 47.47 1.04 30.38
C ILE F 189 46.68 -0.30 30.37
N LEU F 190 45.32 -0.22 30.31
CA LEU F 190 44.42 -1.39 30.29
C LEU F 190 44.64 -2.26 29.03
N LYS F 191 44.76 -1.62 27.85
CA LYS F 191 44.95 -2.33 26.57
C LYS F 191 46.40 -2.81 26.35
N THR F 192 47.41 -1.97 26.75
CA THR F 192 48.85 -2.29 26.59
C THR F 192 49.26 -3.51 27.45
N LEU F 193 48.82 -3.54 28.73
CA LEU F 193 49.15 -4.66 29.65
C LEU F 193 48.34 -5.93 29.34
N GLY F 194 47.26 -5.78 28.57
CA GLY F 194 46.39 -6.88 28.16
C GLY F 194 45.58 -7.48 29.30
N ILE F 195 45.04 -6.60 30.19
CA ILE F 195 44.22 -7.01 31.33
C ILE F 195 42.80 -7.41 30.87
N LYS F 196 42.28 -8.56 31.40
CA LYS F 196 40.93 -9.05 31.10
C LYS F 196 39.90 -8.12 31.76
N TYR F 197 38.89 -7.67 30.99
CA TYR F 197 37.86 -6.78 31.50
C TYR F 197 36.49 -7.06 30.94
N PHE F 198 35.46 -6.73 31.72
CA PHE F 198 34.08 -6.85 31.33
C PHE F 198 33.39 -5.52 31.60
N SER F 199 33.54 -4.56 30.66
CA SER F 199 32.91 -3.24 30.75
C SER F 199 31.39 -3.40 30.57
N MET F 200 30.61 -2.31 30.80
CA MET F 200 29.15 -2.37 30.62
C MET F 200 28.75 -2.90 29.22
N THR F 201 29.61 -2.65 28.20
CA THR F 201 29.43 -3.13 26.81
C THR F 201 29.47 -4.68 26.79
N GLU F 202 30.47 -5.29 27.49
CA GLU F 202 30.64 -6.76 27.58
C GLU F 202 29.51 -7.39 28.40
N VAL F 203 29.04 -6.69 29.47
CA VAL F 203 27.94 -7.15 30.33
C VAL F 203 26.61 -7.19 29.52
N ASP F 204 26.38 -6.16 28.64
CA ASP F 204 25.18 -6.09 27.78
C ASP F 204 25.21 -7.19 26.70
N ARG F 205 26.41 -7.44 26.11
CA ARG F 205 26.64 -8.40 25.04
C ARG F 205 26.40 -9.86 25.47
N LEU F 206 27.12 -10.31 26.51
CA LEU F 206 27.09 -11.70 26.96
C LEU F 206 26.06 -12.01 28.04
N GLY F 207 25.75 -11.02 28.88
CA GLY F 207 24.88 -11.21 30.03
C GLY F 207 25.73 -11.51 31.25
N ILE F 208 25.22 -11.19 32.47
CA ILE F 208 25.98 -11.39 33.71
C ILE F 208 26.31 -12.92 33.99
N GLY F 209 25.53 -13.83 33.39
CA GLY F 209 25.73 -15.27 33.49
C GLY F 209 27.00 -15.74 32.82
N LYS F 210 27.21 -15.30 31.54
CA LYS F 210 28.40 -15.64 30.75
C LYS F 210 29.64 -14.86 31.26
N VAL F 211 29.43 -13.59 31.74
CA VAL F 211 30.52 -12.74 32.30
C VAL F 211 31.17 -13.46 33.50
N MET F 212 30.33 -14.00 34.43
CA MET F 212 30.82 -14.72 35.62
C MET F 212 31.44 -16.06 35.27
N GLU F 213 30.88 -16.76 34.25
CA GLU F 213 31.41 -18.04 33.76
C GLU F 213 32.83 -17.83 33.19
N GLU F 214 33.03 -16.72 32.42
CA GLU F 214 34.31 -16.37 31.82
C GLU F 214 35.31 -15.86 32.86
N THR F 215 34.85 -15.04 33.85
CA THR F 215 35.70 -14.47 34.93
C THR F 215 36.34 -15.58 35.81
N LEU F 216 35.50 -16.53 36.29
CA LEU F 216 35.94 -17.62 37.17
C LEU F 216 36.85 -18.63 36.45
N SER F 217 36.54 -18.95 35.15
CA SER F 217 37.34 -19.89 34.35
C SER F 217 38.72 -19.29 34.01
N TYR F 218 38.79 -17.94 33.88
CA TYR F 218 40.03 -17.20 33.56
C TYR F 218 41.04 -17.24 34.72
N LEU F 219 40.58 -16.88 35.95
CA LEU F 219 41.45 -16.85 37.15
C LEU F 219 41.74 -18.24 37.72
N LEU F 220 40.68 -19.09 37.85
CA LEU F 220 40.80 -20.46 38.41
C LEU F 220 40.97 -21.51 37.27
N GLY F 221 41.86 -21.20 36.32
CA GLY F 221 42.13 -22.04 35.16
C GLY F 221 42.97 -23.27 35.46
N ARG F 222 44.33 -23.10 35.44
CA ARG F 222 45.31 -24.19 35.65
C ARG F 222 45.20 -24.84 37.04
N LYS F 223 44.93 -24.03 38.11
CA LYS F 223 44.82 -24.55 39.49
C LYS F 223 43.86 -23.71 40.39
N LYS F 224 43.40 -24.30 41.52
CA LYS F 224 42.53 -23.62 42.49
C LYS F 224 43.36 -22.61 43.29
N ARG F 225 42.94 -21.33 43.31
CA ARG F 225 43.66 -20.25 44.00
C ARG F 225 42.71 -19.28 44.78
N PRO F 226 43.21 -18.56 45.86
CA PRO F 226 42.32 -17.65 46.61
C PRO F 226 41.78 -16.49 45.77
N ILE F 227 40.55 -16.04 46.08
CA ILE F 227 39.87 -14.96 45.35
C ILE F 227 39.74 -13.71 46.24
N HIS F 228 40.18 -12.54 45.71
CA HIS F 228 40.04 -11.27 46.40
C HIS F 228 39.06 -10.40 45.60
N LEU F 229 37.92 -10.04 46.24
CA LEU F 229 36.89 -9.22 45.60
C LEU F 229 36.92 -7.78 46.13
N SER F 230 37.39 -6.84 45.31
CA SER F 230 37.42 -5.42 45.65
C SER F 230 36.17 -4.78 45.03
N PHE F 231 35.06 -4.78 45.80
CA PHE F 231 33.77 -4.28 45.34
C PHE F 231 33.55 -2.82 45.66
N ASP F 232 33.49 -1.98 44.62
CA ASP F 232 33.17 -0.57 44.75
C ASP F 232 31.66 -0.43 44.52
N VAL F 233 30.96 0.29 45.42
CA VAL F 233 29.50 0.47 45.32
C VAL F 233 29.10 1.30 44.08
N ASP F 234 30.03 2.17 43.56
CA ASP F 234 29.74 2.96 42.36
C ASP F 234 29.74 2.08 41.09
N GLY F 235 30.11 0.79 41.23
CA GLY F 235 30.07 -0.20 40.15
C GLY F 235 28.63 -0.48 39.77
N LEU F 236 27.72 -0.43 40.78
CA LEU F 236 26.28 -0.58 40.61
C LEU F 236 25.72 0.77 40.14
N ASP F 237 24.56 0.74 39.43
CA ASP F 237 23.89 1.95 38.92
C ASP F 237 23.48 2.91 40.08
N PRO F 238 23.57 4.28 39.88
CA PRO F 238 23.18 5.21 40.97
C PRO F 238 21.72 5.11 41.45
N SER F 239 20.88 4.28 40.77
CA SER F 239 19.48 4.06 41.18
C SER F 239 19.41 3.03 42.36
N PHE F 240 20.56 2.38 42.67
CA PHE F 240 20.69 1.40 43.75
C PHE F 240 21.70 1.89 44.79
N THR F 241 22.79 2.57 44.33
CA THR F 241 23.84 3.11 45.21
C THR F 241 24.10 4.64 44.92
N PRO F 242 23.10 5.56 45.21
CA PRO F 242 23.33 7.00 44.93
C PRO F 242 24.32 7.69 45.88
N ALA F 243 24.32 7.30 47.18
CA ALA F 243 25.20 7.89 48.19
C ALA F 243 26.67 7.41 48.01
N THR F 244 27.35 7.95 46.95
CA THR F 244 28.75 7.62 46.61
C THR F 244 29.48 8.83 46.00
N GLY F 245 30.82 8.78 45.98
CA GLY F 245 31.68 9.85 45.50
C GLY F 245 31.55 10.17 44.02
N THR F 246 31.83 9.18 43.15
CA THR F 246 31.77 9.35 41.69
C THR F 246 30.68 8.44 41.04
N PRO F 247 29.37 8.88 41.05
CA PRO F 247 28.33 8.04 40.42
C PRO F 247 28.26 8.20 38.90
N VAL F 248 28.17 7.06 38.17
CA VAL F 248 28.08 7.05 36.70
C VAL F 248 26.85 6.24 36.27
N VAL F 249 25.98 6.85 35.43
CA VAL F 249 24.72 6.23 34.93
C VAL F 249 25.00 5.00 34.01
N GLY F 250 23.99 4.11 33.90
CA GLY F 250 24.08 2.89 33.08
C GLY F 250 24.96 1.83 33.72
N GLY F 251 24.84 1.68 35.04
CA GLY F 251 25.63 0.73 35.81
C GLY F 251 25.01 -0.63 36.00
N LEU F 252 25.69 -1.49 36.80
CA LEU F 252 25.22 -2.84 37.10
C LEU F 252 23.96 -2.80 37.93
N THR F 253 22.99 -3.68 37.64
CA THR F 253 21.73 -3.72 38.38
C THR F 253 21.92 -4.41 39.74
N TYR F 254 20.91 -4.24 40.65
CA TYR F 254 20.86 -4.87 41.98
C TYR F 254 20.99 -6.40 41.84
N ARG F 255 20.27 -6.98 40.84
CA ARG F 255 20.29 -8.41 40.50
C ARG F 255 21.68 -8.86 40.04
N GLU F 256 22.31 -8.06 39.12
CA GLU F 256 23.65 -8.36 38.58
C GLU F 256 24.70 -8.36 39.68
N GLY F 257 24.63 -7.35 40.57
CA GLY F 257 25.52 -7.22 41.72
C GLY F 257 25.44 -8.41 42.65
N LEU F 258 24.19 -8.91 42.89
CA LEU F 258 23.96 -10.08 43.74
C LEU F 258 24.44 -11.35 43.06
N TYR F 259 24.22 -11.47 41.71
CA TYR F 259 24.65 -12.65 40.94
C TYR F 259 26.17 -12.82 40.93
N ILE F 260 26.94 -11.69 40.80
CA ILE F 260 28.43 -11.71 40.82
C ILE F 260 28.91 -12.30 42.16
N THR F 261 28.36 -11.76 43.27
CA THR F 261 28.70 -12.14 44.64
C THR F 261 28.22 -13.56 45.00
N GLU F 262 27.08 -14.02 44.40
CA GLU F 262 26.56 -15.38 44.63
C GLU F 262 27.47 -16.43 43.99
N GLU F 263 27.95 -16.16 42.75
CA GLU F 263 28.85 -17.06 42.00
C GLU F 263 30.22 -17.18 42.65
N ILE F 264 30.74 -16.07 43.22
CA ILE F 264 32.05 -16.04 43.90
C ILE F 264 32.02 -16.92 45.18
N TYR F 265 30.89 -16.89 45.95
CA TYR F 265 30.73 -17.72 47.15
C TYR F 265 30.66 -19.22 46.79
N LYS F 266 29.90 -19.56 45.70
CA LYS F 266 29.70 -20.95 45.22
C LYS F 266 31.00 -21.69 44.87
N THR F 267 32.08 -20.95 44.53
CA THR F 267 33.39 -21.56 44.22
C THR F 267 34.10 -22.00 45.51
N GLY F 268 33.78 -21.32 46.63
CA GLY F 268 34.34 -21.60 47.95
C GLY F 268 35.79 -21.18 48.09
N LEU F 269 36.26 -20.28 47.18
CA LEU F 269 37.65 -19.82 47.16
C LEU F 269 37.82 -18.34 47.55
N LEU F 270 36.71 -17.65 47.98
CA LEU F 270 36.77 -16.24 48.42
C LEU F 270 37.61 -16.14 49.70
N SER F 271 38.65 -15.29 49.67
CA SER F 271 39.58 -15.13 50.79
C SER F 271 39.72 -13.65 51.25
N GLY F 272 39.42 -12.72 50.35
CA GLY F 272 39.48 -11.28 50.63
C GLY F 272 38.31 -10.52 50.06
N LEU F 273 37.76 -9.56 50.83
CA LEU F 273 36.61 -8.76 50.39
C LEU F 273 36.73 -7.29 50.80
N ASP F 274 36.41 -6.37 49.85
CA ASP F 274 36.41 -4.93 50.07
C ASP F 274 35.06 -4.33 49.71
N ILE F 275 34.45 -3.59 50.66
CA ILE F 275 33.19 -2.87 50.44
C ILE F 275 33.55 -1.39 50.58
N MET F 276 33.87 -0.74 49.44
CA MET F 276 34.38 0.65 49.43
C MET F 276 33.40 1.69 48.85
N GLU F 277 33.76 3.00 49.05
CA GLU F 277 33.10 4.22 48.54
C GLU F 277 31.63 4.47 49.04
N VAL F 278 31.23 3.86 50.19
CA VAL F 278 29.89 4.15 50.76
C VAL F 278 29.99 5.48 51.53
N ASN F 279 29.43 6.58 50.95
CA ASN F 279 29.46 7.91 51.58
C ASN F 279 28.06 8.30 52.10
N PRO F 280 27.79 8.15 53.44
CA PRO F 280 26.45 8.50 53.97
C PRO F 280 26.08 9.99 53.99
N SER F 281 26.99 10.89 53.51
CA SER F 281 26.73 12.34 53.47
C SER F 281 26.53 12.88 52.02
N LEU F 282 26.51 11.97 51.00
CA LEU F 282 26.34 12.37 49.59
C LEU F 282 24.97 11.93 48.98
N GLY F 283 23.98 11.69 49.84
CA GLY F 283 22.64 11.31 49.43
C GLY F 283 21.70 12.51 49.41
N LYS F 284 20.93 12.68 48.29
CA LYS F 284 19.97 13.79 48.12
C LYS F 284 18.87 13.76 49.18
N THR F 285 18.47 12.53 49.62
CA THR F 285 17.45 12.30 50.66
C THR F 285 17.97 11.22 51.66
N PRO F 286 17.45 11.14 52.94
CA PRO F 286 17.92 10.08 53.86
C PRO F 286 17.61 8.66 53.36
N GLU F 287 16.55 8.53 52.48
CA GLU F 287 16.14 7.26 51.86
C GLU F 287 17.23 6.77 50.88
N GLU F 288 17.88 7.71 50.14
CA GLU F 288 18.96 7.40 49.19
C GLU F 288 20.19 6.87 49.92
N VAL F 289 20.43 7.34 51.17
CA VAL F 289 21.55 6.88 52.02
C VAL F 289 21.27 5.43 52.48
N THR F 290 20.05 5.18 53.05
CA THR F 290 19.62 3.84 53.52
C THR F 290 19.60 2.82 52.38
N ARG F 291 19.25 3.27 51.14
CA ARG F 291 19.22 2.41 49.94
C ARG F 291 20.62 1.91 49.58
N THR F 292 21.64 2.83 49.63
CA THR F 292 23.06 2.52 49.34
C THR F 292 23.61 1.52 50.36
N VAL F 293 23.27 1.71 51.66
CA VAL F 293 23.71 0.84 52.76
C VAL F 293 23.01 -0.53 52.67
N ASN F 294 21.65 -0.55 52.42
CA ASN F 294 20.88 -1.80 52.27
C ASN F 294 21.41 -2.65 51.10
N THR F 295 21.81 -1.98 49.97
CA THR F 295 22.38 -2.67 48.79
C THR F 295 23.76 -3.25 49.16
N ALA F 296 24.67 -2.41 49.74
CA ALA F 296 26.02 -2.82 50.17
C ALA F 296 25.98 -3.99 51.18
N VAL F 297 24.98 -3.98 52.12
CA VAL F 297 24.76 -5.06 53.10
C VAL F 297 24.37 -6.36 52.35
N ALA F 298 23.36 -6.27 51.42
CA ALA F 298 22.89 -7.40 50.60
C ALA F 298 24.03 -7.99 49.73
N ILE F 299 24.91 -7.09 49.18
CA ILE F 299 26.09 -7.48 48.37
C ILE F 299 27.05 -8.32 49.25
N THR F 300 27.33 -7.83 50.50
CA THR F 300 28.21 -8.48 51.47
C THR F 300 27.63 -9.84 51.93
N LEU F 301 26.29 -9.89 52.24
CA LEU F 301 25.63 -11.13 52.70
C LEU F 301 25.70 -12.24 51.63
N ALA F 302 25.56 -11.87 50.33
CA ALA F 302 25.63 -12.82 49.20
C ALA F 302 27.05 -13.42 49.06
N CYS F 303 28.11 -12.65 49.47
CA CYS F 303 29.50 -13.11 49.45
C CYS F 303 29.72 -14.25 50.43
N PHE F 304 28.90 -14.32 51.52
CA PHE F 304 29.08 -15.31 52.57
C PHE F 304 27.87 -16.30 52.76
N GLY F 305 27.23 -16.70 51.65
CA GLY F 305 26.18 -17.72 51.70
C GLY F 305 24.78 -17.35 51.29
N LEU F 306 24.32 -16.10 51.59
CA LEU F 306 22.93 -15.67 51.30
C LEU F 306 22.56 -15.82 49.81
N ALA F 307 21.74 -16.84 49.51
CA ALA F 307 21.27 -17.14 48.15
C ALA F 307 19.81 -16.77 48.00
N ARG F 308 19.44 -16.22 46.83
CA ARG F 308 18.06 -15.80 46.55
C ARG F 308 17.09 -16.99 46.43
N GLU F 309 17.61 -18.19 46.07
CA GLU F 309 16.79 -19.42 45.99
C GLU F 309 16.39 -19.92 47.40
N GLY F 310 17.14 -19.49 48.42
CA GLY F 310 16.90 -19.85 49.81
C GLY F 310 18.12 -20.42 50.51
N ASN F 311 18.06 -20.46 51.86
CA ASN F 311 19.13 -21.00 52.71
C ASN F 311 18.52 -21.79 53.86
N HIS F 312 19.09 -22.99 54.16
CA HIS F 312 18.60 -23.82 55.26
C HIS F 312 19.71 -24.60 55.95
N LYS F 313 19.56 -24.83 57.28
CA LYS F 313 20.52 -25.59 58.12
C LYS F 313 20.47 -27.11 57.74
N PRO F 314 21.57 -27.91 57.99
CA PRO F 314 21.53 -29.34 57.61
C PRO F 314 20.69 -30.22 58.57
N ILE F 315 19.39 -29.88 58.74
CA ILE F 315 18.43 -30.59 59.62
C ILE F 315 17.10 -30.84 58.88
N ASP F 316 16.29 -31.82 59.36
CA ASP F 316 14.99 -32.14 58.77
C ASP F 316 13.94 -31.14 59.28
N TYR F 317 13.50 -30.21 58.40
CA TYR F 317 12.52 -29.16 58.74
C TYR F 317 11.09 -29.70 58.85
N LEU F 318 10.77 -30.79 58.07
CA LEU F 318 9.44 -31.42 58.10
C LEU F 318 9.26 -32.29 59.36
N ASN F 319 10.39 -32.71 59.99
CA ASN F 319 10.39 -33.54 61.21
C ASN F 319 11.52 -33.04 62.19
N PRO F 320 11.26 -31.94 62.99
CA PRO F 320 12.31 -31.44 63.90
C PRO F 320 12.31 -32.12 65.27
MN MN G . -16.52 22.64 -19.95
MN MN H . -14.87 21.55 -22.59
C4 VUV I . -8.15 25.55 -20.86
C5 VUV I . -8.45 26.70 -19.83
C6 VUV I . -8.10 23.11 -20.88
C7 VUV I . -8.91 23.65 -22.08
O4 VUV I . -8.40 26.57 -18.62
O3 VUV I . -8.74 27.81 -20.43
N VUV I . -7.63 24.34 -20.13
C3 VUV I . -9.35 25.06 -21.66
C2 VUV I . -10.68 25.10 -20.87
C1 VUV I . -11.93 24.71 -21.65
C VUV I . -13.24 25.02 -20.91
B VUV I . -14.39 24.11 -21.42
O2 VUV I . -14.60 24.16 -22.88
O1 VUV I . -14.22 22.70 -21.08
O VUV I . -15.67 24.49 -20.81
MN MN J . 2.41 -2.72 -43.16
MN MN K . -0.74 -1.93 -44.15
C4 VUV L . -0.44 -6.63 -50.57
C5 VUV L . 1.01 -7.16 -50.88
C6 VUV L . -2.13 -6.91 -48.83
C7 VUV L . -1.94 -5.43 -49.15
O4 VUV L . 1.47 -8.18 -50.43
O3 VUV L . 1.64 -6.38 -51.71
N VUV L . -1.19 -7.65 -49.76
C3 VUV L . -0.54 -5.34 -49.76
C2 VUV L . 0.60 -5.12 -48.75
C1 VUV L . 0.57 -3.79 -47.99
C VUV L . 1.76 -3.54 -47.07
B VUV L . 1.35 -2.63 -45.87
O2 VUV L . 0.63 -1.40 -46.26
O1 VUV L . 0.55 -3.30 -44.88
O VUV L . 2.48 -2.19 -45.09
MN MN M . 8.28 6.08 18.16
MN MN N . 9.36 7.04 15.16
C4 VUV O . 0.50 6.04 15.98
C5 VUV O . 0.26 6.87 14.65
C6 VUV O . 1.57 3.97 16.68
C7 VUV O . 2.02 5.12 17.59
O4 VUV O . 0.04 8.13 14.90
O3 VUV O . 0.27 6.38 13.54
N VUV O . 0.65 4.59 15.66
C3 VUV O . 1.77 6.39 16.76
C2 VUV O . 2.96 6.81 15.85
C1 VUV O . 4.25 7.19 16.58
C VUV O . 5.30 7.82 15.67
B VUV O . 6.71 7.79 16.31
O2 VUV O . 6.77 8.39 17.67
O1 VUV O . 7.28 6.43 16.45
O VUV O . 7.68 8.51 15.51
MN MN P . 2.27 -15.71 46.37
MN MN Q . 4.66 -13.43 46.79
C4 VUV R . 6.07 -15.72 54.28
C5 VUV R . 4.95 -16.61 54.94
C6 VUV R . 7.73 -15.85 52.50
C7 VUV R . 6.96 -14.54 52.40
O4 VUV R . 4.06 -15.86 55.55
O3 VUV R . 4.94 -17.81 54.93
N VUV R . 7.11 -16.61 53.65
C3 VUV R . 5.63 -14.81 53.13
C2 VUV R . 4.52 -15.40 52.24
C1 VUV R . 4.10 -14.54 51.04
C VUV R . 2.90 -15.09 50.27
B VUV R . 2.73 -14.40 48.87
O2 VUV R . 2.98 -12.93 48.89
O1 VUV R . 1.38 -14.54 48.34
O VUV R . 3.62 -14.99 47.84
MN MN S . -37.06 -2.00 -42.78
MN MN T . -35.59 0.80 -41.79
C4 VUV U . -42.57 4.75 -40.43
C5 VUV U . -43.58 3.91 -41.30
C6 VUV U . -41.32 4.23 -38.40
C7 VUV U . -40.39 4.85 -39.44
O4 VUV U . -44.15 2.95 -40.61
O3 VUV U . -43.80 4.13 -42.47
N VUV U . -42.70 4.38 -38.98
C3 VUV U . -41.08 4.59 -40.78
C2 VUV U . -40.70 3.26 -41.46
C1 VUV U . -39.22 3.12 -41.83
C VUV U . -38.93 2.40 -43.14
B VUV U . -38.68 0.88 -42.95
O2 VUV U . -38.22 0.23 -44.20
O1 VUV U . -37.65 0.56 -41.92
O VUV U . -39.88 0.17 -42.54
MN MN V . 34.53 3.82 41.21
MN MN W . 37.06 2.48 42.88
C4 VUV X . 39.10 9.72 38.30
C5 VUV X . 40.51 9.68 38.99
C6 VUV X . 37.84 8.27 36.79
C7 VUV X . 36.97 8.67 37.98
O4 VUV X . 40.59 10.55 39.95
O3 VUV X . 41.42 8.95 38.65
N VUV X . 39.15 9.00 36.99
C3 VUV X . 37.96 9.05 39.09
C2 VUV X . 38.41 7.87 39.98
C1 VUV X . 37.32 7.26 40.85
C VUV X . 37.84 6.30 41.94
B VUV X . 36.74 5.30 42.39
O2 VUV X . 35.42 5.95 42.64
O1 VUV X . 36.49 4.24 41.41
O VUV X . 37.10 4.60 43.63
#